data_7SSS
#
_entry.id   7SSS
#
_cell.length_a   1.00
_cell.length_b   1.00
_cell.length_c   1.00
_cell.angle_alpha   90.00
_cell.angle_beta   90.00
_cell.angle_gamma   90.00
#
_symmetry.space_group_name_H-M   'P 1'
#
loop_
_entity.id
_entity.type
_entity.pdbx_description
1 polymer 'Ubiquinone biosynthesis protein COQ9, mitochondrial'
2 polymer '5-demethoxyubiquinone hydroxylase, mitochondrial'
3 non-polymer '(1S)-2-{[(2-AMINOETHOXY)(HYDROXY)PHOSPHORYL]OXY}-1-[(PALMITOYLOXY)METHYL]ETHYL STEARATE'
4 non-polymer 2-[(2E,6E,10E,14E,18E,22E,26E)-3,7,11,15,19,23,27,31-OCTAMETHYLDOTRIACONTA-2,6,10,14,18,22,26,30-OCTAENYL]PHENOL
5 non-polymer NICOTINAMIDE-ADENINE-DINUCLEOTIDE
6 water water
#
loop_
_entity_poly.entity_id
_entity_poly.type
_entity_poly.pdbx_seq_one_letter_code
_entity_poly.pdbx_strand_id
1 'polypeptide(L)'
;MAAAAVSGALGRAGWRLLQLRCLPVARCRQALVPRAFHASAVGLRSSDEQKQQPPNSFSQQHSETQGAEKPDPESSHSPP
RYTDQGGEEEEDYESEEQLQHRILTAALEFVPAHGWTAEAIAEGAQSLGLSSAAASMFGKDGSELILHFVTQCNTRLTRV
LEEEQKLVQLGQAEKRKTDQFLRDAVETRLRMLIPYIEHWPRALSILMLPHNIPSSLSLLTSMVDDMWHYAGDQSTDFNW
YTRRAMLAAIYNTTELVMMQDSSPDFEDTWRFLENRVNDAMNMGHTAKQVKSTGEALVQGLMGAAVTLKNLTGLNQRR
;
A,B,C,D
2 'polypeptide(L)'
;MSCAGAAAAPRLWRLRPGARRSLSAYGRRTSVRFRSSGMTLDNISRAAVDRIIRVDHAGEYGANRIYAGQMAVLGRTSVG
PVIQKMWDQEKDHLKKFNELMVTFRVRPTVLMPLWNVLGFALGAGTALLGKEGAMACTVAVEESIAHHYNNQIRTLMEED
PEKYEELLQLIKKFRDEELEHHDIGLDHDAELAPAYAVLKSIIQAGCRVAIYLSERL
;
E,F,G,H
#
loop_
_chem_comp.id
_chem_comp.type
_chem_comp.name
_chem_comp.formula
8PP non-polymer 2-[(2E,6E,10E,14E,18E,22E,26E)-3,7,11,15,19,23,27,31-OCTAMETHYLDOTRIACONTA-2,6,10,14,18,22,26,30-OCTAENYL]PHENOL 'C46 H70 O'
NAD non-polymer NICOTINAMIDE-ADENINE-DINUCLEOTIDE 'C21 H27 N7 O14 P2'
PEV non-polymer '(1S)-2-{[(2-AMINOETHOXY)(HYDROXY)PHOSPHORYL]OXY}-1-[(PALMITOYLOXY)METHYL]ETHYL STEARATE' 'C39 H78 N O8 P'
#
# COMPACT_ATOMS: atom_id res chain seq x y z
N SER A 95 -40.50 -1.51 18.27
CA SER A 95 -39.48 -0.66 17.67
C SER A 95 -39.66 -0.57 16.17
N GLU A 96 -38.91 0.34 15.54
CA GLU A 96 -39.00 0.49 14.09
C GLU A 96 -38.34 -0.67 13.36
N GLU A 97 -37.16 -1.09 13.82
CA GLU A 97 -36.44 -2.17 13.15
C GLU A 97 -37.15 -3.50 13.30
N GLN A 98 -37.90 -3.70 14.39
CA GLN A 98 -38.63 -4.93 14.56
C GLN A 98 -39.71 -5.11 13.49
N LEU A 99 -40.20 -4.00 12.92
CA LEU A 99 -41.12 -4.11 11.79
C LEU A 99 -40.44 -4.74 10.59
N GLN A 100 -39.19 -4.35 10.32
CA GLN A 100 -38.44 -4.97 9.23
C GLN A 100 -38.25 -6.46 9.48
N HIS A 101 -37.88 -6.83 10.72
CA HIS A 101 -37.65 -8.23 11.03
C HIS A 101 -38.92 -9.05 10.85
N ARG A 102 -40.06 -8.53 11.31
CA ARG A 102 -41.32 -9.25 11.14
C ARG A 102 -41.71 -9.35 9.67
N ILE A 103 -41.53 -8.26 8.92
CA ILE A 103 -41.87 -8.28 7.50
C ILE A 103 -41.01 -9.27 6.74
N LEU A 104 -39.69 -9.24 6.99
CA LEU A 104 -38.78 -10.16 6.30
C LEU A 104 -39.05 -11.60 6.70
N THR A 105 -39.39 -11.83 7.97
CA THR A 105 -39.66 -13.19 8.43
C THR A 105 -40.87 -13.78 7.75
N ALA A 106 -41.92 -12.98 7.54
CA ALA A 106 -43.13 -13.49 6.92
C ALA A 106 -42.95 -13.74 5.43
N ALA A 107 -42.03 -13.01 4.79
CA ALA A 107 -41.81 -13.17 3.36
C ALA A 107 -41.25 -14.55 3.01
N LEU A 108 -40.50 -15.16 3.94
CA LEU A 108 -39.86 -16.44 3.65
C LEU A 108 -40.86 -17.55 3.39
N GLU A 109 -42.12 -17.38 3.79
CA GLU A 109 -43.14 -18.39 3.54
C GLU A 109 -43.56 -18.43 2.08
N PHE A 110 -43.30 -17.36 1.33
CA PHE A 110 -43.70 -17.27 -0.07
C PHE A 110 -42.52 -17.34 -1.03
N VAL A 111 -41.28 -17.35 -0.52
CA VAL A 111 -40.12 -17.42 -1.40
C VAL A 111 -40.14 -18.65 -2.30
N PRO A 112 -40.45 -19.86 -1.81
CA PRO A 112 -40.47 -21.02 -2.72
C PRO A 112 -41.46 -20.90 -3.85
N ALA A 113 -42.51 -20.07 -3.69
CA ALA A 113 -43.46 -19.84 -4.77
C ALA A 113 -43.02 -18.74 -5.72
N HIS A 114 -42.37 -17.70 -5.21
CA HIS A 114 -42.03 -16.53 -6.02
C HIS A 114 -40.53 -16.33 -6.19
N GLY A 115 -39.77 -16.32 -5.10
CA GLY A 115 -38.34 -16.12 -5.18
C GLY A 115 -37.89 -15.09 -4.18
N TRP A 116 -36.67 -14.59 -4.38
CA TRP A 116 -36.04 -13.64 -3.47
C TRP A 116 -36.19 -12.20 -3.94
N THR A 117 -37.30 -11.90 -4.60
CA THR A 117 -37.56 -10.57 -5.13
C THR A 117 -38.37 -9.75 -4.12
N ALA A 118 -38.66 -8.50 -4.48
CA ALA A 118 -39.48 -7.64 -3.65
C ALA A 118 -40.97 -7.95 -3.76
N GLU A 119 -41.36 -8.80 -4.71
CA GLU A 119 -42.75 -9.22 -4.81
C GLU A 119 -43.16 -10.06 -3.61
N ALA A 120 -42.28 -10.95 -3.15
CA ALA A 120 -42.58 -11.75 -1.97
C ALA A 120 -42.43 -10.93 -0.68
N ILE A 121 -41.58 -9.90 -0.70
CA ILE A 121 -41.46 -9.02 0.45
C ILE A 121 -42.79 -8.32 0.72
N ALA A 122 -43.41 -7.79 -0.32
CA ALA A 122 -44.71 -7.14 -0.16
C ALA A 122 -45.81 -8.17 0.14
N GLU A 123 -45.78 -9.31 -0.54
CA GLU A 123 -46.80 -10.33 -0.30
C GLU A 123 -46.73 -10.87 1.12
N GLY A 124 -45.52 -11.06 1.65
CA GLY A 124 -45.38 -11.45 3.04
C GLY A 124 -45.72 -10.34 4.01
N ALA A 125 -45.50 -9.09 3.61
CA ALA A 125 -45.82 -7.96 4.47
C ALA A 125 -47.31 -7.68 4.52
N GLN A 126 -48.04 -8.02 3.46
CA GLN A 126 -49.48 -7.79 3.45
C GLN A 126 -50.18 -8.60 4.54
N SER A 127 -49.76 -9.85 4.73
CA SER A 127 -50.38 -10.72 5.70
C SER A 127 -50.05 -10.36 7.14
N LEU A 128 -49.11 -9.44 7.36
CA LEU A 128 -48.73 -9.08 8.73
C LEU A 128 -48.80 -7.58 8.98
N GLY A 129 -48.57 -6.78 7.93
CA GLY A 129 -48.58 -5.34 8.11
C GLY A 129 -49.38 -4.60 7.05
N LEU A 130 -48.87 -3.47 6.59
CA LEU A 130 -49.55 -2.66 5.60
C LEU A 130 -49.54 -3.35 4.23
N GLY A 139 -35.82 -2.33 -0.71
CA GLY A 139 -35.37 -2.34 -2.09
C GLY A 139 -35.93 -3.49 -2.91
N LYS A 140 -35.79 -3.39 -4.23
CA LYS A 140 -36.24 -4.44 -5.12
C LYS A 140 -35.16 -5.46 -5.45
N ASP A 141 -33.91 -5.21 -5.04
CA ASP A 141 -32.83 -6.15 -5.31
C ASP A 141 -33.07 -7.47 -4.59
N GLY A 142 -33.50 -7.41 -3.33
CA GLY A 142 -33.64 -8.60 -2.51
C GLY A 142 -32.48 -8.88 -1.59
N SER A 143 -31.49 -7.98 -1.53
CA SER A 143 -30.32 -8.21 -0.68
C SER A 143 -30.71 -8.29 0.77
N GLU A 144 -31.61 -7.42 1.23
CA GLU A 144 -31.99 -7.40 2.64
C GLU A 144 -32.68 -8.70 3.03
N LEU A 145 -33.55 -9.22 2.17
CA LEU A 145 -34.24 -10.46 2.48
C LEU A 145 -33.28 -11.64 2.52
N ILE A 146 -32.32 -11.69 1.59
CA ILE A 146 -31.38 -12.80 1.55
C ILE A 146 -30.42 -12.75 2.74
N LEU A 147 -29.89 -11.57 3.05
CA LEU A 147 -28.98 -11.46 4.18
C LEU A 147 -29.68 -11.72 5.51
N HIS A 148 -30.98 -11.42 5.59
CA HIS A 148 -31.74 -11.75 6.78
C HIS A 148 -31.90 -13.25 6.94
N PHE A 149 -32.20 -13.95 5.84
CA PHE A 149 -32.35 -15.40 5.90
C PHE A 149 -31.05 -16.09 6.28
N VAL A 150 -29.93 -15.62 5.73
CA VAL A 150 -28.63 -16.22 6.07
C VAL A 150 -28.29 -15.96 7.52
N THR A 151 -28.57 -14.75 8.02
CA THR A 151 -28.28 -14.43 9.41
C THR A 151 -29.08 -15.29 10.36
N GLN A 152 -30.37 -15.51 10.06
N GLN A 152 -30.36 -15.52 10.06
CA GLN A 152 -31.20 -16.33 10.93
CA GLN A 152 -31.19 -16.32 10.95
C GLN A 152 -30.82 -17.79 10.87
C GLN A 152 -30.85 -17.80 10.87
N CYS A 153 -30.36 -18.27 9.71
CA CYS A 153 -29.94 -19.66 9.60
C CYS A 153 -28.67 -19.91 10.39
N ASN A 154 -27.77 -18.93 10.46
CA ASN A 154 -26.59 -19.08 11.29
C ASN A 154 -26.95 -19.09 12.77
N THR A 155 -27.94 -18.29 13.16
CA THR A 155 -28.39 -18.29 14.55
C THR A 155 -29.03 -19.62 14.92
N ARG A 156 -29.83 -20.18 14.02
CA ARG A 156 -30.42 -21.50 14.29
C ARG A 156 -29.35 -22.56 14.43
N LEU A 157 -28.29 -22.48 13.62
CA LEU A 157 -27.21 -23.46 13.71
C LEU A 157 -26.50 -23.37 15.06
N THR A 158 -26.30 -22.17 15.57
CA THR A 158 -25.65 -22.01 16.86
C THR A 158 -26.47 -22.67 17.98
N ARG A 159 -27.78 -22.49 17.96
CA ARG A 159 -28.63 -23.10 18.97
C ARG A 159 -28.60 -24.63 18.86
N VAL A 160 -28.59 -25.16 17.63
CA VAL A 160 -28.53 -26.60 17.45
C VAL A 160 -27.22 -27.16 18.00
N LEU A 161 -26.12 -26.45 17.77
CA LEU A 161 -24.83 -26.92 18.26
C LEU A 161 -24.72 -26.82 19.77
N GLU A 162 -25.33 -25.80 20.38
CA GLU A 162 -25.36 -25.71 21.84
C GLU A 162 -26.12 -26.90 22.44
N GLU A 163 -27.27 -27.24 21.86
CA GLU A 163 -28.08 -28.31 22.41
C GLU A 163 -27.40 -29.67 22.30
N GLU A 164 -26.59 -29.87 21.25
CA GLU A 164 -25.83 -31.10 21.16
C GLU A 164 -24.65 -31.11 22.12
N GLN A 165 -24.10 -29.93 22.44
CA GLN A 165 -23.01 -29.87 23.40
C GLN A 165 -23.49 -30.17 24.81
N LYS A 166 -24.65 -29.62 25.20
CA LYS A 166 -25.23 -29.97 26.49
C LYS A 166 -25.58 -31.45 26.55
N LEU A 167 -26.09 -32.00 25.46
CA LEU A 167 -26.50 -33.39 25.45
C LEU A 167 -25.31 -34.33 25.63
N VAL A 168 -24.12 -33.92 25.19
CA VAL A 168 -22.94 -34.78 25.31
C VAL A 168 -22.20 -34.56 26.63
N GLN A 169 -22.36 -33.40 27.26
CA GLN A 169 -21.71 -33.18 28.55
C GLN A 169 -22.41 -33.93 29.67
N LEU A 170 -23.70 -34.20 29.52
CA LEU A 170 -24.47 -34.93 30.51
C LEU A 170 -24.44 -36.43 30.29
N GLY A 171 -23.68 -36.90 29.31
CA GLY A 171 -23.59 -38.32 29.03
C GLY A 171 -24.72 -38.91 28.22
N GLN A 172 -25.70 -38.10 27.84
CA GLN A 172 -26.82 -38.58 27.03
C GLN A 172 -26.43 -38.77 25.56
N ALA A 173 -25.26 -38.30 25.17
CA ALA A 173 -24.75 -38.50 23.82
C ALA A 173 -23.26 -38.76 23.90
N GLU A 174 -22.72 -39.40 22.88
CA GLU A 174 -21.32 -39.79 22.84
C GLU A 174 -20.56 -38.84 21.92
N LYS A 175 -19.43 -38.32 22.41
CA LYS A 175 -18.62 -37.41 21.61
C LYS A 175 -18.05 -38.13 20.40
N ARG A 176 -18.05 -37.46 19.26
CA ARG A 176 -17.56 -38.02 18.01
C ARG A 176 -16.34 -37.25 17.53
N LYS A 177 -15.68 -37.82 16.52
CA LYS A 177 -14.44 -37.27 15.99
C LYS A 177 -14.69 -35.91 15.33
N THR A 178 -13.61 -35.16 15.16
CA THR A 178 -13.72 -33.84 14.52
C THR A 178 -14.21 -33.96 13.08
N ASP A 179 -13.70 -34.95 12.34
CA ASP A 179 -14.16 -35.15 10.98
C ASP A 179 -15.64 -35.51 10.94
N GLN A 180 -16.09 -36.34 11.87
CA GLN A 180 -17.51 -36.67 11.94
C GLN A 180 -18.34 -35.47 12.39
N PHE A 181 -17.83 -34.69 13.33
CA PHE A 181 -18.57 -33.52 13.82
C PHE A 181 -18.75 -32.49 12.71
N LEU A 182 -17.69 -32.20 11.96
CA LEU A 182 -17.76 -31.16 10.94
C LEU A 182 -18.68 -31.56 9.79
N ARG A 183 -18.69 -32.85 9.44
CA ARG A 183 -19.59 -33.33 8.41
C ARG A 183 -21.05 -33.17 8.83
N ASP A 184 -21.34 -33.40 10.11
CA ASP A 184 -22.70 -33.24 10.60
C ASP A 184 -23.11 -31.78 10.70
N ALA A 185 -22.18 -30.89 11.05
CA ALA A 185 -22.51 -29.47 11.17
C ALA A 185 -22.77 -28.85 9.81
N VAL A 186 -22.00 -29.23 8.79
CA VAL A 186 -22.22 -28.70 7.45
C VAL A 186 -23.52 -29.24 6.87
N GLU A 187 -23.81 -30.52 7.09
CA GLU A 187 -25.06 -31.09 6.60
C GLU A 187 -26.26 -30.45 7.29
N THR A 188 -26.16 -30.21 8.60
CA THR A 188 -27.25 -29.57 9.32
C THR A 188 -27.52 -28.17 8.78
N ARG A 189 -26.46 -27.41 8.50
CA ARG A 189 -26.63 -26.06 7.99
C ARG A 189 -27.15 -26.07 6.56
N LEU A 190 -26.71 -27.03 5.74
CA LEU A 190 -27.14 -27.06 4.35
C LEU A 190 -28.58 -27.55 4.21
N ARG A 191 -29.05 -28.39 5.13
CA ARG A 191 -30.43 -28.86 5.06
C ARG A 191 -31.43 -27.75 5.31
N MET A 192 -31.00 -26.59 5.83
CA MET A 192 -31.90 -25.45 5.95
C MET A 192 -32.26 -24.82 4.62
N LEU A 193 -31.54 -25.18 3.55
CA LEU A 193 -31.79 -24.65 2.21
C LEU A 193 -32.71 -25.53 1.38
N ILE A 194 -33.13 -26.68 1.90
CA ILE A 194 -33.94 -27.61 1.09
C ILE A 194 -35.26 -26.99 0.66
N PRO A 195 -36.05 -26.34 1.53
CA PRO A 195 -37.30 -25.74 1.05
C PRO A 195 -37.12 -24.64 0.03
N TYR A 196 -35.94 -24.02 -0.04
CA TYR A 196 -35.66 -22.93 -0.97
C TYR A 196 -34.64 -23.33 -2.04
N ILE A 197 -34.57 -24.62 -2.35
CA ILE A 197 -33.47 -25.14 -3.15
C ILE A 197 -33.55 -24.64 -4.59
N GLU A 198 -34.76 -24.39 -5.11
CA GLU A 198 -34.90 -24.00 -6.49
C GLU A 198 -34.46 -22.57 -6.76
N HIS A 199 -34.67 -21.67 -5.79
CA HIS A 199 -34.35 -20.26 -5.98
C HIS A 199 -33.04 -19.85 -5.32
N TRP A 200 -32.30 -20.79 -4.76
CA TRP A 200 -31.06 -20.45 -4.08
C TRP A 200 -29.94 -20.06 -5.03
N PRO A 201 -29.81 -20.65 -6.23
CA PRO A 201 -28.79 -20.14 -7.17
C PRO A 201 -28.94 -18.66 -7.48
N ARG A 202 -30.19 -18.16 -7.55
CA ARG A 202 -30.40 -16.73 -7.73
C ARG A 202 -29.96 -15.95 -6.51
N ALA A 203 -30.22 -16.48 -5.31
CA ALA A 203 -29.78 -15.82 -4.09
C ALA A 203 -28.27 -15.78 -3.98
N LEU A 204 -27.60 -16.87 -4.38
CA LEU A 204 -26.14 -16.89 -4.37
C LEU A 204 -25.57 -15.84 -5.32
N SER A 205 -26.21 -15.63 -6.46
CA SER A 205 -25.76 -14.62 -7.40
C SER A 205 -25.79 -13.23 -6.78
N ILE A 206 -26.84 -12.93 -6.01
CA ILE A 206 -26.93 -11.63 -5.35
C ILE A 206 -25.88 -11.49 -4.27
N LEU A 207 -25.64 -12.55 -3.50
CA LEU A 207 -24.61 -12.51 -2.46
C LEU A 207 -23.22 -12.31 -3.05
N MET A 208 -23.02 -12.71 -4.31
CA MET A 208 -21.72 -12.58 -4.97
C MET A 208 -21.55 -11.24 -5.68
N LEU A 209 -22.54 -10.35 -5.61
CA LEU A 209 -22.38 -9.02 -6.17
C LEU A 209 -21.29 -8.27 -5.41
N PRO A 210 -20.51 -7.43 -6.11
CA PRO A 210 -19.35 -6.80 -5.45
C PRO A 210 -19.69 -5.99 -4.21
N HIS A 211 -20.84 -5.33 -4.16
CA HIS A 211 -21.17 -4.55 -2.98
C HIS A 211 -21.75 -5.38 -1.85
N ASN A 212 -22.16 -6.63 -2.12
CA ASN A 212 -22.62 -7.52 -1.08
C ASN A 212 -21.54 -8.46 -0.56
N ILE A 213 -20.37 -8.48 -1.20
CA ILE A 213 -19.33 -9.43 -0.80
C ILE A 213 -18.85 -9.21 0.64
N PRO A 214 -18.59 -7.98 1.10
CA PRO A 214 -18.17 -7.84 2.50
C PRO A 214 -19.18 -8.35 3.50
N SER A 215 -20.47 -8.21 3.22
CA SER A 215 -21.49 -8.73 4.14
C SER A 215 -21.55 -10.25 4.09
N SER A 216 -21.43 -10.83 2.90
CA SER A 216 -21.48 -12.28 2.76
C SER A 216 -20.27 -12.95 3.41
N LEU A 217 -19.10 -12.33 3.30
CA LEU A 217 -17.89 -12.91 3.87
C LEU A 217 -17.95 -12.92 5.39
N SER A 218 -18.46 -11.84 6.00
CA SER A 218 -18.55 -11.79 7.45
C SER A 218 -19.52 -12.83 7.99
N LEU A 219 -20.65 -13.03 7.30
CA LEU A 219 -21.59 -14.06 7.70
C LEU A 219 -20.99 -15.45 7.56
N LEU A 220 -20.26 -15.69 6.48
CA LEU A 220 -19.63 -16.99 6.28
C LEU A 220 -18.50 -17.22 7.28
N THR A 221 -17.74 -16.18 7.60
CA THR A 221 -16.67 -16.30 8.59
C THR A 221 -17.22 -16.62 9.97
N SER A 222 -18.33 -15.97 10.34
CA SER A 222 -18.94 -16.24 11.64
C SER A 222 -19.50 -17.66 11.72
N MET A 223 -19.98 -18.20 10.60
CA MET A 223 -20.56 -19.53 10.61
C MET A 223 -19.50 -20.60 10.81
N VAL A 224 -18.38 -20.50 10.10
CA VAL A 224 -17.34 -21.51 10.24
C VAL A 224 -16.59 -21.34 11.55
N ASP A 225 -16.54 -20.12 12.09
CA ASP A 225 -15.99 -19.92 13.42
C ASP A 225 -16.81 -20.64 14.47
N ASP A 226 -18.14 -20.60 14.35
CA ASP A 226 -19.01 -21.33 15.27
C ASP A 226 -18.83 -22.84 15.11
N MET A 227 -18.71 -23.31 13.87
CA MET A 227 -18.53 -24.75 13.65
C MET A 227 -17.24 -25.26 14.28
N TRP A 228 -16.17 -24.48 14.17
CA TRP A 228 -14.90 -24.91 14.73
C TRP A 228 -14.87 -24.80 16.25
N HIS A 229 -15.58 -23.82 16.82
CA HIS A 229 -15.61 -23.67 18.26
C HIS A 229 -16.26 -24.89 18.92
N TYR A 230 -17.42 -25.31 18.43
CA TYR A 230 -18.09 -26.46 19.00
C TYR A 230 -17.44 -27.78 18.62
N ALA A 231 -16.53 -27.78 17.65
CA ALA A 231 -15.71 -28.94 17.36
C ALA A 231 -14.51 -29.05 18.29
N GLY A 232 -14.28 -28.06 19.14
CA GLY A 232 -13.19 -28.09 20.09
C GLY A 232 -11.94 -27.34 19.70
N ASP A 233 -12.01 -26.46 18.71
CA ASP A 233 -10.84 -25.72 18.25
C ASP A 233 -10.50 -24.61 19.24
N GLN A 234 -9.22 -24.49 19.56
CA GLN A 234 -8.70 -23.47 20.46
C GLN A 234 -7.40 -22.89 19.92
N SER A 235 -7.38 -22.58 18.63
CA SER A 235 -6.16 -22.09 17.98
C SER A 235 -5.95 -20.61 18.29
N THR A 236 -4.72 -20.26 18.64
CA THR A 236 -4.34 -18.87 18.81
C THR A 236 -3.23 -18.42 17.85
N ASP A 237 -2.69 -19.33 17.05
CA ASP A 237 -1.71 -19.04 16.03
C ASP A 237 -2.40 -18.91 14.67
N PHE A 238 -1.60 -18.90 13.61
CA PHE A 238 -2.12 -18.80 12.25
C PHE A 238 -3.02 -19.96 11.86
N ASN A 239 -2.97 -21.07 12.60
CA ASN A 239 -3.88 -22.19 12.34
C ASN A 239 -5.34 -21.80 12.53
N TRP A 240 -5.60 -20.70 13.25
CA TRP A 240 -6.96 -20.18 13.33
C TRP A 240 -7.50 -19.82 11.95
N TYR A 241 -6.68 -19.15 11.14
CA TYR A 241 -7.09 -18.76 9.79
C TYR A 241 -7.08 -19.94 8.85
N THR A 242 -6.11 -20.86 8.99
CA THR A 242 -6.02 -22.00 8.10
C THR A 242 -7.23 -22.92 8.25
N ARG A 243 -7.63 -23.20 9.48
CA ARG A 243 -8.76 -24.10 9.72
C ARG A 243 -10.06 -23.50 9.21
N ARG A 244 -10.26 -22.20 9.43
CA ARG A 244 -11.52 -21.59 9.05
C ARG A 244 -11.61 -21.37 7.54
N ALA A 245 -10.49 -21.05 6.90
CA ALA A 245 -10.47 -20.94 5.44
C ALA A 245 -10.74 -22.29 4.79
N MET A 246 -10.19 -23.36 5.35
CA MET A 246 -10.40 -24.69 4.80
C MET A 246 -11.87 -25.10 4.90
N LEU A 247 -12.51 -24.81 6.03
CA LEU A 247 -13.91 -25.20 6.19
C LEU A 247 -14.85 -24.31 5.38
N ALA A 248 -14.46 -23.05 5.16
CA ALA A 248 -15.27 -22.17 4.32
C ALA A 248 -15.28 -22.65 2.87
N ALA A 249 -14.11 -23.09 2.39
CA ALA A 249 -13.99 -23.57 0.99
C ALA A 249 -14.87 -24.81 0.83
N ILE A 250 -14.76 -25.76 1.76
CA ILE A 250 -15.57 -27.01 1.70
C ILE A 250 -17.05 -26.62 1.65
N TYR A 251 -17.52 -25.81 2.61
CA TYR A 251 -18.96 -25.45 2.66
C TYR A 251 -19.41 -24.89 1.31
N ASN A 252 -18.67 -23.93 0.75
CA ASN A 252 -19.10 -23.27 -0.48
C ASN A 252 -19.15 -24.25 -1.65
N THR A 253 -18.19 -25.15 -1.74
CA THR A 253 -18.21 -26.11 -2.83
C THR A 253 -19.29 -27.17 -2.63
N THR A 254 -19.57 -27.54 -1.38
CA THR A 254 -20.67 -28.47 -1.13
C THR A 254 -22.01 -27.82 -1.39
N GLU A 255 -22.13 -26.52 -1.14
CA GLU A 255 -23.35 -25.79 -1.43
C GLU A 255 -23.62 -25.73 -2.93
N LEU A 256 -22.56 -25.57 -3.73
CA LEU A 256 -22.72 -25.57 -5.17
C LEU A 256 -23.12 -26.96 -5.69
N VAL A 257 -22.56 -28.02 -5.12
CA VAL A 257 -22.94 -29.36 -5.51
C VAL A 257 -24.40 -29.63 -5.15
N MET A 258 -24.85 -29.07 -4.02
CA MET A 258 -26.23 -29.28 -3.59
C MET A 258 -27.23 -28.60 -4.53
N MET A 259 -26.84 -27.50 -5.17
CA MET A 259 -27.76 -26.79 -6.06
C MET A 259 -28.12 -27.64 -7.27
N GLN A 260 -27.15 -28.40 -7.80
CA GLN A 260 -27.34 -29.18 -9.01
C GLN A 260 -27.46 -30.67 -8.74
N ASP A 261 -27.85 -31.05 -7.52
CA ASP A 261 -27.92 -32.45 -7.11
C ASP A 261 -29.35 -32.92 -7.19
N SER A 262 -29.56 -34.08 -7.83
CA SER A 262 -30.89 -34.68 -7.96
C SER A 262 -30.96 -36.06 -7.34
N SER A 263 -29.91 -36.51 -6.66
CA SER A 263 -29.93 -37.79 -5.99
C SER A 263 -30.95 -37.77 -4.85
N PRO A 264 -31.50 -38.93 -4.49
CA PRO A 264 -32.52 -38.96 -3.43
C PRO A 264 -31.95 -38.53 -2.08
N ASP A 265 -32.59 -37.54 -1.47
CA ASP A 265 -32.17 -36.99 -0.18
C ASP A 265 -30.75 -36.44 -0.23
N PHE A 266 -30.33 -35.99 -1.42
CA PHE A 266 -29.03 -35.35 -1.61
C PHE A 266 -27.89 -36.26 -1.17
N GLU A 267 -28.04 -37.56 -1.39
CA GLU A 267 -27.04 -38.50 -0.91
C GLU A 267 -25.70 -38.31 -1.60
N ASP A 268 -25.70 -37.80 -2.84
CA ASP A 268 -24.45 -37.51 -3.51
C ASP A 268 -23.82 -36.21 -3.04
N THR A 269 -24.59 -35.33 -2.40
CA THR A 269 -24.02 -34.14 -1.80
C THR A 269 -23.25 -34.48 -0.52
N TRP A 270 -23.82 -35.35 0.31
CA TRP A 270 -23.15 -35.71 1.55
C TRP A 270 -21.97 -36.62 1.30
N ARG A 271 -22.02 -37.45 0.25
CA ARG A 271 -20.84 -38.21 -0.14
C ARG A 271 -19.71 -37.29 -0.60
N PHE A 272 -20.06 -36.25 -1.36
CA PHE A 272 -19.06 -35.25 -1.75
C PHE A 272 -18.50 -34.54 -0.52
N LEU A 273 -19.36 -34.19 0.43
CA LEU A 273 -18.92 -33.53 1.65
C LEU A 273 -17.97 -34.42 2.45
N GLU A 274 -18.26 -35.72 2.50
CA GLU A 274 -17.40 -36.64 3.24
C GLU A 274 -16.00 -36.71 2.65
N ASN A 275 -15.90 -36.81 1.32
CA ASN A 275 -14.60 -36.87 0.69
C ASN A 275 -13.81 -35.57 0.88
N ARG A 276 -14.50 -34.43 0.84
CA ARG A 276 -13.83 -33.16 1.06
C ARG A 276 -13.28 -33.06 2.46
N VAL A 277 -14.06 -33.51 3.46
CA VAL A 277 -13.59 -33.45 4.84
C VAL A 277 -12.46 -34.45 5.07
N ASN A 278 -12.59 -35.66 4.52
CA ASN A 278 -11.52 -36.64 4.68
C ASN A 278 -10.23 -36.17 4.04
N ASP A 279 -10.30 -35.58 2.85
CA ASP A 279 -9.11 -35.09 2.18
C ASP A 279 -8.51 -33.88 2.87
N ALA A 280 -9.27 -33.19 3.73
CA ALA A 280 -8.76 -32.04 4.45
C ALA A 280 -8.12 -32.40 5.79
N MET A 281 -8.62 -33.44 6.46
CA MET A 281 -8.01 -33.88 7.70
C MET A 281 -6.66 -34.55 7.48
N ASN A 282 -6.33 -34.90 6.24
CA ASN A 282 -5.04 -35.50 5.92
C ASN A 282 -3.95 -34.48 5.66
N MET A 283 -4.26 -33.19 5.71
CA MET A 283 -3.25 -32.16 5.48
C MET A 283 -2.50 -31.86 6.78
N SER B 95 38.53 -5.94 -17.08
CA SER B 95 38.06 -4.90 -16.18
C SER B 95 38.83 -4.91 -14.87
N GLU B 96 38.58 -3.92 -14.03
CA GLU B 96 39.23 -3.83 -12.72
C GLU B 96 38.56 -4.72 -11.67
N GLU B 97 37.42 -5.34 -12.01
CA GLU B 97 36.75 -6.21 -11.06
C GLU B 97 37.62 -7.39 -10.66
N GLN B 98 38.45 -7.87 -11.57
CA GLN B 98 39.37 -8.96 -11.23
C GLN B 98 40.39 -8.52 -10.20
N LEU B 99 40.80 -7.25 -10.22
CA LEU B 99 41.76 -6.76 -9.25
C LEU B 99 41.19 -6.82 -7.85
N GLN B 100 40.00 -6.25 -7.63
CA GLN B 100 39.40 -6.28 -6.31
C GLN B 100 39.02 -7.71 -5.91
N HIS B 101 38.60 -8.53 -6.87
CA HIS B 101 38.30 -9.93 -6.57
C HIS B 101 39.54 -10.65 -6.06
N ARG B 102 40.70 -10.39 -6.68
CA ARG B 102 41.93 -10.98 -6.19
C ARG B 102 42.35 -10.36 -4.86
N ILE B 103 42.14 -9.05 -4.69
CA ILE B 103 42.46 -8.40 -3.43
C ILE B 103 41.60 -8.96 -2.30
N LEU B 104 40.30 -9.09 -2.54
CA LEU B 104 39.41 -9.65 -1.53
C LEU B 104 39.75 -11.12 -1.27
N THR B 105 40.09 -11.87 -2.31
CA THR B 105 40.45 -13.27 -2.14
C THR B 105 41.70 -13.43 -1.27
N ALA B 106 42.69 -12.55 -1.47
CA ALA B 106 43.93 -12.64 -0.70
C ALA B 106 43.74 -12.21 0.74
N ALA B 107 42.79 -11.30 1.02
CA ALA B 107 42.57 -10.83 2.38
C ALA B 107 42.07 -11.93 3.31
N LEU B 108 41.37 -12.94 2.77
CA LEU B 108 40.80 -13.99 3.62
C LEU B 108 41.86 -14.81 4.33
N GLU B 109 43.12 -14.77 3.87
CA GLU B 109 44.17 -15.52 4.53
C GLU B 109 44.59 -14.91 5.87
N PHE B 110 44.24 -13.65 6.10
CA PHE B 110 44.61 -12.95 7.32
C PHE B 110 43.42 -12.56 8.19
N VAL B 111 42.20 -12.86 7.75
CA VAL B 111 41.03 -12.56 8.57
C VAL B 111 41.10 -13.23 9.94
N PRO B 112 41.48 -14.52 10.06
CA PRO B 112 41.53 -15.12 11.41
C PRO B 112 42.50 -14.43 12.35
N ALA B 113 43.48 -13.70 11.83
CA ALA B 113 44.39 -12.95 12.67
C ALA B 113 43.92 -11.54 12.98
N HIS B 114 43.20 -10.90 12.06
CA HIS B 114 42.82 -9.50 12.20
C HIS B 114 41.31 -9.29 12.25
N GLY B 115 40.56 -9.94 11.37
CA GLY B 115 39.12 -9.80 11.37
C GLY B 115 38.62 -9.36 10.02
N TRP B 116 37.38 -8.88 9.98
CA TRP B 116 36.70 -8.50 8.76
C TRP B 116 36.77 -6.99 8.52
N THR B 117 37.86 -6.36 8.94
CA THR B 117 38.03 -4.93 8.80
C THR B 117 38.81 -4.60 7.53
N ALA B 118 39.05 -3.31 7.30
CA ALA B 118 39.84 -2.88 6.16
C ALA B 118 41.34 -3.04 6.39
N GLU B 119 41.75 -3.38 7.61
CA GLU B 119 43.17 -3.63 7.87
C GLU B 119 43.64 -4.90 7.15
N ALA B 120 42.81 -5.94 7.16
CA ALA B 120 43.18 -7.18 6.46
C ALA B 120 43.04 -7.03 4.95
N ILE B 121 42.16 -6.13 4.50
CA ILE B 121 42.05 -5.86 3.07
C ILE B 121 43.37 -5.30 2.53
N ALA B 122 43.95 -4.35 3.25
CA ALA B 122 45.24 -3.81 2.86
C ALA B 122 46.36 -4.83 3.05
N GLU B 123 46.37 -5.52 4.19
CA GLU B 123 47.41 -6.51 4.44
C GLU B 123 47.33 -7.66 3.46
N GLY B 124 46.12 -8.09 3.10
CA GLY B 124 45.97 -9.09 2.07
C GLY B 124 46.43 -8.61 0.71
N ALA B 125 46.22 -7.32 0.40
CA ALA B 125 46.71 -6.75 -0.84
C ALA B 125 48.21 -6.52 -0.84
N GLN B 126 48.82 -6.38 0.35
CA GLN B 126 50.26 -6.19 0.42
C GLN B 126 51.03 -7.38 -0.11
N SER B 127 50.44 -8.57 -0.07
CA SER B 127 51.06 -9.75 -0.69
C SER B 127 50.85 -9.80 -2.19
N LEU B 128 50.01 -8.92 -2.74
CA LEU B 128 49.76 -8.88 -4.18
C LEU B 128 50.52 -7.77 -4.89
N GLY B 129 50.85 -6.69 -4.18
CA GLY B 129 51.58 -5.59 -4.77
C GLY B 129 50.85 -4.27 -4.71
N LEU B 130 49.54 -4.30 -4.90
CA LEU B 130 48.74 -3.09 -4.85
C LEU B 130 48.51 -2.65 -3.40
N GLY B 139 35.85 0.33 1.23
CA GLY B 139 35.43 0.94 2.48
C GLY B 139 36.03 0.30 3.71
N LYS B 140 35.88 0.97 4.85
CA LYS B 140 36.38 0.44 6.12
C LYS B 140 35.34 -0.38 6.87
N ASP B 141 34.09 -0.41 6.40
CA ASP B 141 33.05 -1.19 7.06
C ASP B 141 33.37 -2.68 7.01
N GLY B 142 33.82 -3.17 5.86
CA GLY B 142 34.04 -4.58 5.66
C GLY B 142 32.90 -5.31 4.98
N SER B 143 31.86 -4.58 4.53
CA SER B 143 30.72 -5.23 3.90
C SER B 143 31.13 -5.94 2.62
N GLU B 144 31.98 -5.32 1.81
CA GLU B 144 32.39 -5.92 0.55
C GLU B 144 33.16 -7.21 0.76
N LEU B 145 34.06 -7.23 1.75
CA LEU B 145 34.82 -8.44 2.03
C LEU B 145 33.92 -9.57 2.53
N ILE B 146 32.95 -9.25 3.40
CA ILE B 146 32.07 -10.28 3.95
C ILE B 146 31.15 -10.82 2.88
N LEU B 147 30.55 -9.94 2.08
CA LEU B 147 29.64 -10.40 1.03
C LEU B 147 30.37 -11.19 -0.05
N HIS B 148 31.65 -10.88 -0.27
CA HIS B 148 32.45 -11.67 -1.20
C HIS B 148 32.70 -13.07 -0.66
N PHE B 149 33.01 -13.18 0.63
CA PHE B 149 33.26 -14.49 1.23
C PHE B 149 32.01 -15.35 1.22
N VAL B 150 30.85 -14.75 1.51
CA VAL B 150 29.61 -15.51 1.50
C VAL B 150 29.26 -15.97 0.08
N THR B 151 29.48 -15.09 -0.91
CA THR B 151 29.19 -15.45 -2.29
C THR B 151 30.06 -16.61 -2.76
N GLN B 152 31.34 -16.59 -2.41
N GLN B 152 31.34 -16.60 -2.41
CA GLN B 152 32.24 -17.65 -2.83
CA GLN B 152 32.23 -17.66 -2.85
C GLN B 152 31.94 -18.96 -2.12
C GLN B 152 31.97 -18.96 -2.11
N CYS B 153 31.51 -18.90 -0.86
CA CYS B 153 31.17 -20.11 -0.13
C CYS B 153 29.91 -20.76 -0.69
N ASN B 154 28.97 -19.95 -1.19
CA ASN B 154 27.80 -20.50 -1.86
C ASN B 154 28.18 -21.16 -3.17
N THR B 155 29.13 -20.59 -3.89
CA THR B 155 29.60 -21.20 -5.14
C THR B 155 30.31 -22.51 -4.89
N ARG B 156 31.13 -22.58 -3.84
CA ARG B 156 31.80 -23.82 -3.49
C ARG B 156 30.79 -24.91 -3.12
N LEU B 157 29.71 -24.52 -2.42
CA LEU B 157 28.69 -25.49 -2.05
C LEU B 157 27.99 -26.07 -3.27
N THR B 158 27.74 -25.22 -4.27
CA THR B 158 27.10 -25.71 -5.50
C THR B 158 27.95 -26.75 -6.20
N ARG B 159 29.26 -26.53 -6.26
CA ARG B 159 30.15 -27.50 -6.88
C ARG B 159 30.19 -28.80 -6.09
N VAL B 160 30.20 -28.70 -4.76
CA VAL B 160 30.25 -29.90 -3.93
C VAL B 160 28.98 -30.73 -4.11
N LEU B 161 27.82 -30.08 -4.10
CA LEU B 161 26.56 -30.79 -4.29
C LEU B 161 26.46 -31.36 -5.70
N GLU B 162 26.92 -30.61 -6.70
CA GLU B 162 26.88 -31.09 -8.07
C GLU B 162 27.77 -32.31 -8.26
N GLU B 163 28.95 -32.31 -7.64
CA GLU B 163 29.86 -33.46 -7.77
C GLU B 163 29.30 -34.69 -7.07
N GLU B 164 28.54 -34.50 -5.99
CA GLU B 164 27.91 -35.63 -5.34
C GLU B 164 26.72 -36.15 -6.14
N GLN B 165 26.08 -35.28 -6.92
CA GLN B 165 24.94 -35.72 -7.72
C GLN B 165 25.38 -36.65 -8.84
N LYS B 166 26.41 -36.26 -9.59
CA LYS B 166 26.91 -37.13 -10.64
C LYS B 166 27.58 -38.38 -10.08
N LEU B 167 28.04 -38.32 -8.82
CA LEU B 167 28.61 -39.51 -8.20
C LEU B 167 27.53 -40.52 -7.84
N VAL B 168 26.30 -40.06 -7.60
CA VAL B 168 25.22 -40.98 -7.25
C VAL B 168 24.47 -41.46 -8.49
N GLN B 169 24.51 -40.72 -9.59
CA GLN B 169 23.86 -41.14 -10.82
C GLN B 169 24.61 -42.23 -11.54
N LEU B 170 25.87 -42.48 -11.18
CA LEU B 170 26.71 -43.46 -11.84
C LEU B 170 27.01 -44.66 -10.95
N GLY B 171 27.55 -44.42 -9.77
CA GLY B 171 27.91 -45.51 -8.88
C GLY B 171 28.90 -45.02 -7.84
N GLN B 172 29.24 -45.94 -6.93
CA GLN B 172 30.11 -45.64 -5.80
C GLN B 172 29.48 -44.60 -4.86
N ALA B 173 28.15 -44.48 -4.92
CA ALA B 173 27.41 -43.57 -4.06
C ALA B 173 25.93 -43.94 -4.09
N GLU B 174 25.33 -44.09 -2.92
CA GLU B 174 23.92 -44.47 -2.81
C GLU B 174 23.09 -43.27 -2.38
N LYS B 175 21.94 -43.09 -3.03
CA LYS B 175 21.06 -41.98 -2.71
C LYS B 175 20.53 -42.12 -1.30
N ARG B 176 20.46 -41.00 -0.58
CA ARG B 176 19.99 -40.98 0.80
C ARG B 176 18.72 -40.15 0.90
N LYS B 177 18.09 -40.25 2.07
CA LYS B 177 16.80 -39.61 2.31
C LYS B 177 16.95 -38.08 2.30
N THR B 178 15.82 -37.40 2.16
CA THR B 178 15.83 -35.94 2.09
C THR B 178 16.33 -35.33 3.40
N ASP B 179 15.87 -35.85 4.53
CA ASP B 179 16.34 -35.33 5.81
C ASP B 179 17.83 -35.59 6.01
N GLN B 180 18.31 -36.75 5.57
CA GLN B 180 19.75 -37.02 5.63
C GLN B 180 20.52 -36.12 4.67
N PHE B 181 19.97 -35.88 3.48
CA PHE B 181 20.66 -35.02 2.52
C PHE B 181 20.77 -33.59 3.02
N LEU B 182 19.69 -33.05 3.58
CA LEU B 182 19.69 -31.65 4.02
C LEU B 182 20.61 -31.45 5.22
N ARG B 183 20.69 -32.44 6.11
CA ARG B 183 21.61 -32.34 7.24
C ARG B 183 23.06 -32.31 6.77
N ASP B 184 23.38 -33.06 5.70
CA ASP B 184 24.73 -33.06 5.18
C ASP B 184 25.06 -31.78 4.43
N ALA B 185 24.08 -31.21 3.74
CA ALA B 185 24.32 -29.98 2.99
C ALA B 185 24.53 -28.79 3.92
N VAL B 186 23.77 -28.73 5.02
CA VAL B 186 23.94 -27.64 5.97
C VAL B 186 25.27 -27.78 6.71
N GLU B 187 25.63 -29.00 7.08
CA GLU B 187 26.91 -29.21 7.76
C GLU B 187 28.08 -28.89 6.84
N THR B 188 27.98 -29.27 5.57
CA THR B 188 29.04 -28.95 4.62
C THR B 188 29.22 -27.45 4.47
N ARG B 189 28.12 -26.71 4.39
CA ARG B 189 28.20 -25.26 4.24
C ARG B 189 28.69 -24.59 5.51
N LEU B 190 28.30 -25.11 6.68
CA LEU B 190 28.71 -24.49 7.93
C LEU B 190 30.18 -24.78 8.25
N ARG B 191 30.71 -25.91 7.80
CA ARG B 191 32.11 -26.21 8.06
C ARG B 191 33.06 -25.28 7.32
N MET B 192 32.57 -24.51 6.35
CA MET B 192 33.39 -23.50 5.70
C MET B 192 33.69 -22.32 6.61
N LEU B 193 33.00 -22.19 7.74
CA LEU B 193 33.19 -21.11 8.68
C LEU B 193 34.15 -21.46 9.81
N ILE B 194 34.64 -22.70 9.86
CA ILE B 194 35.49 -23.11 10.99
C ILE B 194 36.77 -22.29 11.08
N PRO B 195 37.53 -22.06 10.00
CA PRO B 195 38.74 -21.23 10.13
C PRO B 195 38.47 -19.80 10.56
N TYR B 196 37.25 -19.28 10.37
CA TYR B 196 36.90 -17.92 10.72
C TYR B 196 35.89 -17.85 11.85
N ILE B 197 35.90 -18.87 12.71
CA ILE B 197 34.81 -19.04 13.68
C ILE B 197 34.84 -17.95 14.75
N GLU B 198 36.03 -17.42 15.07
CA GLU B 198 36.12 -16.43 16.15
C GLU B 198 35.60 -15.07 15.73
N HIS B 199 35.77 -14.70 14.46
CA HIS B 199 35.38 -13.37 13.98
C HIS B 199 34.05 -13.38 13.23
N TRP B 200 33.37 -14.51 13.17
CA TRP B 200 32.12 -14.57 12.43
C TRP B 200 30.97 -13.86 13.11
N PRO B 201 30.86 -13.85 14.45
CA PRO B 201 29.81 -13.04 15.07
C PRO B 201 29.87 -11.56 14.68
N ARG B 202 31.07 -11.02 14.51
CA ARG B 202 31.20 -9.66 14.02
C ARG B 202 30.73 -9.53 12.58
N ALA B 203 31.02 -10.53 11.75
CA ALA B 203 30.57 -10.51 10.36
C ALA B 203 29.05 -10.62 10.27
N LEU B 204 28.44 -11.44 11.13
CA LEU B 204 26.98 -11.55 11.15
C LEU B 204 26.34 -10.22 11.54
N SER B 205 26.96 -9.48 12.44
CA SER B 205 26.45 -8.18 12.83
C SER B 205 26.41 -7.22 11.64
N ILE B 206 27.45 -7.24 10.81
CA ILE B 206 27.48 -6.38 9.64
C ILE B 206 26.44 -6.82 8.62
N LEU B 207 26.29 -8.13 8.41
CA LEU B 207 25.27 -8.63 7.49
C LEU B 207 23.87 -8.25 7.95
N MET B 208 23.66 -8.08 9.25
CA MET B 208 22.36 -7.73 9.80
C MET B 208 22.10 -6.24 9.82
N LEU B 209 23.04 -5.42 9.34
CA LEU B 209 22.79 -3.98 9.26
C LEU B 209 21.66 -3.71 8.27
N PRO B 210 20.84 -2.70 8.53
CA PRO B 210 19.64 -2.49 7.69
C PRO B 210 19.94 -2.30 6.21
N HIS B 211 21.04 -1.65 5.85
CA HIS B 211 21.33 -1.46 4.43
C HIS B 211 21.97 -2.70 3.80
N ASN B 212 22.43 -3.67 4.59
CA ASN B 212 22.94 -4.92 4.06
C ASN B 212 21.90 -6.03 4.04
N ILE B 213 20.73 -5.80 4.61
CA ILE B 213 19.71 -6.86 4.69
C ILE B 213 19.30 -7.37 3.31
N PRO B 214 19.00 -6.51 2.32
CA PRO B 214 18.60 -7.05 1.01
C PRO B 214 19.67 -7.93 0.36
N SER B 215 20.95 -7.59 0.53
CA SER B 215 22.01 -8.40 -0.05
C SER B 215 22.16 -9.73 0.67
N SER B 216 22.05 -9.71 2.00
CA SER B 216 22.19 -10.94 2.78
C SER B 216 21.04 -11.90 2.51
N LEU B 217 19.82 -11.36 2.36
CA LEU B 217 18.66 -12.22 2.14
C LEU B 217 18.73 -12.89 0.78
N SER B 218 19.18 -12.17 -0.26
CA SER B 218 19.28 -12.77 -1.58
C SER B 218 20.32 -13.88 -1.62
N LEU B 219 21.45 -13.68 -0.93
CA LEU B 219 22.46 -14.73 -0.85
C LEU B 219 21.94 -15.94 -0.08
N LEU B 220 21.21 -15.70 1.01
CA LEU B 220 20.66 -16.81 1.78
C LEU B 220 19.57 -17.55 1.00
N THR B 221 18.75 -16.80 0.25
CA THR B 221 17.71 -17.44 -0.55
C THR B 221 18.30 -18.30 -1.65
N SER B 222 19.37 -17.82 -2.30
CA SER B 222 20.01 -18.61 -3.34
C SER B 222 20.65 -19.88 -2.79
N MET B 223 21.14 -19.82 -1.55
CA MET B 223 21.80 -20.99 -0.96
C MET B 223 20.80 -22.10 -0.64
N VAL B 224 19.66 -21.74 -0.04
CA VAL B 224 18.69 -22.77 0.31
C VAL B 224 17.95 -23.25 -0.93
N ASP B 225 17.85 -22.41 -1.96
CA ASP B 225 17.30 -22.86 -3.23
C ASP B 225 18.18 -23.94 -3.85
N ASP B 226 19.50 -23.76 -3.78
CA ASP B 226 20.41 -24.78 -4.28
C ASP B 226 20.33 -26.06 -3.47
N MET B 227 20.20 -25.94 -2.15
CA MET B 227 20.11 -27.13 -1.30
C MET B 227 18.85 -27.93 -1.63
N TRP B 228 17.74 -27.25 -1.85
CA TRP B 228 16.50 -27.95 -2.14
C TRP B 228 16.47 -28.52 -3.55
N HIS B 229 17.14 -27.87 -4.50
CA HIS B 229 17.19 -28.39 -5.86
C HIS B 229 17.91 -29.72 -5.92
N TYR B 230 19.07 -29.82 -5.29
CA TYR B 230 19.83 -31.06 -5.33
C TYR B 230 19.24 -32.14 -4.44
N ALA B 231 18.26 -31.80 -3.61
CA ALA B 231 17.46 -32.80 -2.92
C ALA B 231 16.24 -33.23 -3.71
N GLY B 232 16.01 -32.63 -4.88
CA GLY B 232 14.91 -33.01 -5.74
C GLY B 232 13.58 -32.41 -5.33
N ASP B 233 13.49 -31.08 -5.31
CA ASP B 233 12.29 -30.43 -4.79
C ASP B 233 11.19 -30.37 -5.84
N GLN B 234 11.42 -29.64 -6.94
CA GLN B 234 10.47 -29.54 -8.04
C GLN B 234 9.09 -29.05 -7.58
N SER B 235 9.09 -27.99 -6.78
CA SER B 235 7.85 -27.38 -6.31
C SER B 235 7.50 -26.19 -7.19
N THR B 236 6.25 -26.17 -7.67
CA THR B 236 5.76 -25.08 -8.49
C THR B 236 4.60 -24.33 -7.84
N ASP B 237 4.37 -24.56 -6.54
CA ASP B 237 3.29 -23.91 -5.82
C ASP B 237 3.86 -23.24 -4.56
N PHE B 238 2.99 -22.83 -3.64
CA PHE B 238 3.45 -22.14 -2.45
C PHE B 238 4.37 -22.97 -1.59
N ASN B 239 4.39 -24.30 -1.76
CA ASN B 239 5.36 -25.13 -1.07
C ASN B 239 6.80 -24.77 -1.44
N TRP B 240 7.00 -24.09 -2.57
CA TRP B 240 8.33 -23.57 -2.90
C TRP B 240 8.81 -22.59 -1.84
N TYR B 241 7.93 -21.69 -1.41
CA TYR B 241 8.29 -20.71 -0.38
C TYR B 241 8.33 -21.34 1.01
N THR B 242 7.43 -22.26 1.29
CA THR B 242 7.39 -22.90 2.60
C THR B 242 8.64 -23.71 2.87
N ARG B 243 9.08 -24.50 1.88
CA ARG B 243 10.26 -25.33 2.07
C ARG B 243 11.52 -24.50 2.23
N ARG B 244 11.65 -23.42 1.44
CA ARG B 244 12.87 -22.63 1.49
C ARG B 244 12.93 -21.75 2.73
N ALA B 245 11.78 -21.25 3.18
CA ALA B 245 11.74 -20.50 4.43
C ALA B 245 12.08 -21.39 5.61
N MET B 246 11.60 -22.63 5.60
CA MET B 246 11.88 -23.56 6.69
C MET B 246 13.36 -23.88 6.77
N LEU B 247 14.01 -24.10 5.61
CA LEU B 247 15.43 -24.43 5.63
C LEU B 247 16.29 -23.22 5.94
N ALA B 248 15.84 -22.02 5.57
CA ALA B 248 16.58 -20.81 5.91
C ALA B 248 16.59 -20.57 7.41
N ALA B 249 15.48 -20.85 8.10
CA ALA B 249 15.43 -20.70 9.54
C ALA B 249 16.30 -21.74 10.23
N ILE B 250 16.34 -22.96 9.69
CA ILE B 250 17.20 -24.00 10.26
C ILE B 250 18.67 -23.63 10.14
N TYR B 251 19.06 -23.09 8.98
CA TYR B 251 20.45 -22.72 8.77
C TYR B 251 20.87 -21.58 9.70
N ASN B 252 20.03 -20.56 9.84
CA ASN B 252 20.40 -19.40 10.63
C ASN B 252 20.50 -19.73 12.12
N THR B 253 19.58 -20.55 12.63
CA THR B 253 19.63 -20.92 14.04
C THR B 253 20.76 -21.89 14.32
N THR B 254 21.10 -22.76 13.37
CA THR B 254 22.24 -23.64 13.54
C THR B 254 23.54 -22.88 13.47
N GLU B 255 23.59 -21.82 12.65
CA GLU B 255 24.78 -20.98 12.57
C GLU B 255 25.02 -20.23 13.88
N LEU B 256 23.94 -19.79 14.54
CA LEU B 256 24.09 -19.13 15.83
C LEU B 256 24.56 -20.11 16.90
N VAL B 257 24.06 -21.34 16.88
CA VAL B 257 24.52 -22.34 17.83
C VAL B 257 25.99 -22.66 17.60
N MET B 258 26.44 -22.64 16.34
CA MET B 258 27.82 -22.94 16.03
C MET B 258 28.77 -21.87 16.56
N MET B 259 28.30 -20.61 16.63
CA MET B 259 29.17 -19.54 17.10
C MET B 259 29.56 -19.72 18.56
N GLN B 260 28.63 -20.21 19.38
CA GLN B 260 28.84 -20.35 20.82
C GLN B 260 29.05 -21.80 21.23
N ASP B 261 29.54 -22.64 20.34
CA ASP B 261 29.69 -24.07 20.59
C ASP B 261 31.15 -24.40 20.84
N SER B 262 31.41 -25.14 21.92
CA SER B 262 32.77 -25.56 22.27
C SER B 262 32.91 -27.07 22.35
N SER B 263 31.89 -27.82 21.94
CA SER B 263 31.99 -29.26 21.93
C SER B 263 33.01 -29.73 20.89
N PRO B 264 33.60 -30.91 21.07
CA PRO B 264 34.63 -31.37 20.13
C PRO B 264 34.04 -31.59 18.74
N ASP B 265 34.66 -30.96 17.75
CA ASP B 265 34.23 -31.04 16.35
C ASP B 265 32.78 -30.58 16.18
N PHE B 266 32.34 -29.67 17.04
CA PHE B 266 31.00 -29.07 16.95
C PHE B 266 29.91 -30.13 16.99
N GLU B 267 30.14 -31.19 17.77
CA GLU B 267 29.18 -32.30 17.79
C GLU B 267 27.83 -31.88 18.34
N ASP B 268 27.80 -30.88 19.22
CA ASP B 268 26.54 -30.37 19.72
C ASP B 268 25.82 -29.50 18.69
N THR B 269 26.55 -28.95 17.72
CA THR B 269 25.91 -28.20 16.65
C THR B 269 25.19 -29.13 15.68
N TRP B 270 25.84 -30.24 15.32
CA TRP B 270 25.21 -31.17 14.39
C TRP B 270 24.07 -31.94 15.04
N ARG B 271 24.15 -32.20 16.35
CA ARG B 271 23.03 -32.78 17.05
C ARG B 271 21.84 -31.82 17.07
N PHE B 272 22.11 -30.53 17.27
CA PHE B 272 21.05 -29.53 17.18
C PHE B 272 20.45 -29.49 15.77
N LEU B 273 21.30 -29.56 14.74
CA LEU B 273 20.83 -29.57 13.37
C LEU B 273 19.96 -30.79 13.09
N GLU B 274 20.34 -31.95 13.63
CA GLU B 274 19.57 -33.17 13.39
C GLU B 274 18.16 -33.06 13.94
N ASN B 275 18.02 -32.63 15.21
CA ASN B 275 16.71 -32.49 15.80
C ASN B 275 15.89 -31.43 15.06
N ARG B 276 16.55 -30.35 14.64
N ARG B 276 16.54 -30.36 14.62
CA ARG B 276 15.84 -29.29 13.86
CA ARG B 276 15.82 -29.32 13.87
C ARG B 276 15.25 -29.90 12.59
C ARG B 276 15.28 -29.86 12.56
N VAL B 277 16.08 -30.64 11.84
CA VAL B 277 15.62 -31.20 10.57
C VAL B 277 14.53 -32.24 10.82
N ASN B 278 14.70 -33.08 11.84
CA ASN B 278 13.69 -34.09 12.15
C ASN B 278 12.35 -33.45 12.51
N ASP B 279 12.39 -32.39 13.33
CA ASP B 279 11.16 -31.70 13.70
C ASP B 279 10.52 -30.97 12.54
N ALA B 280 11.26 -30.68 11.47
CA ALA B 280 10.70 -30.00 10.31
C ALA B 280 10.13 -30.96 9.28
N MET B 281 10.59 -32.20 9.24
CA MET B 281 10.04 -33.21 8.35
C MET B 281 8.74 -33.81 8.88
N ASN B 282 8.33 -33.46 10.09
CA ASN B 282 7.10 -33.95 10.69
C ASN B 282 5.96 -32.94 10.60
N MET B 283 5.91 -32.16 9.53
CA MET B 283 4.84 -31.20 9.34
C MET B 283 3.57 -31.88 8.85
N SER C 95 -9.34 12.18 39.76
CA SER C 95 -8.32 11.25 39.27
C SER C 95 -6.93 11.70 39.69
N GLU C 96 -5.93 10.90 39.31
CA GLU C 96 -4.54 11.24 39.58
C GLU C 96 -3.92 12.11 38.49
N GLU C 97 -4.61 12.31 37.37
CA GLU C 97 -4.08 13.15 36.31
C GLU C 97 -3.95 14.60 36.74
N GLN C 98 -4.82 15.06 37.64
CA GLN C 98 -4.78 16.45 38.08
C GLN C 98 -3.49 16.76 38.83
N LEU C 99 -3.05 15.85 39.70
CA LEU C 99 -1.86 16.13 40.51
C LEU C 99 -0.59 16.10 39.66
N GLN C 100 -0.48 15.13 38.75
CA GLN C 100 0.68 15.11 37.86
C GLN C 100 0.68 16.32 36.93
N HIS C 101 -0.50 16.83 36.57
CA HIS C 101 -0.58 18.09 35.84
C HIS C 101 0.01 19.22 36.68
N ARG C 102 -0.29 19.23 37.98
CA ARG C 102 0.31 20.23 38.87
C ARG C 102 1.80 19.96 39.06
N ILE C 103 2.20 18.69 39.08
CA ILE C 103 3.62 18.36 39.18
C ILE C 103 4.37 18.88 37.98
N LEU C 104 3.83 18.61 36.78
CA LEU C 104 4.46 19.12 35.56
C LEU C 104 4.42 20.63 35.51
N THR C 105 3.32 21.23 35.97
CA THR C 105 3.21 22.69 35.97
C THR C 105 4.25 23.32 36.89
N ALA C 106 4.49 22.71 38.05
CA ALA C 106 5.46 23.28 38.98
C ALA C 106 6.89 23.10 38.50
N ALA C 107 7.16 22.06 37.71
CA ALA C 107 8.51 21.82 37.22
C ALA C 107 9.00 22.91 36.29
N LEU C 108 8.08 23.57 35.57
CA LEU C 108 8.47 24.58 34.60
C LEU C 108 9.16 25.78 35.23
N GLU C 109 9.02 25.97 36.54
CA GLU C 109 9.66 27.09 37.21
C GLU C 109 11.15 26.90 37.37
N PHE C 110 11.64 25.67 37.23
CA PHE C 110 13.06 25.35 37.40
C PHE C 110 13.71 24.86 36.12
N VAL C 111 12.96 24.72 35.03
CA VAL C 111 13.57 24.32 33.76
C VAL C 111 14.69 25.25 33.33
N PRO C 112 14.55 26.59 33.39
CA PRO C 112 15.66 27.45 32.96
C PRO C 112 16.94 27.24 33.75
N ALA C 113 16.84 26.73 34.98
CA ALA C 113 18.03 26.43 35.76
C ALA C 113 18.59 25.05 35.47
N HIS C 114 17.74 24.07 35.20
CA HIS C 114 18.19 22.69 35.04
C HIS C 114 17.97 22.15 33.63
N GLY C 115 16.77 22.26 33.09
CA GLY C 115 16.48 21.77 31.77
C GLY C 115 15.23 20.94 31.75
N TRP C 116 15.07 20.16 30.68
CA TRP C 116 13.87 19.35 30.46
C TRP C 116 14.06 17.91 30.89
N THR C 117 14.85 17.69 31.93
CA THR C 117 15.15 16.35 32.40
C THR C 117 14.20 15.98 33.54
N ALA C 118 14.39 14.79 34.11
CA ALA C 118 13.58 14.36 35.25
C ALA C 118 14.06 14.94 36.57
N GLU C 119 15.21 15.64 36.57
CA GLU C 119 15.68 16.28 37.78
C GLU C 119 14.80 17.47 38.16
N ALA C 120 14.35 18.24 37.15
CA ALA C 120 13.46 19.35 37.43
C ALA C 120 12.05 18.88 37.75
N ILE C 121 11.66 17.72 37.23
CA ILE C 121 10.36 17.14 37.57
C ILE C 121 10.30 16.86 39.06
N ALA C 122 11.36 16.25 39.61
CA ALA C 122 11.41 16.00 41.05
C ALA C 122 11.56 17.28 41.84
N GLU C 123 12.43 18.19 41.38
CA GLU C 123 12.62 19.44 42.10
C GLU C 123 11.36 20.30 42.06
N GLY C 124 10.64 20.29 40.94
CA GLY C 124 9.36 20.95 40.89
C GLY C 124 8.34 20.31 41.80
N ALA C 125 8.39 18.98 41.95
CA ALA C 125 7.51 18.29 42.88
C ALA C 125 7.93 18.49 44.32
N GLN C 126 9.22 18.70 44.57
CA GLN C 126 9.71 18.96 45.92
C GLN C 126 9.12 20.24 46.51
N SER C 127 8.71 21.19 45.66
CA SER C 127 7.98 22.36 46.13
C SER C 127 6.52 22.06 46.41
N LEU C 128 6.02 20.90 45.98
CA LEU C 128 4.65 20.50 46.26
C LEU C 128 4.55 19.51 47.41
N GLY C 129 5.64 18.83 47.77
CA GLY C 129 5.66 17.90 48.88
C GLY C 129 5.27 16.48 48.53
N LEU C 130 4.85 16.22 47.30
CA LEU C 130 4.44 14.88 46.90
C LEU C 130 5.63 13.93 46.88
N GLY C 139 8.89 9.31 33.51
CA GLY C 139 10.12 8.87 32.88
C GLY C 139 11.25 9.88 32.99
N LYS C 140 12.47 9.44 32.66
CA LYS C 140 13.64 10.30 32.68
C LYS C 140 13.92 10.97 31.34
N ASP C 141 13.19 10.57 30.28
CA ASP C 141 13.39 11.18 28.98
C ASP C 141 13.02 12.66 29.00
N GLY C 142 11.91 13.00 29.64
CA GLY C 142 11.40 14.35 29.63
C GLY C 142 10.34 14.62 28.58
N SER C 143 9.88 13.59 27.88
CA SER C 143 8.88 13.79 26.82
C SER C 143 7.58 14.34 27.38
N GLU C 144 7.14 13.82 28.53
CA GLU C 144 5.86 14.26 29.09
C GLU C 144 5.92 15.72 29.52
N LEU C 145 7.04 16.14 30.12
CA LEU C 145 7.18 17.53 30.51
C LEU C 145 7.17 18.46 29.30
N ILE C 146 7.85 18.07 28.22
CA ILE C 146 7.91 18.91 27.04
C ILE C 146 6.55 18.96 26.34
N LEU C 147 5.90 17.80 26.19
CA LEU C 147 4.59 17.78 25.53
C LEU C 147 3.54 18.51 26.34
N HIS C 148 3.66 18.49 27.68
CA HIS C 148 2.76 19.26 28.52
C HIS C 148 2.95 20.75 28.33
N PHE C 149 4.20 21.20 28.24
CA PHE C 149 4.48 22.61 28.04
C PHE C 149 3.98 23.10 26.69
N VAL C 150 4.15 22.29 25.64
CA VAL C 150 3.68 22.68 24.31
C VAL C 150 2.16 22.72 24.29
N THR C 151 1.50 21.75 24.93
CA THR C 151 0.04 21.72 24.96
C THR C 151 -0.51 22.94 25.68
N GLN C 152 0.10 23.32 26.80
N GLN C 152 0.11 23.31 26.80
CA GLN C 152 -0.41 24.46 27.56
CA GLN C 152 -0.38 24.46 27.56
C GLN C 152 -0.10 25.78 26.85
C GLN C 152 -0.10 25.78 26.85
N CYS C 153 1.00 25.85 26.09
CA CYS C 153 1.29 27.05 25.34
C CYS C 153 0.33 27.24 24.18
N ASN C 154 -0.14 26.14 23.59
CA ASN C 154 -1.16 26.23 22.56
C ASN C 154 -2.49 26.69 23.14
N THR C 155 -2.80 26.25 24.37
CA THR C 155 -4.03 26.69 25.02
C THR C 155 -3.97 28.17 25.38
N ARG C 156 -2.80 28.64 25.81
CA ARG C 156 -2.66 30.07 26.08
C ARG C 156 -2.80 30.89 24.81
N LEU C 157 -2.35 30.36 23.68
CA LEU C 157 -2.43 31.11 22.42
C LEU C 157 -3.87 31.26 21.96
N THR C 158 -4.67 30.19 22.02
CA THR C 158 -6.05 30.29 21.58
C THR C 158 -6.90 31.14 22.51
N ARG C 159 -6.48 31.32 23.76
CA ARG C 159 -7.16 32.28 24.63
C ARG C 159 -6.78 33.71 24.29
N VAL C 160 -5.52 33.94 23.92
CA VAL C 160 -5.10 35.28 23.52
C VAL C 160 -5.76 35.69 22.21
N LEU C 161 -5.87 34.76 21.27
CA LEU C 161 -6.45 35.08 19.97
C LEU C 161 -7.94 35.38 20.07
N GLU C 162 -8.67 34.63 20.90
CA GLU C 162 -10.10 34.87 21.04
C GLU C 162 -10.38 36.15 21.83
N GLU C 163 -9.46 36.57 22.69
CA GLU C 163 -9.63 37.83 23.39
C GLU C 163 -9.38 39.02 22.48
N GLU C 164 -8.49 38.88 21.50
CA GLU C 164 -8.30 39.93 20.51
C GLU C 164 -9.45 39.97 19.52
N GLN C 165 -10.11 38.84 19.30
CA GLN C 165 -11.26 38.82 18.40
C GLN C 165 -12.42 39.62 18.98
N LYS C 166 -12.61 39.56 20.29
CA LYS C 166 -13.67 40.34 20.93
C LYS C 166 -13.43 41.83 20.80
N LEU C 167 -12.16 42.26 20.86
CA LEU C 167 -11.87 43.70 20.79
C LEU C 167 -12.18 44.27 19.41
N VAL C 168 -12.00 43.50 18.35
CA VAL C 168 -12.30 44.03 17.02
C VAL C 168 -13.78 43.91 16.67
N GLN C 169 -14.49 42.94 17.24
CA GLN C 169 -15.93 42.81 17.03
C GLN C 169 -16.72 43.88 17.77
N LEU C 170 -16.14 44.50 18.79
CA LEU C 170 -16.81 45.53 19.57
C LEU C 170 -16.32 46.93 19.28
N GLY C 171 -15.24 47.07 18.52
CA GLY C 171 -14.74 48.38 18.13
C GLY C 171 -13.53 48.87 18.89
N GLN C 172 -13.09 48.19 19.96
CA GLN C 172 -11.92 48.64 20.71
C GLN C 172 -10.61 48.39 19.97
N ALA C 173 -10.64 47.66 18.86
CA ALA C 173 -9.44 47.42 18.07
C ALA C 173 -9.85 47.33 16.60
N GLU C 174 -8.90 47.64 15.73
CA GLU C 174 -9.13 47.65 14.29
C GLU C 174 -8.61 46.37 13.67
N LYS C 175 -9.35 45.84 12.71
CA LYS C 175 -8.99 44.57 12.08
C LYS C 175 -7.71 44.71 11.29
N ARG C 176 -6.85 43.70 11.39
CA ARG C 176 -5.60 43.65 10.66
C ARG C 176 -5.73 42.75 9.43
N LYS C 177 -4.83 42.96 8.47
CA LYS C 177 -4.78 42.12 7.30
C LYS C 177 -4.23 40.74 7.67
N THR C 178 -4.43 39.78 6.77
CA THR C 178 -4.04 38.41 7.05
C THR C 178 -2.53 38.29 7.25
N ASP C 179 -1.75 38.97 6.41
CA ASP C 179 -0.30 38.93 6.58
C ASP C 179 0.13 39.53 7.90
N GLN C 180 -0.49 40.63 8.31
CA GLN C 180 -0.17 41.23 9.59
C GLN C 180 -0.67 40.39 10.75
N PHE C 181 -1.83 39.77 10.61
CA PHE C 181 -2.37 38.94 11.68
C PHE C 181 -1.50 37.72 11.93
N LEU C 182 -1.07 37.04 10.87
CA LEU C 182 -0.28 35.82 11.04
C LEU C 182 1.09 36.11 11.62
N ARG C 183 1.69 37.25 11.25
CA ARG C 183 2.98 37.62 11.84
C ARG C 183 2.85 37.88 13.33
N ASP C 184 1.74 38.47 13.76
CA ASP C 184 1.52 38.71 15.18
C ASP C 184 1.23 37.43 15.95
N ALA C 185 0.51 36.49 15.33
CA ALA C 185 0.18 35.25 16.02
C ALA C 185 1.41 34.37 16.20
N VAL C 186 2.29 34.34 15.20
CA VAL C 186 3.51 33.54 15.32
C VAL C 186 4.46 34.17 16.35
N GLU C 187 4.58 35.50 16.34
CA GLU C 187 5.42 36.17 17.31
C GLU C 187 4.89 35.98 18.73
N THR C 188 3.57 36.05 18.90
CA THR C 188 2.99 35.84 20.23
C THR C 188 3.28 34.44 20.74
N ARG C 189 3.17 33.44 19.87
CA ARG C 189 3.41 32.07 20.29
C ARG C 189 4.89 31.81 20.55
N LEU C 190 5.78 32.44 19.75
CA LEU C 190 7.21 32.22 19.92
C LEU C 190 7.75 32.94 21.16
N ARG C 191 7.14 34.04 21.55
CA ARG C 191 7.60 34.75 22.75
C ARG C 191 7.36 33.97 24.02
N MET C 192 6.54 32.92 23.97
CA MET C 192 6.38 32.05 25.14
C MET C 192 7.62 31.19 25.41
N LEU C 193 8.55 31.12 24.46
CA LEU C 193 9.77 30.34 24.60
C LEU C 193 10.94 31.15 25.14
N ILE C 194 10.77 32.46 25.34
CA ILE C 194 11.89 33.29 25.79
C ILE C 194 12.42 32.86 27.15
N PRO C 195 11.60 32.56 28.16
CA PRO C 195 12.18 32.11 29.44
C PRO C 195 13.00 30.83 29.32
N TYR C 196 12.71 29.98 28.35
CA TYR C 196 13.34 28.68 28.20
C TYR C 196 14.20 28.60 26.94
N ILE C 197 14.73 29.74 26.51
CA ILE C 197 15.37 29.81 25.19
C ILE C 197 16.67 29.01 25.16
N GLU C 198 17.35 28.89 26.30
CA GLU C 198 18.64 28.19 26.30
C GLU C 198 18.49 26.68 26.21
N HIS C 199 17.44 26.12 26.79
CA HIS C 199 17.24 24.68 26.81
C HIS C 199 16.25 24.19 25.77
N TRP C 200 15.75 25.08 24.93
CA TRP C 200 14.76 24.67 23.94
C TRP C 200 15.34 23.83 22.80
N PRO C 201 16.58 24.06 22.34
CA PRO C 201 17.16 23.14 21.34
C PRO C 201 17.19 21.69 21.80
N ARG C 202 17.43 21.46 23.09
CA ARG C 202 17.38 20.11 23.62
C ARG C 202 15.96 19.55 23.59
N ALA C 203 14.97 20.39 23.88
CA ALA C 203 13.59 19.96 23.83
C ALA C 203 13.14 19.67 22.41
N LEU C 204 13.64 20.42 21.44
CA LEU C 204 13.28 20.18 20.05
C LEU C 204 13.77 18.82 19.58
N SER C 205 14.97 18.42 19.99
CA SER C 205 15.51 17.12 19.59
C SER C 205 14.66 15.99 20.14
N ILE C 206 14.16 16.13 21.37
CA ILE C 206 13.28 15.12 21.95
C ILE C 206 11.98 15.05 21.17
N LEU C 207 11.42 16.21 20.80
CA LEU C 207 10.21 16.21 19.98
C LEU C 207 10.43 15.60 18.60
N MET C 208 11.66 15.63 18.12
CA MET C 208 12.00 15.08 16.81
C MET C 208 12.37 13.60 16.86
N LEU C 209 12.33 12.97 18.04
CA LEU C 209 12.58 11.55 18.12
C LEU C 209 11.48 10.79 17.38
N PRO C 210 11.83 9.66 16.74
CA PRO C 210 10.84 8.95 15.90
C PRO C 210 9.54 8.60 16.61
N HIS C 211 9.60 8.22 17.89
CA HIS C 211 8.37 7.84 18.57
C HIS C 211 7.58 9.04 19.09
N ASN C 212 8.18 10.22 19.12
CA ASN C 212 7.47 11.44 19.49
C ASN C 212 6.92 12.21 18.30
N ILE C 213 7.26 11.82 17.08
CA ILE C 213 6.84 12.57 15.90
C ILE C 213 5.32 12.66 15.78
N PRO C 214 4.55 11.59 15.94
CA PRO C 214 3.09 11.74 15.80
C PRO C 214 2.48 12.69 16.81
N SER C 215 3.01 12.73 18.04
CA SER C 215 2.47 13.65 19.04
C SER C 215 2.84 15.09 18.71
N SER C 216 4.07 15.32 18.25
CA SER C 216 4.49 16.67 17.92
C SER C 216 3.75 17.22 16.71
N LEU C 217 3.48 16.37 15.72
CA LEU C 217 2.78 16.81 14.52
C LEU C 217 1.35 17.21 14.82
N SER C 218 0.67 16.44 15.67
CA SER C 218 -0.72 16.77 16.01
C SER C 218 -0.80 18.09 16.76
N LEU C 219 0.14 18.32 17.68
CA LEU C 219 0.16 19.60 18.39
C LEU C 219 0.45 20.76 17.45
N LEU C 220 1.37 20.58 16.52
CA LEU C 220 1.69 21.62 15.56
C LEU C 220 0.54 21.85 14.60
N THR C 221 -0.15 20.79 14.19
CA THR C 221 -1.30 20.93 13.30
C THR C 221 -2.43 21.68 13.97
N SER C 222 -2.67 21.40 15.25
CA SER C 222 -3.73 22.10 15.97
C SER C 222 -3.40 23.57 16.16
N MET C 223 -2.12 23.91 16.30
CA MET C 223 -1.73 25.30 16.53
C MET C 223 -1.93 26.14 15.28
N VAL C 224 -1.51 25.64 14.12
CA VAL C 224 -1.66 26.43 12.90
C VAL C 224 -3.11 26.44 12.45
N ASP C 225 -3.88 25.41 12.80
CA ASP C 225 -5.32 25.43 12.53
C ASP C 225 -6.00 26.55 13.32
N ASP C 226 -5.60 26.74 14.57
CA ASP C 226 -6.14 27.84 15.36
C ASP C 226 -5.74 29.19 14.81
N MET C 227 -4.48 29.31 14.36
CA MET C 227 -4.02 30.58 13.81
C MET C 227 -4.79 30.96 12.55
N TRP C 228 -5.07 29.97 11.70
CA TRP C 228 -5.80 30.27 10.46
C TRP C 228 -7.28 30.52 10.71
N HIS C 229 -7.86 29.86 11.71
CA HIS C 229 -9.26 30.10 12.02
C HIS C 229 -9.51 31.54 12.44
N TYR C 230 -8.69 32.04 13.36
CA TYR C 230 -8.86 33.41 13.82
C TYR C 230 -8.38 34.44 12.82
N ALA C 231 -7.65 34.01 11.79
CA ALA C 231 -7.31 34.89 10.67
C ALA C 231 -8.44 34.98 9.65
N GLY C 232 -9.50 34.21 9.81
CA GLY C 232 -10.63 34.25 8.92
C GLY C 232 -10.69 33.19 7.85
N ASP C 233 -9.89 32.13 7.98
CA ASP C 233 -9.87 31.08 6.96
C ASP C 233 -11.10 30.20 7.08
N GLN C 234 -11.72 29.91 5.94
CA GLN C 234 -12.91 29.07 5.85
C GLN C 234 -12.80 28.12 4.68
N SER C 235 -11.63 27.51 4.52
CA SER C 235 -11.37 26.62 3.38
C SER C 235 -12.01 25.25 3.61
N THR C 236 -12.71 24.76 2.60
CA THR C 236 -13.24 23.41 2.61
C THR C 236 -12.67 22.53 1.51
N ASP C 237 -11.77 23.07 0.69
CA ASP C 237 -11.07 22.36 -0.37
C ASP C 237 -9.65 22.06 0.06
N PHE C 238 -8.82 21.63 -0.90
CA PHE C 238 -7.44 21.29 -0.60
C PHE C 238 -6.63 22.48 -0.11
N ASN C 239 -7.11 23.70 -0.31
CA ASN C 239 -6.42 24.87 0.24
C ASN C 239 -6.37 24.83 1.76
N TRP C 240 -7.22 24.03 2.40
CA TRP C 240 -7.12 23.82 3.84
C TRP C 240 -5.76 23.24 4.21
N TYR C 241 -5.31 22.24 3.46
CA TYR C 241 -4.01 21.62 3.72
C TYR C 241 -2.86 22.50 3.27
N THR C 242 -3.04 23.21 2.15
CA THR C 242 -1.98 24.06 1.63
C THR C 242 -1.67 25.21 2.57
N ARG C 243 -2.71 25.87 3.09
CA ARG C 243 -2.50 27.00 3.99
C ARG C 243 -1.85 26.58 5.29
N ARG C 244 -2.29 25.45 5.85
CA ARG C 244 -1.77 25.02 7.14
C ARG C 244 -0.35 24.45 7.03
N ALA C 245 -0.05 23.77 5.93
CA ALA C 245 1.32 23.30 5.71
C ALA C 245 2.27 24.47 5.52
N MET C 246 1.83 25.52 4.82
CA MET C 246 2.67 26.68 4.61
C MET C 246 2.98 27.40 5.91
N LEU C 247 1.98 27.52 6.80
CA LEU C 247 2.21 28.22 8.05
C LEU C 247 3.01 27.36 9.04
N ALA C 248 2.87 26.04 8.95
CA ALA C 248 3.67 25.16 9.80
C ALA C 248 5.15 25.25 9.46
N ALA C 249 5.48 25.36 8.17
CA ALA C 249 6.87 25.50 7.77
C ALA C 249 7.43 26.85 8.19
N ILE C 250 6.62 27.90 8.13
CA ILE C 250 7.07 29.22 8.56
C ILE C 250 7.36 29.23 10.05
N TYR C 251 6.50 28.60 10.84
CA TYR C 251 6.69 28.56 12.29
C TYR C 251 7.95 27.79 12.66
N ASN C 252 8.17 26.63 12.04
CA ASN C 252 9.31 25.79 12.40
C ASN C 252 10.63 26.43 12.03
N THR C 253 10.69 27.07 10.86
CA THR C 253 11.93 27.73 10.46
C THR C 253 12.20 28.99 11.26
N THR C 254 11.13 29.71 11.66
CA THR C 254 11.32 30.88 12.50
C THR C 254 11.74 30.48 13.91
N GLU C 255 11.25 29.33 14.38
CA GLU C 255 11.64 28.82 15.69
C GLU C 255 13.12 28.44 15.71
N LEU C 256 13.62 27.88 14.60
CA LEU C 256 15.05 27.56 14.53
C LEU C 256 15.91 28.81 14.48
N VAL C 257 15.44 29.85 13.77
CA VAL C 257 16.18 31.11 13.74
C VAL C 257 16.20 31.74 15.12
N MET C 258 15.11 31.58 15.88
CA MET C 258 15.04 32.16 17.21
C MET C 258 16.02 31.51 18.18
N MET C 259 16.32 30.23 17.98
CA MET C 259 17.24 29.52 18.88
C MET C 259 18.65 30.11 18.81
N GLN C 260 19.09 30.47 17.62
CA GLN C 260 20.45 30.96 17.40
C GLN C 260 20.50 32.46 17.19
N ASP C 261 19.54 33.21 17.72
CA ASP C 261 19.44 34.64 17.50
C ASP C 261 19.90 35.38 18.74
N SER C 262 20.78 36.37 18.55
CA SER C 262 21.29 37.18 19.65
C SER C 262 21.00 38.67 19.45
N SER C 263 20.19 39.03 18.46
CA SER C 263 19.83 40.42 18.26
C SER C 263 18.97 40.91 19.41
N PRO C 264 18.95 42.22 19.67
CA PRO C 264 18.17 42.74 20.80
C PRO C 264 16.68 42.52 20.59
N ASP C 265 16.06 41.85 21.56
CA ASP C 265 14.63 41.52 21.52
C ASP C 265 14.27 40.69 20.29
N PHE C 266 15.21 39.89 19.81
CA PHE C 266 14.99 38.97 18.70
C PHE C 266 14.52 39.69 17.45
N GLU C 267 15.02 40.91 17.24
CA GLU C 267 14.54 41.71 16.11
C GLU C 267 14.89 41.07 14.78
N ASP C 268 15.97 40.30 14.71
CA ASP C 268 16.29 39.58 13.49
C ASP C 268 15.40 38.37 13.26
N THR C 269 14.79 37.85 14.33
CA THR C 269 13.84 36.75 14.17
C THR C 269 12.54 37.25 13.58
N TRP C 270 12.04 38.40 14.05
CA TRP C 270 10.78 38.91 13.53
C TRP C 270 10.96 39.47 12.12
N ARG C 271 12.14 40.00 11.80
CA ARG C 271 12.41 40.39 10.43
C ARG C 271 12.41 39.17 9.50
N PHE C 272 12.99 38.07 9.96
CA PHE C 272 12.94 36.82 9.19
C PHE C 272 11.51 36.34 9.03
N LEU C 273 10.72 36.43 10.10
CA LEU C 273 9.32 36.01 10.03
C LEU C 273 8.53 36.86 9.04
N GLU C 274 8.81 38.16 9.00
CA GLU C 274 8.10 39.04 8.07
C GLU C 274 8.38 38.66 6.63
N ASN C 275 9.65 38.42 6.29
CA ASN C 275 9.99 38.05 4.93
C ASN C 275 9.36 36.71 4.53
N ARG C 276 9.33 35.76 5.46
CA ARG C 276 8.72 34.47 5.17
C ARG C 276 7.23 34.61 4.90
N VAL C 277 6.54 35.44 5.69
CA VAL C 277 5.11 35.64 5.48
C VAL C 277 4.84 36.40 4.20
N ASN C 278 5.64 37.44 3.93
CA ASN C 278 5.46 38.20 2.69
C ASN C 278 5.69 37.32 1.46
N ASP C 279 6.73 36.49 1.50
CA ASP C 279 7.00 35.61 0.37
C ASP C 279 5.96 34.51 0.21
N ALA C 280 5.16 34.24 1.24
CA ALA C 280 4.12 33.22 1.15
C ALA C 280 2.79 33.78 0.67
N MET C 281 2.48 35.03 1.03
CA MET C 281 1.26 35.66 0.54
C MET C 281 1.36 36.03 -0.93
N ASN C 282 2.54 35.94 -1.54
CA ASN C 282 2.74 36.26 -2.94
C ASN C 282 2.60 35.05 -3.86
N MET C 283 2.27 33.89 -3.32
CA MET C 283 2.11 32.69 -4.14
C MET C 283 0.80 32.74 -4.92
N SER D 95 8.09 -5.93 -44.58
CA SER D 95 8.07 -5.87 -43.13
C SER D 95 6.99 -6.77 -42.55
N GLU D 96 6.85 -6.74 -41.23
CA GLU D 96 5.83 -7.51 -40.52
C GLU D 96 4.78 -6.64 -39.86
N GLU D 97 5.21 -5.70 -39.01
CA GLU D 97 4.28 -4.80 -38.34
C GLU D 97 3.75 -3.71 -39.26
N GLN D 98 4.44 -3.42 -40.36
CA GLN D 98 3.97 -2.39 -41.28
C GLN D 98 2.74 -2.83 -42.08
N LEU D 99 2.44 -4.13 -42.10
CA LEU D 99 1.27 -4.60 -42.83
C LEU D 99 -0.01 -4.08 -42.20
N GLN D 100 -0.16 -4.28 -40.89
CA GLN D 100 -1.34 -3.76 -40.20
C GLN D 100 -1.33 -2.24 -40.15
N HIS D 101 -0.15 -1.62 -40.06
CA HIS D 101 -0.05 -0.17 -40.05
C HIS D 101 -0.62 0.41 -41.34
N ARG D 102 -0.31 -0.21 -42.48
CA ARG D 102 -0.90 0.23 -43.74
C ARG D 102 -2.40 -0.07 -43.78
N ILE D 103 -2.81 -1.22 -43.23
CA ILE D 103 -4.22 -1.55 -43.19
C ILE D 103 -4.99 -0.54 -42.33
N LEU D 104 -4.44 -0.25 -41.14
CA LEU D 104 -5.09 0.73 -40.27
C LEU D 104 -5.11 2.11 -40.91
N THR D 105 -4.03 2.48 -41.60
CA THR D 105 -3.98 3.78 -42.25
C THR D 105 -5.04 3.90 -43.35
N ALA D 106 -5.26 2.83 -44.10
CA ALA D 106 -6.25 2.87 -45.18
C ALA D 106 -7.68 2.84 -44.67
N ALA D 107 -7.91 2.25 -43.49
CA ALA D 107 -9.26 2.17 -42.94
C ALA D 107 -9.83 3.54 -42.58
N LEU D 108 -8.97 4.51 -42.26
CA LEU D 108 -9.45 5.82 -41.84
C LEU D 108 -10.19 6.55 -42.94
N GLU D 109 -10.02 6.15 -44.20
CA GLU D 109 -10.74 6.79 -45.29
C GLU D 109 -12.21 6.42 -45.31
N PHE D 110 -12.59 5.33 -44.64
CA PHE D 110 -13.97 4.87 -44.61
C PHE D 110 -14.63 5.03 -43.25
N VAL D 111 -13.89 5.44 -42.23
CA VAL D 111 -14.49 5.66 -40.91
C VAL D 111 -15.64 6.66 -40.98
N PRO D 112 -15.56 7.78 -41.70
CA PRO D 112 -16.71 8.71 -41.73
C PRO D 112 -17.99 8.07 -42.22
N ALA D 113 -17.90 7.04 -43.06
CA ALA D 113 -19.09 6.37 -43.57
C ALA D 113 -19.55 5.22 -42.67
N HIS D 114 -18.62 4.52 -42.02
CA HIS D 114 -18.97 3.30 -41.29
C HIS D 114 -18.73 3.44 -39.79
N GLY D 115 -17.59 3.98 -39.37
CA GLY D 115 -17.31 4.16 -37.96
C GLY D 115 -16.00 3.51 -37.59
N TRP D 116 -15.83 3.31 -36.29
CA TRP D 116 -14.59 2.77 -35.73
C TRP D 116 -14.68 1.28 -35.46
N THR D 117 -15.42 0.55 -36.29
CA THR D 117 -15.63 -0.87 -36.11
C THR D 117 -14.65 -1.66 -36.97
N ALA D 118 -14.71 -2.99 -36.88
CA ALA D 118 -13.88 -3.85 -37.72
C ALA D 118 -14.40 -3.97 -39.14
N GLU D 119 -15.59 -3.46 -39.43
CA GLU D 119 -16.09 -3.46 -40.79
C GLU D 119 -15.26 -2.53 -41.67
N ALA D 120 -14.87 -1.37 -41.15
CA ALA D 120 -14.03 -0.46 -41.92
C ALA D 120 -12.60 -0.93 -41.99
N ILE D 121 -12.15 -1.70 -40.99
CA ILE D 121 -10.81 -2.27 -41.02
C ILE D 121 -10.68 -3.21 -42.22
N ALA D 122 -11.68 -4.08 -42.43
CA ALA D 122 -11.66 -4.97 -43.58
C ALA D 122 -11.89 -4.19 -44.87
N GLU D 123 -12.83 -3.25 -44.88
CA GLU D 123 -13.10 -2.48 -46.09
C GLU D 123 -11.91 -1.62 -46.47
N GLY D 124 -11.20 -1.08 -45.48
CA GLY D 124 -9.97 -0.38 -45.77
C GLY D 124 -8.89 -1.26 -46.37
N ALA D 125 -8.84 -2.52 -45.93
CA ALA D 125 -7.89 -3.46 -46.53
C ALA D 125 -8.32 -3.91 -47.92
N GLN D 126 -9.63 -3.96 -48.18
CA GLN D 126 -10.12 -4.33 -49.50
C GLN D 126 -9.67 -3.35 -50.57
N SER D 127 -9.36 -2.11 -50.20
CA SER D 127 -8.78 -1.15 -51.14
C SER D 127 -7.29 -1.36 -51.32
N LEU D 128 -6.66 -2.19 -50.49
CA LEU D 128 -5.24 -2.49 -50.61
C LEU D 128 -4.96 -3.95 -50.94
N GLY D 129 -5.83 -4.87 -50.54
CA GLY D 129 -5.62 -6.28 -50.82
C GLY D 129 -4.88 -7.00 -49.72
N LEU D 130 -5.50 -8.04 -49.15
CA LEU D 130 -4.87 -8.81 -48.09
C LEU D 130 -5.52 -10.19 -47.98
N GLY D 139 -9.21 -7.37 -33.53
CA GLY D 139 -10.42 -7.24 -32.73
C GLY D 139 -11.58 -6.66 -33.51
N LYS D 140 -12.76 -6.64 -32.89
CA LYS D 140 -13.96 -6.12 -33.54
C LYS D 140 -14.44 -4.80 -32.95
N ASP D 141 -14.03 -4.47 -31.73
CA ASP D 141 -14.44 -3.20 -31.13
C ASP D 141 -13.77 -2.01 -31.79
N GLY D 142 -12.61 -2.21 -32.42
CA GLY D 142 -11.90 -1.11 -33.04
C GLY D 142 -10.91 -0.42 -32.14
N SER D 143 -10.51 -1.05 -31.04
CA SER D 143 -9.60 -0.42 -30.09
C SER D 143 -8.25 -0.11 -30.74
N GLU D 144 -7.72 -1.05 -31.52
CA GLU D 144 -6.43 -0.83 -32.16
C GLU D 144 -6.49 0.24 -33.24
N LEU D 145 -7.62 0.34 -33.95
CA LEU D 145 -7.75 1.38 -34.95
C LEU D 145 -7.82 2.77 -34.32
N ILE D 146 -8.51 2.88 -33.18
CA ILE D 146 -8.64 4.18 -32.52
C ILE D 146 -7.30 4.62 -31.94
N LEU D 147 -6.57 3.71 -31.29
CA LEU D 147 -5.29 4.06 -30.72
C LEU D 147 -4.26 4.40 -31.79
N HIS D 148 -4.35 3.76 -32.95
CA HIS D 148 -3.47 4.12 -34.07
C HIS D 148 -3.75 5.53 -34.56
N PHE D 149 -5.03 5.90 -34.67
CA PHE D 149 -5.38 7.23 -35.13
C PHE D 149 -4.92 8.31 -34.17
N VAL D 150 -5.07 8.06 -32.86
CA VAL D 150 -4.64 9.04 -31.86
C VAL D 150 -3.12 9.20 -31.87
N THR D 151 -2.39 8.09 -32.00
CA THR D 151 -0.94 8.18 -32.06
C THR D 151 -0.48 8.95 -33.29
N GLN D 152 -1.12 8.70 -34.44
N GLN D 152 -1.12 8.69 -34.43
CA GLN D 152 -0.74 9.41 -35.65
CA GLN D 152 -0.78 9.39 -35.66
C GLN D 152 -1.06 10.90 -35.56
C GLN D 152 -1.07 10.88 -35.55
N CYS D 153 -2.21 11.24 -34.95
CA CYS D 153 -2.55 12.65 -34.80
C CYS D 153 -1.60 13.36 -33.85
N ASN D 154 -1.12 12.68 -32.81
CA ASN D 154 -0.11 13.27 -31.94
C ASN D 154 1.20 13.49 -32.70
N THR D 155 1.57 12.57 -33.58
CA THR D 155 2.79 12.73 -34.37
C THR D 155 2.65 13.85 -35.38
N ARG D 156 1.46 14.04 -35.95
CA ARG D 156 1.24 15.17 -36.83
C ARG D 156 1.33 16.49 -36.09
N LEU D 157 0.85 16.53 -34.83
CA LEU D 157 0.88 17.76 -34.07
C LEU D 157 2.29 18.19 -33.74
N THR D 158 3.15 17.25 -33.34
CA THR D 158 4.52 17.62 -32.99
C THR D 158 5.34 18.04 -34.20
N ARG D 159 4.95 17.62 -35.41
CA ARG D 159 5.60 18.12 -36.62
C ARG D 159 5.13 19.53 -36.95
N VAL D 160 3.85 19.83 -36.69
CA VAL D 160 3.35 21.18 -36.93
C VAL D 160 4.01 22.16 -35.97
N LEU D 161 4.23 21.75 -34.72
CA LEU D 161 4.84 22.64 -33.74
C LEU D 161 6.31 22.87 -34.04
N GLU D 162 7.01 21.87 -34.58
CA GLU D 162 8.38 22.08 -35.01
C GLU D 162 8.47 23.10 -36.13
N GLU D 163 7.57 23.00 -37.11
CA GLU D 163 7.61 23.91 -38.25
C GLU D 163 7.35 25.34 -37.83
N GLU D 164 6.42 25.55 -36.89
CA GLU D 164 6.17 26.89 -36.39
C GLU D 164 7.33 27.41 -35.56
N GLN D 165 8.04 26.52 -34.86
CA GLN D 165 9.19 26.95 -34.09
C GLN D 165 10.32 27.45 -34.98
N LYS D 166 10.52 26.79 -36.12
CA LYS D 166 11.55 27.25 -37.06
C LYS D 166 11.21 28.63 -37.63
N LEU D 167 9.94 28.86 -37.95
CA LEU D 167 9.56 30.13 -38.56
C LEU D 167 9.74 31.30 -37.59
N VAL D 168 9.64 31.06 -36.28
CA VAL D 168 9.76 32.15 -35.33
C VAL D 168 11.21 32.40 -34.93
N GLN D 169 12.06 31.38 -34.97
CA GLN D 169 13.46 31.56 -34.62
C GLN D 169 14.27 32.16 -35.76
N LEU D 170 13.74 32.17 -36.98
CA LEU D 170 14.42 32.78 -38.12
C LEU D 170 13.86 34.14 -38.49
N GLY D 171 12.76 34.56 -37.87
CA GLY D 171 12.16 35.86 -38.12
C GLY D 171 10.95 35.85 -39.02
N GLN D 172 10.59 34.73 -39.65
CA GLN D 172 9.41 34.69 -40.51
C GLN D 172 8.10 34.72 -39.73
N ALA D 173 8.14 34.59 -38.41
CA ALA D 173 6.96 34.66 -37.58
C ALA D 173 7.32 35.28 -36.25
N GLU D 174 6.33 35.88 -35.60
CA GLU D 174 6.53 36.56 -34.32
C GLU D 174 6.07 35.66 -33.19
N LYS D 175 6.80 35.70 -32.08
CA LYS D 175 6.52 34.85 -30.94
C LYS D 175 5.19 35.23 -30.28
N ARG D 176 4.41 34.23 -29.91
CA ARG D 176 3.15 34.43 -29.22
C ARG D 176 3.32 34.19 -27.73
N LYS D 177 2.41 34.77 -26.95
CA LYS D 177 2.39 34.54 -25.53
C LYS D 177 1.93 33.11 -25.23
N THR D 178 2.18 32.66 -24.00
CA THR D 178 1.87 31.28 -23.64
C THR D 178 0.38 30.99 -23.74
N ASP D 179 -0.45 31.93 -23.29
CA ASP D 179 -1.90 31.74 -23.39
C ASP D 179 -2.35 31.65 -24.84
N GLN D 180 -1.76 32.49 -25.71
CA GLN D 180 -2.12 32.43 -27.13
C GLN D 180 -1.55 31.18 -27.79
N PHE D 181 -0.35 30.77 -27.39
CA PHE D 181 0.25 29.58 -27.98
C PHE D 181 -0.55 28.32 -27.66
N LEU D 182 -0.96 28.18 -26.39
CA LEU D 182 -1.67 26.96 -25.99
C LEU D 182 -3.05 26.88 -26.62
N ARG D 183 -3.71 28.02 -26.79
CA ARG D 183 -5.00 28.03 -27.46
C ARG D 183 -4.88 27.58 -28.91
N ASP D 184 -3.80 27.98 -29.58
CA ASP D 184 -3.58 27.57 -30.96
C ASP D 184 -3.19 26.10 -31.07
N ALA D 185 -2.43 25.58 -30.11
CA ALA D 185 -2.02 24.19 -30.16
C ALA D 185 -3.20 23.25 -29.92
N VAL D 186 -4.09 23.62 -29.00
CA VAL D 186 -5.26 22.79 -28.73
C VAL D 186 -6.22 22.83 -29.91
N GLU D 187 -6.41 24.01 -30.50
CA GLU D 187 -7.29 24.12 -31.67
C GLU D 187 -6.73 23.34 -32.85
N THR D 188 -5.42 23.40 -33.06
CA THR D 188 -4.81 22.66 -34.15
C THR D 188 -5.01 21.16 -33.97
N ARG D 189 -4.85 20.66 -32.75
CA ARG D 189 -5.01 19.24 -32.49
C ARG D 189 -6.47 18.82 -32.59
N LEU D 190 -7.40 19.68 -32.15
CA LEU D 190 -8.81 19.32 -32.19
C LEU D 190 -9.38 19.38 -33.60
N ARG D 191 -8.83 20.22 -34.47
CA ARG D 191 -9.32 20.28 -35.84
C ARG D 191 -9.00 19.02 -36.64
N MET D 192 -8.13 18.15 -36.13
CA MET D 192 -7.90 16.87 -36.77
C MET D 192 -9.07 15.91 -36.61
N LEU D 193 -10.02 16.22 -35.72
CA LEU D 193 -11.19 15.38 -35.49
C LEU D 193 -12.40 15.80 -36.31
N ILE D 194 -12.30 16.88 -37.08
CA ILE D 194 -13.45 17.37 -37.84
C ILE D 194 -13.96 16.34 -38.85
N PRO D 195 -13.11 15.66 -39.64
CA PRO D 195 -13.65 14.65 -40.56
C PRO D 195 -14.40 13.52 -39.87
N TYR D 196 -14.06 13.20 -38.62
CA TYR D 196 -14.62 12.07 -37.89
C TYR D 196 -15.48 12.53 -36.73
N ILE D 197 -16.09 13.71 -36.84
CA ILE D 197 -16.74 14.33 -35.70
C ILE D 197 -17.99 13.56 -35.29
N GLU D 198 -18.68 12.91 -36.24
CA GLU D 198 -19.91 12.22 -35.91
C GLU D 198 -19.67 10.92 -35.15
N HIS D 199 -18.58 10.22 -35.43
CA HIS D 199 -18.29 8.94 -34.82
C HIS D 199 -17.29 9.03 -33.67
N TRP D 200 -16.85 10.22 -33.31
CA TRP D 200 -15.85 10.35 -32.26
C TRP D 200 -16.41 10.07 -30.86
N PRO D 201 -17.66 10.42 -30.55
CA PRO D 201 -18.18 10.02 -29.23
C PRO D 201 -18.13 8.51 -28.98
N ARG D 202 -18.34 7.71 -30.03
CA ARG D 202 -18.17 6.27 -29.90
C ARG D 202 -16.71 5.89 -29.65
N ALA D 203 -15.78 6.57 -30.32
CA ALA D 203 -14.37 6.30 -30.12
C ALA D 203 -13.93 6.68 -28.71
N LEU D 204 -14.45 7.79 -28.18
CA LEU D 204 -14.13 8.19 -26.81
C LEU D 204 -14.63 7.15 -25.82
N SER D 205 -15.78 6.53 -26.10
CA SER D 205 -16.29 5.48 -25.23
C SER D 205 -15.33 4.29 -25.17
N ILE D 206 -14.76 3.91 -26.31
CA ILE D 206 -13.79 2.82 -26.31
C ILE D 206 -12.54 3.20 -25.52
N LEU D 207 -12.06 4.43 -25.70
CA LEU D 207 -10.87 4.87 -25.00
C LEU D 207 -11.08 4.93 -23.50
N MET D 208 -12.32 5.10 -23.06
CA MET D 208 -12.65 5.18 -21.63
C MET D 208 -12.92 3.81 -21.02
N LEU D 209 -12.83 2.74 -21.78
CA LEU D 209 -12.97 1.41 -21.21
C LEU D 209 -11.83 1.13 -20.24
N PRO D 210 -12.09 0.40 -19.16
CA PRO D 210 -11.06 0.24 -18.11
C PRO D 210 -9.76 -0.36 -18.61
N HIS D 211 -9.78 -1.28 -19.57
CA HIS D 211 -8.54 -1.87 -20.04
C HIS D 211 -7.82 -1.00 -21.06
N ASN D 212 -8.48 0.01 -21.62
CA ASN D 212 -7.84 0.96 -22.53
C ASN D 212 -7.35 2.22 -21.83
N ILE D 213 -7.71 2.43 -20.56
CA ILE D 213 -7.36 3.67 -19.88
C ILE D 213 -5.85 3.88 -19.78
N PRO D 214 -5.04 2.89 -19.41
CA PRO D 214 -3.59 3.15 -19.36
C PRO D 214 -3.00 3.58 -20.69
N SER D 215 -3.50 3.04 -21.80
CA SER D 215 -2.99 3.45 -23.10
C SER D 215 -3.45 4.86 -23.46
N SER D 216 -4.69 5.20 -23.14
CA SER D 216 -5.21 6.53 -23.45
C SER D 216 -4.52 7.60 -22.62
N LEU D 217 -4.23 7.31 -21.36
CA LEU D 217 -3.59 8.29 -20.51
C LEU D 217 -2.17 8.59 -20.95
N SER D 218 -1.43 7.56 -21.37
CA SER D 218 -0.06 7.78 -21.84
C SER D 218 -0.03 8.61 -23.11
N LEU D 219 -0.98 8.36 -24.03
CA LEU D 219 -1.06 9.17 -25.24
C LEU D 219 -1.43 10.61 -24.92
N LEU D 220 -2.35 10.82 -23.98
CA LEU D 220 -2.74 12.16 -23.60
C LEU D 220 -1.62 12.87 -22.86
N THR D 221 -0.88 12.15 -22.02
CA THR D 221 0.24 12.76 -21.31
C THR D 221 1.34 13.18 -22.26
N SER D 222 1.63 12.36 -23.28
CA SER D 222 2.64 12.72 -24.26
C SER D 222 2.23 13.93 -25.09
N MET D 223 0.93 14.09 -25.35
CA MET D 223 0.47 15.19 -26.17
C MET D 223 0.61 16.53 -25.44
N VAL D 224 0.20 16.58 -24.17
CA VAL D 224 0.28 17.84 -23.43
C VAL D 224 1.73 18.14 -23.05
N ASP D 225 2.56 17.11 -22.91
CA ASP D 225 3.98 17.33 -22.70
C ASP D 225 4.61 18.01 -23.91
N ASP D 226 4.22 17.60 -25.12
CA ASP D 226 4.71 18.25 -26.33
C ASP D 226 4.22 19.68 -26.42
N MET D 227 2.95 19.93 -26.06
CA MET D 227 2.41 21.27 -26.14
C MET D 227 3.15 22.21 -25.19
N TRP D 228 3.47 21.74 -23.99
CA TRP D 228 4.15 22.59 -23.02
C TRP D 228 5.63 22.78 -23.37
N HIS D 229 6.25 21.80 -24.02
CA HIS D 229 7.64 21.94 -24.41
C HIS D 229 7.82 23.05 -25.43
N TYR D 230 6.99 23.07 -26.47
CA TYR D 230 7.12 24.08 -27.51
C TYR D 230 6.60 25.45 -27.06
N ALA D 231 5.95 25.52 -25.91
CA ALA D 231 5.66 26.80 -25.28
C ALA D 231 6.77 27.26 -24.35
N GLY D 232 7.80 26.44 -24.15
CA GLY D 232 8.94 26.83 -23.34
C GLY D 232 8.74 26.62 -21.85
N ASP D 233 8.46 25.38 -21.44
CA ASP D 233 8.09 25.13 -20.05
C ASP D 233 9.33 25.05 -19.16
N GLN D 234 10.17 24.03 -19.38
CA GLN D 234 11.41 23.85 -18.63
C GLN D 234 11.17 23.78 -17.12
N SER D 235 10.21 22.96 -16.71
CA SER D 235 9.89 22.76 -15.31
C SER D 235 10.55 21.49 -14.80
N THR D 236 11.24 21.60 -13.67
CA THR D 236 11.87 20.45 -13.03
C THR D 236 11.32 20.15 -11.64
N ASP D 237 10.39 20.95 -11.15
CA ASP D 237 9.73 20.74 -9.88
C ASP D 237 8.33 20.18 -10.11
N PHE D 238 7.52 20.16 -9.05
CA PHE D 238 6.16 19.64 -9.14
C PHE D 238 5.29 20.43 -10.10
N ASN D 239 5.70 21.66 -10.47
CA ASN D 239 4.97 22.41 -11.48
C ASN D 239 4.93 21.71 -12.82
N TRP D 240 5.83 20.75 -13.04
CA TRP D 240 5.76 19.92 -14.24
C TRP D 240 4.44 19.15 -14.29
N TYR D 241 4.03 18.58 -13.16
CA TYR D 241 2.78 17.83 -13.11
C TYR D 241 1.58 18.76 -13.08
N THR D 242 1.70 19.89 -12.40
CA THR D 242 0.57 20.83 -12.30
C THR D 242 0.22 21.40 -13.66
N ARG D 243 1.22 21.81 -14.43
CA ARG D 243 0.95 22.41 -15.73
C ARG D 243 0.36 21.40 -16.71
N ARG D 244 0.86 20.17 -16.70
CA ARG D 244 0.39 19.18 -17.66
C ARG D 244 -0.99 18.64 -17.29
N ALA D 245 -1.27 18.51 -15.99
CA ALA D 245 -2.60 18.12 -15.55
C ALA D 245 -3.63 19.20 -15.92
N MET D 246 -3.26 20.47 -15.77
CA MET D 246 -4.17 21.55 -16.09
C MET D 246 -4.49 21.58 -17.57
N LEU D 247 -3.50 21.37 -18.43
CA LEU D 247 -3.74 21.40 -19.87
C LEU D 247 -4.48 20.14 -20.34
N ALA D 248 -4.25 19.01 -19.68
CA ALA D 248 -4.99 17.80 -20.02
C ALA D 248 -6.47 17.95 -19.74
N ALA D 249 -6.82 18.62 -18.63
CA ALA D 249 -8.22 18.85 -18.31
C ALA D 249 -8.86 19.83 -19.28
N ILE D 250 -8.10 20.83 -19.72
CA ILE D 250 -8.63 21.78 -20.69
C ILE D 250 -8.92 21.09 -22.02
N TYR D 251 -8.00 20.22 -22.46
CA TYR D 251 -8.19 19.53 -23.73
C TYR D 251 -9.40 18.60 -23.69
N ASN D 252 -9.55 17.84 -22.61
CA ASN D 252 -10.63 16.86 -22.54
C ASN D 252 -11.99 17.53 -22.48
N THR D 253 -12.12 18.62 -21.73
CA THR D 253 -13.40 19.30 -21.64
C THR D 253 -13.72 20.06 -22.91
N THR D 254 -12.70 20.57 -23.60
CA THR D 254 -12.94 21.23 -24.89
C THR D 254 -13.32 20.21 -25.96
N GLU D 255 -12.75 18.99 -25.86
CA GLU D 255 -13.10 17.94 -26.81
C GLU D 255 -14.55 17.50 -26.63
N LEU D 256 -15.04 17.47 -25.39
CA LEU D 256 -16.44 17.14 -25.16
C LEU D 256 -17.37 18.22 -25.67
N VAL D 257 -16.98 19.49 -25.51
CA VAL D 257 -17.78 20.59 -26.04
C VAL D 257 -17.82 20.53 -27.56
N MET D 258 -16.71 20.11 -28.19
CA MET D 258 -16.66 20.03 -29.64
C MET D 258 -17.58 18.95 -30.19
N MET D 259 -17.83 17.88 -29.42
CA MET D 259 -18.68 16.80 -29.90
C MET D 259 -20.12 17.26 -30.07
N GLN D 260 -20.60 18.12 -29.18
CA GLN D 260 -21.99 18.57 -29.18
C GLN D 260 -22.14 20.00 -29.67
N ASP D 261 -21.22 20.47 -30.50
CA ASP D 261 -21.20 21.85 -30.96
C ASP D 261 -21.69 21.94 -32.39
N SER D 262 -22.62 22.85 -32.65
CA SER D 262 -23.16 23.05 -33.99
C SER D 262 -22.96 24.47 -34.50
N SER D 263 -22.19 25.29 -33.79
CA SER D 263 -21.90 26.64 -34.23
C SER D 263 -21.04 26.60 -35.49
N PRO D 264 -21.10 27.65 -36.31
CA PRO D 264 -20.32 27.65 -37.56
C PRO D 264 -18.83 27.64 -37.28
N ASP D 265 -18.14 26.67 -37.87
CA ASP D 265 -16.70 26.47 -37.71
C ASP D 265 -16.32 26.29 -36.24
N PHE D 266 -17.23 25.73 -35.45
CA PHE D 266 -16.99 25.42 -34.04
C PHE D 266 -16.57 26.66 -33.25
N GLU D 267 -17.15 27.82 -33.60
CA GLU D 267 -16.73 29.06 -32.97
C GLU D 267 -17.05 29.07 -31.47
N ASP D 268 -18.10 28.35 -31.05
CA ASP D 268 -18.40 28.25 -29.64
C ASP D 268 -17.45 27.32 -28.91
N THR D 269 -16.79 26.41 -29.63
CA THR D 269 -15.78 25.56 -29.00
C THR D 269 -14.52 26.35 -28.71
N TRP D 270 -14.08 27.18 -29.66
CA TRP D 270 -12.86 27.95 -29.44
C TRP D 270 -13.08 29.08 -28.44
N ARG D 271 -14.30 29.62 -28.38
CA ARG D 271 -14.61 30.58 -27.32
C ARG D 271 -14.56 29.92 -25.95
N PHE D 272 -15.07 28.69 -25.85
CA PHE D 272 -14.95 27.94 -24.60
C PHE D 272 -13.49 27.67 -24.25
N LEU D 273 -12.68 27.32 -25.26
CA LEU D 273 -11.27 27.08 -25.03
C LEU D 273 -10.56 28.33 -24.55
N GLU D 274 -10.93 29.49 -25.11
CA GLU D 274 -10.28 30.74 -24.71
C GLU D 274 -10.53 31.06 -23.25
N ASN D 275 -11.79 31.00 -22.81
CA ASN D 275 -12.10 31.28 -21.41
C ASN D 275 -11.44 30.27 -20.50
N ARG D 276 -11.32 29.03 -20.98
N ARG D 276 -11.36 29.01 -20.92
CA ARG D 276 -10.73 27.93 -20.16
CA ARG D 276 -10.71 27.99 -20.11
C ARG D 276 -9.23 28.21 -19.95
C ARG D 276 -9.22 28.28 -19.93
N VAL D 277 -8.55 28.68 -21.01
CA VAL D 277 -7.13 29.00 -20.91
C VAL D 277 -6.91 30.26 -20.09
N ASN D 278 -7.77 31.27 -20.29
CA ASN D 278 -7.63 32.51 -19.52
C ASN D 278 -7.83 32.26 -18.03
N ASP D 279 -8.83 31.44 -17.68
CA ASP D 279 -9.08 31.14 -16.27
C ASP D 279 -7.96 30.31 -15.65
N ALA D 280 -7.13 29.67 -16.45
CA ALA D 280 -6.02 28.88 -15.92
C ALA D 280 -4.73 29.68 -15.79
N MET D 281 -4.48 30.63 -16.70
CA MET D 281 -3.32 31.48 -16.57
C MET D 281 -3.42 32.41 -15.37
N ASN D 282 -4.63 32.66 -14.88
CA ASN D 282 -4.84 33.47 -13.69
C ASN D 282 -4.81 32.66 -12.40
N MET D 283 -4.55 31.36 -12.49
CA MET D 283 -4.56 30.48 -11.32
C MET D 283 -3.14 30.18 -10.85
N SER E 45 18.25 4.46 -26.35
CA SER E 45 17.44 4.04 -25.22
C SER E 45 17.18 5.21 -24.28
N ARG E 46 16.20 6.04 -24.66
CA ARG E 46 15.87 7.20 -23.84
C ARG E 46 15.21 6.80 -22.52
N ALA E 47 14.55 5.65 -22.48
CA ALA E 47 13.93 5.20 -21.24
C ALA E 47 14.95 4.93 -20.15
N ALA E 48 16.17 4.54 -20.53
CA ALA E 48 17.20 4.23 -19.54
C ALA E 48 17.93 5.48 -19.07
N VAL E 49 18.20 6.42 -20.00
CA VAL E 49 18.88 7.64 -19.59
C VAL E 49 17.96 8.55 -18.78
N ASP E 50 16.66 8.57 -19.12
CA ASP E 50 15.71 9.36 -18.33
C ASP E 50 15.59 8.82 -16.91
N ARG E 51 15.60 7.49 -16.77
CA ARG E 51 15.56 6.89 -15.44
C ARG E 51 16.80 7.28 -14.62
N ILE E 52 17.97 7.34 -15.27
CA ILE E 52 19.19 7.70 -14.56
C ILE E 52 19.18 9.17 -14.18
N ILE E 53 18.76 10.03 -15.11
CA ILE E 53 18.78 11.47 -14.83
C ILE E 53 17.75 11.84 -13.78
N ARG E 54 16.57 11.21 -13.83
CA ARG E 54 15.52 11.54 -12.85
C ARG E 54 15.94 11.16 -11.45
N VAL E 55 16.57 10.00 -11.27
CA VAL E 55 16.92 9.56 -9.93
C VAL E 55 18.14 10.31 -9.41
N ASP E 56 19.02 10.76 -10.31
CA ASP E 56 20.16 11.56 -9.86
C ASP E 56 19.74 12.98 -9.54
N HIS E 57 18.78 13.52 -10.29
CA HIS E 57 18.22 14.82 -9.95
C HIS E 57 17.51 14.79 -8.61
N ALA E 58 16.77 13.71 -8.33
CA ALA E 58 16.07 13.59 -7.06
C ALA E 58 17.04 13.42 -5.90
N GLY E 59 18.12 12.67 -6.11
CA GLY E 59 19.07 12.45 -5.05
C GLY E 59 19.81 13.71 -4.64
N GLU E 60 20.21 14.52 -5.62
CA GLU E 60 20.89 15.77 -5.30
C GLU E 60 19.93 16.79 -4.71
N TYR E 61 18.66 16.73 -5.11
CA TYR E 61 17.67 17.61 -4.51
C TYR E 61 17.45 17.28 -3.04
N GLY E 62 17.34 15.98 -2.72
CA GLY E 62 17.20 15.58 -1.33
C GLY E 62 18.41 15.89 -0.49
N ALA E 63 19.61 15.79 -1.07
CA ALA E 63 20.82 16.17 -0.35
C ALA E 63 20.87 17.66 -0.09
N ASN E 64 20.33 18.48 -1.01
CA ASN E 64 20.24 19.91 -0.77
C ASN E 64 19.35 20.22 0.43
N ARG E 65 18.23 19.50 0.55
CA ARG E 65 17.32 19.73 1.66
C ARG E 65 17.92 19.29 2.99
N ILE E 66 18.75 18.23 2.97
CA ILE E 66 19.36 17.75 4.21
C ILE E 66 20.36 18.77 4.75
N TYR E 67 21.18 19.35 3.87
CA TYR E 67 22.16 20.34 4.33
C TYR E 67 21.50 21.66 4.66
N ALA E 68 20.34 21.95 4.06
CA ALA E 68 19.56 23.10 4.48
C ALA E 68 19.06 22.92 5.90
N GLY E 69 18.60 21.71 6.25
CA GLY E 69 18.17 21.44 7.60
C GLY E 69 19.30 21.48 8.60
N GLN E 70 20.48 20.98 8.22
CA GLN E 70 21.63 21.02 9.12
C GLN E 70 22.13 22.44 9.31
N MET E 71 22.10 23.25 8.26
CA MET E 71 22.53 24.64 8.38
C MET E 71 21.57 25.45 9.23
N ALA E 72 20.29 25.08 9.23
CA ALA E 72 19.30 25.77 10.05
C ALA E 72 19.54 25.58 11.54
N VAL E 73 20.25 24.53 11.93
CA VAL E 73 20.49 24.21 13.33
C VAL E 73 21.92 24.51 13.75
N LEU E 74 22.89 24.05 12.96
CA LEU E 74 24.31 24.18 13.30
C LEU E 74 25.02 25.23 12.46
N GLY E 75 24.27 26.15 11.87
CA GLY E 75 24.86 27.12 10.96
C GLY E 75 25.81 28.11 11.60
N ARG E 76 25.71 28.32 12.91
CA ARG E 76 26.54 29.30 13.60
C ARG E 76 27.51 28.66 14.58
N THR E 77 27.70 27.35 14.52
CA THR E 77 28.68 26.67 15.35
C THR E 77 30.00 26.59 14.61
N SER E 78 30.95 25.81 15.14
CA SER E 78 32.24 25.66 14.51
C SER E 78 32.20 24.78 13.27
N VAL E 79 31.17 23.94 13.12
CA VAL E 79 31.01 23.10 11.96
C VAL E 79 30.16 23.76 10.89
N GLY E 80 29.79 25.03 11.08
CA GLY E 80 29.02 25.77 10.11
C GLY E 80 29.70 25.91 8.76
N PRO E 81 30.97 26.31 8.75
CA PRO E 81 31.70 26.37 7.47
C PRO E 81 31.78 25.03 6.75
N VAL E 82 31.90 23.92 7.49
CA VAL E 82 31.97 22.62 6.84
C VAL E 82 30.64 22.27 6.19
N ILE E 83 29.53 22.53 6.89
CA ILE E 83 28.22 22.24 6.31
C ILE E 83 27.94 23.14 5.12
N GLN E 84 28.39 24.40 5.20
CA GLN E 84 28.17 25.32 4.08
C GLN E 84 28.89 24.86 2.83
N LYS E 85 30.12 24.37 2.97
CA LYS E 85 30.85 23.86 1.81
C LYS E 85 30.20 22.61 1.25
N MET E 86 29.66 21.75 2.12
CA MET E 86 28.91 20.60 1.65
C MET E 86 27.65 21.02 0.91
N TRP E 87 26.93 22.02 1.45
CA TRP E 87 25.72 22.50 0.82
C TRP E 87 26.02 23.14 -0.53
N ASP E 88 27.10 23.91 -0.62
CA ASP E 88 27.46 24.52 -1.89
C ASP E 88 27.88 23.49 -2.93
N GLN E 89 28.49 22.38 -2.50
CA GLN E 89 28.88 21.34 -3.44
C GLN E 89 27.66 20.72 -4.11
N GLU E 90 26.60 20.45 -3.35
CA GLU E 90 25.41 19.83 -3.92
C GLU E 90 24.55 20.82 -4.69
N LYS E 91 24.72 22.12 -4.46
CA LYS E 91 24.04 23.10 -5.29
C LYS E 91 24.55 23.07 -6.73
N ASP E 92 25.84 22.79 -6.91
CA ASP E 92 26.40 22.66 -8.25
C ASP E 92 25.98 21.34 -8.88
N HIS E 93 25.94 20.26 -8.11
CA HIS E 93 25.46 18.99 -8.64
C HIS E 93 24.02 19.09 -9.09
N LEU E 94 23.18 19.75 -8.29
CA LEU E 94 21.77 19.89 -8.64
C LEU E 94 21.59 20.82 -9.84
N LYS E 95 22.42 21.87 -9.93
CA LYS E 95 22.33 22.78 -11.06
C LYS E 95 22.64 22.06 -12.37
N LYS E 96 23.65 21.18 -12.35
N LYS E 96 23.65 21.19 -12.36
CA LYS E 96 24.01 20.44 -13.55
CA LYS E 96 23.99 20.44 -13.57
C LYS E 96 22.90 19.48 -13.97
C LYS E 96 22.88 19.49 -13.97
N PHE E 97 22.28 18.80 -13.01
CA PHE E 97 21.22 17.85 -13.34
C PHE E 97 19.93 18.56 -13.75
N ASN E 98 19.75 19.82 -13.35
CA ASN E 98 18.63 20.59 -13.89
C ASN E 98 18.82 20.85 -15.38
N GLU E 99 20.05 21.16 -15.79
CA GLU E 99 20.33 21.40 -17.20
C GLU E 99 20.12 20.13 -18.02
N LEU E 100 20.54 18.98 -17.49
CA LEU E 100 20.32 17.72 -18.19
C LEU E 100 18.85 17.36 -18.26
N MET E 101 18.06 17.74 -17.25
CA MET E 101 16.63 17.50 -17.29
C MET E 101 15.95 18.32 -18.39
N VAL E 102 16.39 19.56 -18.56
CA VAL E 102 15.81 20.41 -19.61
C VAL E 102 16.25 19.92 -20.98
N THR E 103 17.53 19.56 -21.12
CA THR E 103 18.06 19.15 -22.42
C THR E 103 17.39 17.87 -22.92
N PHE E 104 17.25 16.88 -22.06
CA PHE E 104 16.74 15.57 -22.45
C PHE E 104 15.26 15.40 -22.16
N ARG E 105 14.57 16.45 -21.73
CA ARG E 105 13.13 16.42 -21.49
C ARG E 105 12.75 15.27 -20.57
N VAL E 106 13.38 15.23 -19.40
CA VAL E 106 13.15 14.18 -18.42
C VAL E 106 12.02 14.62 -17.48
N ARG E 107 11.11 13.71 -17.21
CA ARG E 107 10.07 13.95 -16.23
C ARG E 107 10.64 13.90 -14.82
N PRO E 108 10.48 14.94 -14.02
CA PRO E 108 10.97 14.88 -12.64
C PRO E 108 10.14 13.92 -11.80
N THR E 109 10.74 13.45 -10.71
CA THR E 109 10.05 12.53 -9.82
C THR E 109 8.85 13.23 -9.18
N VAL E 110 7.76 12.47 -9.02
CA VAL E 110 6.55 13.05 -8.45
C VAL E 110 6.69 13.23 -6.95
N LEU E 111 7.66 12.57 -6.32
CA LEU E 111 7.86 12.72 -4.88
C LEU E 111 8.87 13.81 -4.56
N MET E 112 8.74 14.97 -5.18
CA MET E 112 9.62 16.08 -4.87
C MET E 112 9.15 16.82 -3.62
N PRO E 113 7.86 17.14 -3.48
CA PRO E 113 7.41 17.74 -2.22
C PRO E 113 7.63 16.85 -1.01
N LEU E 114 7.65 15.53 -1.20
CA LEU E 114 7.94 14.63 -0.10
C LEU E 114 9.41 14.68 0.30
N TRP E 115 10.31 14.67 -0.69
CA TRP E 115 11.73 14.80 -0.38
C TRP E 115 12.06 16.19 0.16
N ASN E 116 11.26 17.18 -0.19
CA ASN E 116 11.45 18.53 0.33
C ASN E 116 11.28 18.57 1.85
N VAL E 117 10.26 17.88 2.36
CA VAL E 117 9.98 17.91 3.79
C VAL E 117 10.85 16.91 4.53
N LEU E 118 10.95 15.68 4.02
CA LEU E 118 11.71 14.65 4.72
C LEU E 118 13.19 14.98 4.74
N GLY E 119 13.71 15.57 3.67
CA GLY E 119 15.11 15.95 3.66
C GLY E 119 15.43 17.01 4.69
N PHE E 120 14.61 18.05 4.77
CA PHE E 120 14.83 19.10 5.76
C PHE E 120 14.67 18.56 7.18
N ALA E 121 13.66 17.72 7.40
CA ALA E 121 13.44 17.17 8.74
C ALA E 121 14.58 16.26 9.16
N LEU E 122 15.05 15.41 8.25
CA LEU E 122 16.18 14.53 8.57
C LEU E 122 17.43 15.34 8.87
N GLY E 123 17.68 16.38 8.07
CA GLY E 123 18.84 17.23 8.33
C GLY E 123 18.71 18.01 9.61
N ALA E 124 17.51 18.47 9.93
CA ALA E 124 17.29 19.19 11.19
C ALA E 124 17.18 18.25 12.38
N GLY E 125 16.61 17.05 12.18
CA GLY E 125 16.56 16.09 13.28
C GLY E 125 17.94 15.67 13.75
N THR E 126 18.81 15.31 12.83
CA THR E 126 20.22 15.27 13.15
C THR E 126 20.72 16.71 13.28
N ALA E 127 21.88 16.87 13.91
CA ALA E 127 22.45 18.18 14.22
C ALA E 127 21.68 18.85 15.34
N LEU E 128 20.53 18.29 15.72
CA LEU E 128 19.95 18.55 17.02
C LEU E 128 20.46 17.55 18.04
N LEU E 129 20.82 16.35 17.58
CA LEU E 129 21.56 15.40 18.41
C LEU E 129 22.95 15.93 18.72
N GLY E 130 23.59 16.58 17.76
CA GLY E 130 24.91 17.13 17.94
C GLY E 130 25.71 17.03 16.66
N LYS E 131 27.00 17.34 16.77
CA LYS E 131 27.86 17.31 15.59
C LYS E 131 28.14 15.90 15.11
N GLU E 132 28.22 14.93 16.03
CA GLU E 132 28.44 13.55 15.61
C GLU E 132 27.22 12.97 14.90
N GLY E 133 26.02 13.36 15.33
CA GLY E 133 24.83 12.94 14.61
C GLY E 133 24.71 13.58 13.24
N ALA E 134 25.14 14.84 13.12
CA ALA E 134 25.11 15.51 11.82
C ALA E 134 26.11 14.88 10.86
N MET E 135 27.33 14.59 11.33
CA MET E 135 28.32 14.00 10.45
C MET E 135 27.99 12.55 10.09
N ALA E 136 27.32 11.83 10.99
CA ALA E 136 26.84 10.51 10.64
C ALA E 136 25.83 10.58 9.51
N CYS E 137 24.94 11.57 9.55
CA CYS E 137 23.97 11.76 8.47
C CYS E 137 24.67 12.13 7.17
N THR E 138 25.67 13.01 7.24
CA THR E 138 26.38 13.44 6.03
C THR E 138 27.06 12.27 5.35
N VAL E 139 27.79 11.46 6.11
CA VAL E 139 28.51 10.33 5.52
C VAL E 139 27.52 9.31 4.96
N ALA E 140 26.41 9.08 5.66
CA ALA E 140 25.41 8.15 5.16
C ALA E 140 24.78 8.64 3.86
N VAL E 141 24.71 9.96 3.67
CA VAL E 141 24.12 10.49 2.45
C VAL E 141 25.12 10.49 1.31
N GLU E 142 26.35 10.91 1.57
CA GLU E 142 27.37 10.93 0.53
C GLU E 142 27.68 9.51 0.04
N GLU E 143 27.76 8.55 0.96
CA GLU E 143 28.03 7.18 0.56
C GLU E 143 26.85 6.58 -0.21
N SER E 144 25.63 6.92 0.18
CA SER E 144 24.46 6.40 -0.52
C SER E 144 24.36 6.97 -1.93
N ILE E 145 24.74 8.24 -2.11
CA ILE E 145 24.74 8.83 -3.44
C ILE E 145 25.86 8.23 -4.28
N ALA E 146 27.05 8.11 -3.71
CA ALA E 146 28.17 7.52 -4.45
C ALA E 146 27.93 6.06 -4.77
N HIS E 147 27.23 5.34 -3.89
CA HIS E 147 26.92 3.94 -4.16
C HIS E 147 26.06 3.80 -5.42
N HIS E 148 25.07 4.68 -5.58
CA HIS E 148 24.20 4.58 -6.74
C HIS E 148 24.88 5.08 -8.01
N TYR E 149 25.84 6.01 -7.87
CA TYR E 149 26.62 6.42 -9.03
C TYR E 149 27.42 5.26 -9.61
N ASN E 150 27.99 4.43 -8.73
CA ASN E 150 28.78 3.29 -9.21
C ASN E 150 27.91 2.30 -9.99
N ASN E 151 26.68 2.05 -9.51
CA ASN E 151 25.80 1.14 -10.23
C ASN E 151 25.47 1.66 -11.62
N GLN E 152 25.27 2.97 -11.75
CA GLN E 152 24.97 3.53 -13.06
C GLN E 152 26.18 3.52 -13.97
N ILE E 153 27.37 3.69 -13.43
CA ILE E 153 28.59 3.63 -14.25
C ILE E 153 28.77 2.24 -14.83
N ARG E 154 28.56 1.21 -14.01
CA ARG E 154 28.77 -0.16 -14.47
C ARG E 154 27.69 -0.63 -15.43
N THR E 155 26.54 0.05 -15.48
CA THR E 155 25.52 -0.27 -16.46
C THR E 155 25.55 0.64 -17.68
N LEU E 156 26.15 1.83 -17.56
CA LEU E 156 26.31 2.70 -18.70
C LEU E 156 27.49 2.30 -19.58
N MET E 157 28.49 1.63 -19.01
CA MET E 157 29.60 1.12 -19.80
C MET E 157 29.21 -0.10 -20.62
N GLU E 158 28.35 -0.96 -20.08
CA GLU E 158 27.99 -2.20 -20.76
C GLU E 158 27.13 -1.97 -22.00
N GLU E 159 26.54 -0.80 -22.16
CA GLU E 159 25.69 -0.54 -23.32
C GLU E 159 26.46 0.09 -24.48
N ASP E 160 26.96 1.31 -24.27
CA ASP E 160 27.66 2.03 -25.34
C ASP E 160 28.54 3.13 -24.76
N PRO E 161 29.79 2.83 -24.40
CA PRO E 161 30.66 3.89 -23.87
C PRO E 161 30.88 5.05 -24.83
N GLU E 162 30.91 4.78 -26.14
CA GLU E 162 31.07 5.86 -27.10
C GLU E 162 29.85 6.80 -27.09
N LYS E 163 28.65 6.24 -27.03
CA LYS E 163 27.45 7.07 -27.05
C LYS E 163 27.28 7.84 -25.74
N TYR E 164 27.48 7.15 -24.61
CA TYR E 164 27.34 7.77 -23.29
C TYR E 164 28.69 8.27 -22.79
N GLU E 165 29.29 9.17 -23.56
CA GLU E 165 30.61 9.67 -23.22
C GLU E 165 30.54 10.78 -22.18
N GLU E 166 29.85 11.87 -22.51
CA GLU E 166 29.78 13.00 -21.59
C GLU E 166 29.07 12.63 -20.30
N LEU E 167 28.00 11.85 -20.39
CA LEU E 167 27.26 11.46 -19.20
C LEU E 167 28.13 10.63 -18.25
N LEU E 168 28.92 9.70 -18.79
CA LEU E 168 29.80 8.92 -17.95
C LEU E 168 30.86 9.79 -17.28
N GLN E 169 31.41 10.75 -18.01
CA GLN E 169 32.43 11.63 -17.43
C GLN E 169 31.85 12.45 -16.30
N LEU E 170 30.62 12.96 -16.47
CA LEU E 170 30.01 13.77 -15.42
C LEU E 170 29.74 12.95 -14.18
N ILE E 171 29.20 11.74 -14.35
CA ILE E 171 28.86 10.90 -13.20
C ILE E 171 30.12 10.48 -12.46
N LYS E 172 31.18 10.15 -13.18
CA LYS E 172 32.45 9.80 -12.53
C LYS E 172 33.01 10.97 -11.74
N LYS E 173 32.96 12.18 -12.31
CA LYS E 173 33.47 13.36 -11.61
C LYS E 173 32.66 13.64 -10.35
N PHE E 174 31.32 13.54 -10.45
CA PHE E 174 30.49 13.77 -9.28
C PHE E 174 30.72 12.69 -8.22
N ARG E 175 30.86 11.43 -8.65
CA ARG E 175 31.09 10.35 -7.70
C ARG E 175 32.42 10.52 -6.98
N ASP E 176 33.43 11.06 -7.66
CA ASP E 176 34.70 11.33 -7.00
C ASP E 176 34.55 12.43 -5.95
N GLU E 177 33.71 13.43 -6.21
CA GLU E 177 33.51 14.51 -5.25
C GLU E 177 32.65 14.09 -4.07
N GLU E 178 31.83 13.05 -4.22
CA GLU E 178 31.02 12.55 -3.11
C GLU E 178 31.85 11.84 -2.06
N LEU E 179 33.14 11.60 -2.31
CA LEU E 179 33.95 10.80 -1.42
C LEU E 179 35.24 11.47 -0.96
N GLU E 180 35.58 12.66 -1.47
CA GLU E 180 36.91 13.20 -1.18
C GLU E 180 36.95 13.88 0.20
N HIS E 181 36.26 15.01 0.33
CA HIS E 181 36.04 15.71 1.59
C HIS E 181 37.22 15.70 2.55
N HIS E 182 38.44 15.87 2.05
CA HIS E 182 39.61 15.86 2.91
C HIS E 182 40.02 17.23 3.40
N ASP E 183 39.74 18.29 2.64
CA ASP E 183 40.04 19.64 3.07
C ASP E 183 39.15 20.11 4.21
N ILE E 184 38.10 19.36 4.54
CA ILE E 184 37.18 19.71 5.61
C ILE E 184 37.23 18.72 6.76
N GLY E 185 38.13 17.74 6.73
CA GLY E 185 38.26 16.79 7.80
C GLY E 185 37.21 15.70 7.84
N LEU E 186 36.34 15.63 6.84
CA LEU E 186 35.27 14.63 6.79
C LEU E 186 35.82 13.39 6.09
N ASP E 187 36.22 12.40 6.87
CA ASP E 187 36.75 11.15 6.32
C ASP E 187 35.67 10.08 6.40
N HIS E 188 35.40 9.44 5.26
CA HIS E 188 34.40 8.39 5.20
C HIS E 188 34.86 7.10 5.87
N ASP E 189 36.15 6.99 6.20
CA ASP E 189 36.71 5.83 6.88
C ASP E 189 37.12 6.28 8.29
N ALA E 190 36.16 6.24 9.22
CA ALA E 190 36.40 6.65 10.59
C ALA E 190 35.61 5.72 11.51
N GLU E 191 36.24 5.35 12.63
CA GLU E 191 35.64 4.40 13.56
C GLU E 191 34.57 5.12 14.37
N LEU E 192 33.32 5.02 13.91
CA LEU E 192 32.20 5.58 14.64
C LEU E 192 31.83 4.68 15.81
N ALA E 193 31.01 5.22 16.71
CA ALA E 193 30.48 4.44 17.80
C ALA E 193 29.60 3.31 17.25
N PRO E 194 29.48 2.19 17.95
CA PRO E 194 28.63 1.10 17.46
C PRO E 194 27.18 1.52 17.25
N ALA E 195 26.67 2.44 18.06
CA ALA E 195 25.32 2.93 17.87
C ALA E 195 25.23 3.93 16.71
N TYR E 196 26.27 4.74 16.50
CA TYR E 196 26.26 5.67 15.38
C TYR E 196 26.41 4.94 14.05
N ALA E 197 27.06 3.77 14.05
CA ALA E 197 27.12 2.97 12.83
C ALA E 197 25.77 2.39 12.47
N VAL E 198 24.93 2.09 13.47
CA VAL E 198 23.58 1.64 13.19
C VAL E 198 22.74 2.78 12.65
N LEU E 199 22.85 3.96 13.25
CA LEU E 199 22.11 5.12 12.77
C LEU E 199 22.49 5.46 11.33
N LYS E 200 23.77 5.38 11.00
CA LYS E 200 24.22 5.62 9.64
C LYS E 200 23.62 4.60 8.68
N SER E 201 23.50 3.34 9.13
CA SER E 201 22.95 2.31 8.27
C SER E 201 21.45 2.49 8.04
N ILE E 202 20.73 2.93 9.08
CA ILE E 202 19.30 3.18 8.94
C ILE E 202 19.04 4.32 7.96
N ILE E 203 19.83 5.40 8.07
CA ILE E 203 19.71 6.50 7.13
C ILE E 203 20.06 6.03 5.72
N GLN E 204 21.14 5.25 5.60
CA GLN E 204 21.55 4.74 4.29
C GLN E 204 20.50 3.80 3.69
N ALA E 205 19.84 3.01 4.53
CA ALA E 205 18.77 2.15 4.05
C ALA E 205 17.58 2.97 3.56
N GLY E 206 17.24 4.04 4.29
CA GLY E 206 16.13 4.88 3.86
C GLY E 206 16.39 5.60 2.55
N CYS E 207 17.64 6.01 2.32
CA CYS E 207 17.98 6.64 1.05
C CYS E 207 17.86 5.66 -0.10
N ARG E 208 18.18 4.38 0.13
CA ARG E 208 18.04 3.37 -0.92
C ARG E 208 16.58 3.18 -1.29
N VAL E 209 15.69 3.21 -0.31
CA VAL E 209 14.25 3.11 -0.61
C VAL E 209 13.80 4.32 -1.42
N ALA E 210 14.26 5.52 -1.03
CA ALA E 210 13.89 6.72 -1.77
C ALA E 210 14.43 6.70 -3.19
N ILE E 211 15.65 6.19 -3.36
CA ILE E 211 16.21 6.06 -4.71
C ILE E 211 15.37 5.10 -5.55
N TYR E 212 14.95 3.98 -4.95
CA TYR E 212 14.13 3.01 -5.65
C TYR E 212 12.80 3.62 -6.09
N LEU E 213 12.16 4.38 -5.20
CA LEU E 213 10.86 4.96 -5.53
C LEU E 213 10.99 6.08 -6.55
N SER E 214 12.07 6.86 -6.48
CA SER E 214 12.17 8.07 -7.29
C SER E 214 12.43 7.77 -8.76
N GLU E 215 13.10 6.66 -9.07
CA GLU E 215 13.39 6.36 -10.46
C GLU E 215 12.20 5.76 -11.19
N ARG E 216 11.16 5.35 -10.48
CA ARG E 216 9.92 4.86 -11.09
C ARG E 216 8.82 5.90 -11.08
N LEU E 217 8.59 6.56 -9.94
CA LEU E 217 7.56 7.56 -9.83
C LEU E 217 8.12 8.96 -10.03
N SER F 45 -19.80 -4.77 25.21
CA SER F 45 -18.99 -4.30 24.10
C SER F 45 -17.81 -5.25 23.85
N ARG F 46 -18.10 -6.38 23.21
CA ARG F 46 -17.07 -7.36 22.91
C ARG F 46 -16.09 -6.89 21.83
N ALA F 47 -16.47 -5.90 21.02
CA ALA F 47 -15.56 -5.39 20.02
C ALA F 47 -14.34 -4.73 20.65
N ALA F 48 -14.55 -3.98 21.74
CA ALA F 48 -13.44 -3.32 22.41
C ALA F 48 -12.58 -4.30 23.19
N VAL F 49 -13.20 -5.30 23.82
CA VAL F 49 -12.43 -6.30 24.57
C VAL F 49 -11.61 -7.16 23.62
N ASP F 50 -12.18 -7.49 22.45
CA ASP F 50 -11.44 -8.30 21.48
C ASP F 50 -10.21 -7.56 20.97
N ARG F 51 -10.33 -6.26 20.70
CA ARG F 51 -9.17 -5.49 20.28
C ARG F 51 -8.10 -5.45 21.35
N ILE F 52 -8.50 -5.31 22.61
CA ILE F 52 -7.52 -5.22 23.69
C ILE F 52 -6.81 -6.56 23.87
N ILE F 53 -7.54 -7.67 23.84
CA ILE F 53 -6.93 -8.97 24.04
C ILE F 53 -6.06 -9.36 22.84
N ARG F 54 -6.53 -9.06 21.62
CA ARG F 54 -5.77 -9.43 20.44
C ARG F 54 -4.44 -8.68 20.38
N VAL F 55 -4.45 -7.40 20.70
CA VAL F 55 -3.22 -6.62 20.57
C VAL F 55 -2.27 -6.90 21.74
N ASP F 56 -2.80 -7.28 22.89
CA ASP F 56 -1.94 -7.65 24.00
C ASP F 56 -1.35 -9.04 23.80
N HIS F 57 -2.12 -9.95 23.22
CA HIS F 57 -1.59 -11.26 22.86
C HIS F 57 -0.48 -11.14 21.82
N ALA F 58 -0.67 -10.26 20.83
CA ALA F 58 0.35 -10.07 19.80
C ALA F 58 1.61 -9.41 20.36
N GLY F 59 1.44 -8.47 21.30
CA GLY F 59 2.59 -7.80 21.86
C GLY F 59 3.45 -8.71 22.70
N GLU F 60 2.84 -9.57 23.51
CA GLU F 60 3.60 -10.51 24.31
C GLU F 60 4.22 -11.60 23.45
N TYR F 61 3.56 -11.96 22.34
CA TYR F 61 4.14 -12.92 21.43
C TYR F 61 5.40 -12.35 20.76
N GLY F 62 5.33 -11.11 20.31
CA GLY F 62 6.50 -10.48 19.72
C GLY F 62 7.64 -10.28 20.69
N ALA F 63 7.32 -9.99 21.95
CA ALA F 63 8.35 -9.89 22.98
C ALA F 63 8.99 -11.23 23.26
N ASN F 64 8.23 -12.33 23.16
CA ASN F 64 8.81 -13.66 23.30
C ASN F 64 9.83 -13.94 22.21
N ARG F 65 9.51 -13.53 20.98
CA ARG F 65 10.43 -13.76 19.86
C ARG F 65 11.69 -12.92 19.99
N ILE F 66 11.58 -11.71 20.54
CA ILE F 66 12.75 -10.85 20.69
C ILE F 66 13.73 -11.44 21.69
N TYR F 67 13.24 -11.94 22.82
CA TYR F 67 14.13 -12.53 23.81
C TYR F 67 14.65 -13.88 23.37
N ALA F 68 13.90 -14.58 22.51
CA ALA F 68 14.44 -15.79 21.89
C ALA F 68 15.63 -15.46 20.99
N GLY F 69 15.53 -14.37 20.24
CA GLY F 69 16.65 -13.95 19.40
C GLY F 69 17.84 -13.49 20.21
N GLN F 70 17.60 -12.78 21.31
CA GLN F 70 18.70 -12.34 22.16
C GLN F 70 19.37 -13.51 22.86
N MET F 71 18.57 -14.49 23.29
CA MET F 71 19.15 -15.67 23.94
C MET F 71 19.96 -16.50 22.96
N ALA F 72 19.57 -16.51 21.69
CA ALA F 72 20.31 -17.24 20.67
C ALA F 72 21.72 -16.69 20.46
N VAL F 73 21.94 -15.41 20.72
CA VAL F 73 23.23 -14.77 20.55
C VAL F 73 23.96 -14.62 21.86
N LEU F 74 23.32 -14.02 22.86
CA LEU F 74 23.90 -13.83 24.19
C LEU F 74 23.14 -14.74 25.15
N GLY F 75 23.55 -16.00 25.21
CA GLY F 75 22.94 -16.95 26.10
C GLY F 75 23.95 -17.55 27.04
N ARG F 76 25.22 -17.53 26.63
CA ARG F 76 26.31 -18.06 27.42
C ARG F 76 27.26 -16.98 27.90
N THR F 77 26.86 -15.71 27.80
CA THR F 77 27.63 -14.61 28.33
C THR F 77 27.17 -14.30 29.75
N SER F 78 27.64 -13.19 30.32
CA SER F 78 27.27 -12.81 31.67
C SER F 78 25.85 -12.25 31.76
N VAL F 79 25.28 -11.78 30.65
CA VAL F 79 23.93 -11.27 30.63
C VAL F 79 22.91 -12.35 30.25
N GLY F 80 23.35 -13.60 30.13
CA GLY F 80 22.48 -14.70 29.83
C GLY F 80 21.38 -14.93 30.85
N PRO F 81 21.74 -14.97 32.14
CA PRO F 81 20.71 -15.08 33.18
C PRO F 81 19.71 -13.95 33.18
N VAL F 82 20.13 -12.73 32.86
CA VAL F 82 19.20 -11.60 32.84
C VAL F 82 18.21 -11.76 31.69
N ILE F 83 18.68 -12.16 30.51
CA ILE F 83 17.79 -12.35 29.37
C ILE F 83 16.84 -13.51 29.62
N GLN F 84 17.31 -14.56 30.29
CA GLN F 84 16.47 -15.70 30.57
C GLN F 84 15.31 -15.33 31.48
N LYS F 85 15.56 -14.50 32.50
CA LYS F 85 14.49 -14.05 33.37
C LYS F 85 13.49 -13.19 32.63
N MET F 86 13.98 -12.33 31.72
CA MET F 86 13.07 -11.55 30.89
C MET F 86 12.24 -12.44 29.99
N TRP F 87 12.86 -13.45 29.39
CA TRP F 87 12.14 -14.37 28.52
C TRP F 87 11.10 -15.17 29.31
N ASP F 88 11.45 -15.61 30.52
CA ASP F 88 10.50 -16.35 31.33
C ASP F 88 9.35 -15.48 31.79
N GLN F 89 9.60 -14.20 32.03
CA GLN F 89 8.53 -13.29 32.43
C GLN F 89 7.47 -13.17 31.35
N GLU F 90 7.89 -13.02 30.10
CA GLU F 90 6.93 -12.87 29.01
C GLU F 90 6.28 -14.18 28.60
N LYS F 91 6.87 -15.32 28.96
CA LYS F 91 6.20 -16.60 28.74
C LYS F 91 4.95 -16.72 29.60
N ASP F 92 5.00 -16.17 30.82
CA ASP F 92 3.82 -16.18 31.68
C ASP F 92 2.77 -15.18 31.19
N HIS F 93 3.21 -14.01 30.74
CA HIS F 93 2.26 -13.04 30.19
C HIS F 93 1.57 -13.60 28.95
N LEU F 94 2.32 -14.27 28.08
CA LEU F 94 1.72 -14.84 26.87
C LEU F 94 0.81 -16.01 27.21
N LYS F 95 1.17 -16.79 28.23
CA LYS F 95 0.32 -17.91 28.63
C LYS F 95 -1.03 -17.42 29.14
N LYS F 96 -1.03 -16.32 29.90
N LYS F 96 -1.03 -16.32 29.90
CA LYS F 96 -2.27 -15.76 30.41
CA LYS F 96 -2.29 -15.78 30.40
C LYS F 96 -3.15 -15.23 29.29
C LYS F 96 -3.16 -15.24 29.27
N PHE F 97 -2.56 -14.55 28.31
CA PHE F 97 -3.35 -14.02 27.21
C PHE F 97 -3.82 -15.09 26.25
N ASN F 98 -3.16 -16.25 26.23
CA ASN F 98 -3.71 -17.38 25.48
C ASN F 98 -5.00 -17.88 26.11
N GLU F 99 -5.03 -17.93 27.44
CA GLU F 99 -6.24 -18.37 28.13
C GLU F 99 -7.39 -17.39 27.90
N LEU F 100 -7.10 -16.09 27.92
CA LEU F 100 -8.14 -15.10 27.66
C LEU F 100 -8.61 -15.15 26.21
N MET F 101 -7.73 -15.55 25.29
CA MET F 101 -8.15 -15.69 23.90
C MET F 101 -9.10 -16.86 23.72
N VAL F 102 -8.86 -17.97 24.42
CA VAL F 102 -9.75 -19.12 24.33
C VAL F 102 -11.07 -18.82 25.02
N THR F 103 -11.02 -18.17 26.19
CA THR F 103 -12.23 -17.90 26.96
C THR F 103 -13.17 -16.97 26.21
N PHE F 104 -12.64 -15.90 25.63
CA PHE F 104 -13.47 -14.89 24.99
C PHE F 104 -13.58 -15.04 23.49
N ARG F 105 -13.04 -16.12 22.92
CA ARG F 105 -13.13 -16.42 21.51
C ARG F 105 -12.65 -15.25 20.66
N VAL F 106 -11.43 -14.82 20.93
CA VAL F 106 -10.82 -13.69 20.24
C VAL F 106 -10.07 -14.20 19.03
N ARG F 107 -10.24 -13.52 17.90
CA ARG F 107 -9.49 -13.83 16.70
C ARG F 107 -8.05 -13.35 16.86
N PRO F 108 -7.05 -14.21 16.71
CA PRO F 108 -5.67 -13.74 16.76
C PRO F 108 -5.30 -12.89 15.56
N THR F 109 -4.27 -12.08 15.72
CA THR F 109 -3.82 -11.23 14.63
C THR F 109 -3.27 -12.08 13.49
N VAL F 110 -3.56 -11.66 12.26
CA VAL F 110 -3.10 -12.39 11.08
C VAL F 110 -1.62 -12.16 10.80
N LEU F 111 -0.98 -11.26 11.54
CA LEU F 111 0.41 -10.91 11.33
C LEU F 111 1.37 -11.67 12.24
N MET F 112 0.88 -12.66 12.98
CA MET F 112 1.77 -13.42 13.85
C MET F 112 2.93 -14.08 13.13
N PRO F 113 2.77 -14.71 11.96
CA PRO F 113 3.96 -15.21 11.24
C PRO F 113 4.95 -14.12 10.90
N LEU F 114 4.48 -12.89 10.68
CA LEU F 114 5.40 -11.77 10.45
C LEU F 114 6.11 -11.36 11.73
N TRP F 115 5.38 -11.32 12.86
CA TRP F 115 6.04 -11.02 14.13
C TRP F 115 6.96 -12.13 14.58
N ASN F 116 6.73 -13.36 14.11
CA ASN F 116 7.60 -14.48 14.44
C ASN F 116 9.01 -14.25 13.90
N VAL F 117 9.12 -13.73 12.69
CA VAL F 117 10.42 -13.52 12.04
C VAL F 117 11.03 -12.18 12.44
N LEU F 118 10.24 -11.12 12.41
CA LEU F 118 10.77 -9.80 12.74
C LEU F 118 11.21 -9.72 14.19
N GLY F 119 10.46 -10.37 15.08
CA GLY F 119 10.85 -10.36 16.49
C GLY F 119 12.17 -11.07 16.72
N PHE F 120 12.34 -12.25 16.13
CA PHE F 120 13.59 -12.98 16.28
C PHE F 120 14.75 -12.23 15.64
N ALA F 121 14.52 -11.66 14.46
CA ALA F 121 15.58 -10.91 13.78
C ALA F 121 15.98 -9.68 14.56
N LEU F 122 15.00 -8.93 15.08
CA LEU F 122 15.31 -7.76 15.88
C LEU F 122 16.08 -8.14 17.13
N GLY F 123 15.66 -9.21 17.81
CA GLY F 123 16.38 -9.66 18.99
C GLY F 123 17.77 -10.16 18.68
N ALA F 124 17.93 -10.86 17.55
CA ALA F 124 19.25 -11.34 17.15
C ALA F 124 20.10 -10.23 16.52
N GLY F 125 19.48 -9.28 15.81
CA GLY F 125 20.23 -8.16 15.28
C GLY F 125 20.87 -7.34 16.37
N THR F 126 20.10 -6.97 17.40
CA THR F 126 20.72 -6.53 18.62
C THR F 126 21.34 -7.72 19.33
N ALA F 127 22.23 -7.43 20.29
CA ALA F 127 22.99 -8.45 21.00
C ALA F 127 24.07 -9.05 20.10
N LEU F 128 24.01 -8.73 18.80
CA LEU F 128 25.18 -8.85 17.94
C LEU F 128 25.97 -7.55 17.93
N LEU F 129 25.28 -6.43 18.14
CA LEU F 129 25.96 -5.18 18.43
C LEU F 129 26.68 -5.24 19.77
N GLY F 130 26.09 -5.87 20.76
CA GLY F 130 26.70 -6.00 22.06
C GLY F 130 25.63 -5.97 23.14
N LYS F 131 26.08 -5.91 24.39
CA LYS F 131 25.17 -5.91 25.51
C LYS F 131 24.40 -4.60 25.63
N GLU F 132 25.03 -3.48 25.26
CA GLU F 132 24.31 -2.20 25.30
C GLU F 132 23.23 -2.12 24.23
N GLY F 133 23.48 -2.69 23.05
CA GLY F 133 22.44 -2.77 22.04
C GLY F 133 21.30 -3.68 22.44
N ALA F 134 21.61 -4.78 23.12
CA ALA F 134 20.56 -5.68 23.59
C ALA F 134 19.70 -5.02 24.66
N MET F 135 20.32 -4.33 25.62
CA MET F 135 19.56 -3.69 26.68
C MET F 135 18.77 -2.50 26.17
N ALA F 136 19.29 -1.81 25.15
CA ALA F 136 18.50 -0.75 24.52
C ALA F 136 17.24 -1.31 23.89
N CYS F 137 17.35 -2.47 23.24
CA CYS F 137 16.18 -3.11 22.66
C CYS F 137 15.20 -3.54 23.75
N THR F 138 15.71 -4.11 24.85
CA THR F 138 14.84 -4.58 25.93
C THR F 138 14.03 -3.43 26.52
N VAL F 139 14.69 -2.32 26.85
CA VAL F 139 14.00 -1.19 27.44
C VAL F 139 12.99 -0.60 26.46
N ALA F 140 13.35 -0.52 25.18
CA ALA F 140 12.42 -0.01 24.18
C ALA F 140 11.20 -0.89 24.04
N VAL F 141 11.34 -2.18 24.30
CA VAL F 141 10.20 -3.10 24.17
C VAL F 141 9.34 -3.07 25.43
N GLU F 142 9.97 -3.10 26.60
CA GLU F 142 9.21 -3.05 27.84
C GLU F 142 8.45 -1.74 27.98
N GLU F 143 9.08 -0.62 27.61
CA GLU F 143 8.39 0.66 27.69
C GLU F 143 7.27 0.77 26.68
N SER F 144 7.46 0.20 25.49
CA SER F 144 6.42 0.25 24.48
C SER F 144 5.22 -0.61 24.87
N ILE F 145 5.47 -1.74 25.54
CA ILE F 145 4.37 -2.58 26.02
C ILE F 145 3.65 -1.89 27.17
N ALA F 146 4.41 -1.33 28.12
CA ALA F 146 3.81 -0.64 29.25
C ALA F 146 3.07 0.61 28.82
N HIS F 147 3.56 1.28 27.77
CA HIS F 147 2.87 2.47 27.27
C HIS F 147 1.47 2.12 26.77
N HIS F 148 1.33 1.00 26.06
CA HIS F 148 0.03 0.63 25.54
C HIS F 148 -0.88 0.08 26.62
N TYR F 149 -0.32 -0.52 27.67
CA TYR F 149 -1.13 -0.94 28.81
C TYR F 149 -1.81 0.25 29.47
N ASN F 150 -1.09 1.37 29.61
CA ASN F 150 -1.67 2.55 30.24
C ASN F 150 -2.85 3.09 29.44
N ASN F 151 -2.75 3.08 28.11
CA ASN F 151 -3.86 3.56 27.29
C ASN F 151 -5.10 2.70 27.49
N GLN F 152 -4.91 1.38 27.61
CA GLN F 152 -6.05 0.49 27.80
C GLN F 152 -6.64 0.62 29.20
N ILE F 153 -5.81 0.90 30.21
CA ILE F 153 -6.33 1.10 31.56
C ILE F 153 -7.23 2.33 31.60
N ARG F 154 -6.81 3.42 30.96
CA ARG F 154 -7.59 4.65 30.99
C ARG F 154 -8.83 4.58 30.10
N THR F 155 -8.99 3.54 29.29
CA THR F 155 -10.21 3.36 28.51
C THR F 155 -11.14 2.32 29.12
N LEU F 156 -10.61 1.35 29.86
CA LEU F 156 -11.47 0.43 30.58
C LEU F 156 -12.10 1.06 31.81
N MET F 157 -11.42 2.04 32.41
CA MET F 157 -11.99 2.74 33.55
C MET F 157 -13.14 3.66 33.12
N GLU F 158 -13.01 4.32 31.98
CA GLU F 158 -14.02 5.27 31.54
C GLU F 158 -15.31 4.60 31.10
N GLU F 159 -15.29 3.30 30.83
CA GLU F 159 -16.49 2.61 30.37
C GLU F 159 -17.26 1.98 31.52
N ASP F 160 -16.65 0.99 32.19
CA ASP F 160 -17.33 0.28 33.27
C ASP F 160 -16.33 -0.42 34.17
N PRO F 161 -15.81 0.25 35.20
CA PRO F 161 -14.86 -0.42 36.10
C PRO F 161 -15.43 -1.64 36.79
N GLU F 162 -16.73 -1.65 37.10
CA GLU F 162 -17.32 -2.82 37.73
C GLU F 162 -17.33 -4.02 36.79
N LYS F 163 -17.72 -3.82 35.54
CA LYS F 163 -17.76 -4.92 34.58
C LYS F 163 -16.35 -5.37 34.20
N TYR F 164 -15.49 -4.41 33.88
CA TYR F 164 -14.10 -4.71 33.49
C TYR F 164 -13.16 -4.64 34.69
N GLU F 165 -13.48 -5.38 35.75
CA GLU F 165 -12.66 -5.36 36.95
C GLU F 165 -11.58 -6.45 36.92
N GLU F 166 -11.94 -7.66 36.49
CA GLU F 166 -10.96 -8.73 36.43
C GLU F 166 -9.89 -8.45 35.39
N LEU F 167 -10.28 -7.90 34.24
CA LEU F 167 -9.31 -7.59 33.19
C LEU F 167 -8.43 -6.42 33.59
N LEU F 168 -9.01 -5.40 34.22
CA LEU F 168 -8.21 -4.25 34.64
C LEU F 168 -7.16 -4.65 35.67
N GLN F 169 -7.52 -5.57 36.59
CA GLN F 169 -6.57 -6.02 37.59
C GLN F 169 -5.38 -6.72 36.94
N LEU F 170 -5.64 -7.57 35.94
CA LEU F 170 -4.56 -8.28 35.27
C LEU F 170 -3.64 -7.32 34.51
N ILE F 171 -4.23 -6.36 33.78
CA ILE F 171 -3.43 -5.45 32.98
C ILE F 171 -2.57 -4.57 33.87
N LYS F 172 -3.09 -4.12 35.01
CA LYS F 172 -2.30 -3.32 35.94
C LYS F 172 -1.13 -4.12 36.49
N LYS F 173 -1.37 -5.39 36.85
CA LYS F 173 -0.29 -6.21 37.37
C LYS F 173 0.79 -6.43 36.32
N PHE F 174 0.40 -6.69 35.07
CA PHE F 174 1.38 -6.85 34.01
C PHE F 174 2.10 -5.55 33.72
N ARG F 175 1.38 -4.43 33.76
CA ARG F 175 2.01 -3.13 33.50
C ARG F 175 3.06 -2.83 34.56
N ASP F 176 2.80 -3.20 35.81
CA ASP F 176 3.80 -3.02 36.85
C ASP F 176 5.03 -3.88 36.60
N GLU F 177 4.83 -5.13 36.17
CA GLU F 177 5.96 -6.03 35.94
C GLU F 177 6.81 -5.61 34.75
N GLU F 178 6.24 -4.88 33.79
CA GLU F 178 7.00 -4.40 32.65
C GLU F 178 7.96 -3.28 33.01
N LEU F 179 8.00 -2.84 34.27
CA LEU F 179 8.80 -1.70 34.66
C LEU F 179 9.67 -1.90 35.89
N GLU F 180 9.60 -3.05 36.56
CA GLU F 180 10.33 -3.18 37.82
C GLU F 180 11.81 -3.49 37.58
N HIS F 181 12.10 -4.70 37.09
CA HIS F 181 13.43 -5.12 36.65
C HIS F 181 14.58 -4.60 37.51
N HIS F 182 14.42 -4.59 38.82
CA HIS F 182 15.49 -4.08 39.69
C HIS F 182 16.38 -5.19 40.21
N ASP F 183 15.88 -6.41 40.33
CA ASP F 183 16.69 -7.53 40.75
C ASP F 183 17.73 -7.93 39.70
N ILE F 184 17.62 -7.40 38.49
CA ILE F 184 18.55 -7.70 37.40
C ILE F 184 19.34 -6.48 36.95
N GLY F 185 19.20 -5.35 37.64
CA GLY F 185 19.95 -4.16 37.28
C GLY F 185 19.46 -3.42 36.07
N LEU F 186 18.30 -3.81 35.52
CA LEU F 186 17.76 -3.18 34.32
C LEU F 186 16.88 -2.01 34.77
N ASP F 187 17.44 -0.81 34.76
CA ASP F 187 16.72 0.39 35.16
C ASP F 187 16.28 1.14 33.90
N HIS F 188 14.99 1.43 33.82
CA HIS F 188 14.44 2.16 32.68
C HIS F 188 14.84 3.62 32.68
N ASP F 189 15.39 4.12 33.77
CA ASP F 189 15.86 5.51 33.88
C ASP F 189 17.38 5.47 33.98
N ALA F 190 18.04 5.43 32.82
CA ALA F 190 19.50 5.38 32.76
C ALA F 190 19.96 6.23 31.58
N GLU F 191 21.03 6.99 31.80
CA GLU F 191 21.54 7.91 30.78
C GLU F 191 22.25 7.10 29.70
N LEU F 192 21.53 6.80 28.62
CA LEU F 192 22.13 6.13 27.48
C LEU F 192 22.94 7.10 26.64
N ALA F 193 23.73 6.55 25.73
CA ALA F 193 24.45 7.37 24.78
C ALA F 193 23.45 8.09 23.88
N PRO F 194 23.81 9.27 23.35
CA PRO F 194 22.88 9.97 22.46
C PRO F 194 22.48 9.15 21.24
N ALA F 195 23.37 8.32 20.72
CA ALA F 195 23.01 7.46 19.60
C ALA F 195 22.16 6.27 20.02
N TYR F 196 22.39 5.73 21.22
CA TYR F 196 21.55 4.65 21.70
C TYR F 196 20.16 5.11 22.07
N ALA F 197 19.98 6.39 22.41
CA ALA F 197 18.63 6.91 22.64
C ALA F 197 17.85 7.01 21.34
N VAL F 198 18.52 7.29 20.22
CA VAL F 198 17.85 7.30 18.94
C VAL F 198 17.48 5.89 18.52
N LEU F 199 18.39 4.93 18.72
CA LEU F 199 18.09 3.54 18.40
C LEU F 199 16.91 3.02 19.21
N LYS F 200 16.85 3.37 20.49
CA LYS F 200 15.72 2.98 21.32
C LYS F 200 14.43 3.60 20.81
N SER F 201 14.48 4.85 20.35
CA SER F 201 13.29 5.51 19.84
C SER F 201 12.81 4.88 18.53
N ILE F 202 13.75 4.49 17.66
CA ILE F 202 13.37 3.84 16.40
C ILE F 202 12.70 2.51 16.66
N ILE F 203 13.25 1.72 17.59
CA ILE F 203 12.62 0.46 17.96
C ILE F 203 11.25 0.72 18.57
N GLN F 204 11.16 1.72 19.45
CA GLN F 204 9.89 2.03 20.09
C GLN F 204 8.86 2.51 19.07
N ALA F 205 9.30 3.28 18.07
CA ALA F 205 8.38 3.71 17.01
C ALA F 205 7.90 2.53 16.20
N GLY F 206 8.79 1.58 15.89
CA GLY F 206 8.39 0.42 15.12
C GLY F 206 7.40 -0.47 15.87
N CYS F 207 7.56 -0.56 17.19
CA CYS F 207 6.62 -1.35 17.98
C CYS F 207 5.23 -0.72 17.98
N ARG F 208 5.15 0.61 17.96
CA ARG F 208 3.86 1.27 17.92
C ARG F 208 3.14 1.05 16.59
N VAL F 209 3.89 0.97 15.49
CA VAL F 209 3.29 0.63 14.21
C VAL F 209 2.74 -0.80 14.24
N ALA F 210 3.50 -1.73 14.83
CA ALA F 210 3.04 -3.11 14.94
C ALA F 210 1.82 -3.22 15.82
N ILE F 211 1.77 -2.45 16.91
CA ILE F 211 0.60 -2.44 17.78
C ILE F 211 -0.61 -1.91 17.02
N TYR F 212 -0.42 -0.86 16.23
CA TYR F 212 -1.51 -0.30 15.45
C TYR F 212 -2.06 -1.30 14.45
N LEU F 213 -1.18 -2.04 13.76
CA LEU F 213 -1.61 -2.99 12.75
C LEU F 213 -2.28 -4.21 13.37
N SER F 214 -1.82 -4.63 14.55
CA SER F 214 -2.29 -5.90 15.11
C SER F 214 -3.70 -5.81 15.68
N GLU F 215 -4.09 -4.66 16.23
CA GLU F 215 -5.44 -4.57 16.80
C GLU F 215 -6.50 -4.51 15.72
N ARG F 216 -6.15 -4.20 14.48
CA ARG F 216 -7.07 -4.22 13.36
C ARG F 216 -6.94 -5.51 12.54
N LEU F 217 -5.73 -5.87 12.15
CA LEU F 217 -5.48 -7.08 11.39
C LEU F 217 -5.02 -8.21 12.31
N SER G 45 -18.95 14.86 21.69
CA SER G 45 -18.04 14.04 20.91
C SER G 45 -17.79 14.67 19.54
N ARG G 46 -16.82 15.59 19.49
CA ARG G 46 -16.50 16.26 18.24
C ARG G 46 -15.89 15.30 17.23
N ALA G 47 -15.13 14.30 17.70
CA ALA G 47 -14.47 13.38 16.78
C ALA G 47 -15.47 12.58 15.97
N ALA G 48 -16.67 12.34 16.52
CA ALA G 48 -17.68 11.56 15.82
C ALA G 48 -18.49 12.41 14.85
N VAL G 49 -18.83 13.64 15.24
CA VAL G 49 -19.59 14.50 14.34
C VAL G 49 -18.70 15.00 13.20
N ASP G 50 -17.41 15.23 13.46
CA ASP G 50 -16.51 15.66 12.41
C ASP G 50 -16.34 14.58 11.35
N ARG G 51 -16.24 13.33 11.77
CA ARG G 51 -16.14 12.24 10.80
C ARG G 51 -17.40 12.12 9.96
N ILE G 52 -18.57 12.35 10.57
CA ILE G 52 -19.82 12.30 9.82
C ILE G 52 -19.91 13.44 8.83
N ILE G 53 -19.54 14.65 9.24
CA ILE G 53 -19.64 15.80 8.35
C ILE G 53 -18.61 15.71 7.23
N ARG G 54 -17.40 15.25 7.54
CA ARG G 54 -16.36 15.17 6.51
C ARG G 54 -16.73 14.17 5.42
N VAL G 55 -17.30 13.03 5.80
CA VAL G 55 -17.60 12.01 4.80
C VAL G 55 -18.86 12.37 4.02
N ASP G 56 -19.77 13.12 4.62
CA ASP G 56 -20.95 13.57 3.89
C ASP G 56 -20.61 14.71 2.95
N HIS G 57 -19.69 15.58 3.36
CA HIS G 57 -19.20 16.63 2.48
C HIS G 57 -18.48 16.03 1.27
N ALA G 58 -17.67 14.99 1.50
CA ALA G 58 -16.95 14.36 0.41
C ALA G 58 -17.88 13.62 -0.53
N GLY G 59 -18.93 12.99 0.02
CA GLY G 59 -19.85 12.25 -0.82
C GLY G 59 -20.65 13.15 -1.75
N GLU G 60 -21.12 14.30 -1.23
CA GLU G 60 -21.86 15.23 -2.07
C GLU G 60 -20.95 15.92 -3.07
N TYR G 61 -19.68 16.13 -2.71
CA TYR G 61 -18.74 16.69 -3.66
C TYR G 61 -18.48 15.74 -4.82
N GLY G 62 -18.31 14.44 -4.52
CA GLY G 62 -18.10 13.47 -5.57
C GLY G 62 -19.32 13.30 -6.46
N ALA G 63 -20.51 13.41 -5.87
CA ALA G 63 -21.73 13.35 -6.67
C ALA G 63 -21.88 14.57 -7.56
N ASN G 64 -21.39 15.73 -7.13
CA ASN G 64 -21.38 16.91 -7.99
C ASN G 64 -20.50 16.69 -9.21
N ARG G 65 -19.35 16.07 -9.01
CA ARG G 65 -18.43 15.82 -10.12
C ARG G 65 -18.99 14.80 -11.10
N ILE G 66 -19.75 13.82 -10.60
CA ILE G 66 -20.31 12.80 -11.48
C ILE G 66 -21.36 13.41 -12.41
N TYR G 67 -22.23 14.26 -11.87
CA TYR G 67 -23.25 14.88 -12.71
C TYR G 67 -22.67 15.95 -13.61
N ALA G 68 -21.55 16.55 -13.21
CA ALA G 68 -20.82 17.43 -14.13
C ALA G 68 -20.29 16.66 -15.32
N GLY G 69 -19.76 15.45 -15.09
CA GLY G 69 -19.30 14.63 -16.19
C GLY G 69 -20.42 14.14 -17.08
N GLN G 70 -21.56 13.80 -16.49
CA GLN G 70 -22.70 13.36 -17.29
C GLN G 70 -23.28 14.51 -18.11
N MET G 71 -23.31 15.71 -17.54
CA MET G 71 -23.82 16.86 -18.26
C MET G 71 -22.89 17.25 -19.40
N ALA G 72 -21.59 17.02 -19.25
CA ALA G 72 -20.63 17.32 -20.30
C ALA G 72 -20.85 16.46 -21.54
N VAL G 73 -21.40 15.26 -21.37
CA VAL G 73 -21.64 14.35 -22.48
C VAL G 73 -23.09 14.38 -22.92
N LEU G 74 -24.02 14.19 -21.99
CA LEU G 74 -25.45 14.23 -22.30
C LEU G 74 -26.02 15.48 -21.64
N GLY G 75 -25.92 16.60 -22.34
CA GLY G 75 -26.45 17.85 -21.84
C GLY G 75 -27.45 18.43 -22.79
N ARG G 76 -27.32 18.07 -24.07
CA ARG G 76 -28.19 18.54 -25.12
C ARG G 76 -29.09 17.45 -25.68
N THR G 77 -29.16 16.30 -24.99
CA THR G 77 -30.06 15.23 -25.37
C THR G 77 -31.38 15.38 -24.63
N SER G 78 -32.24 14.37 -24.70
CA SER G 78 -33.53 14.43 -24.04
C SER G 78 -33.44 14.20 -22.54
N VAL G 79 -32.34 13.60 -22.06
CA VAL G 79 -32.14 13.38 -20.64
C VAL G 79 -31.34 14.52 -20.00
N GLY G 80 -31.06 15.58 -20.75
CA GLY G 80 -30.36 16.73 -20.23
C GLY G 80 -31.06 17.41 -19.08
N PRO G 81 -32.36 17.70 -19.22
CA PRO G 81 -33.09 18.29 -18.09
C PRO G 81 -33.12 17.42 -16.85
N VAL G 82 -33.14 16.09 -17.00
CA VAL G 82 -33.14 15.21 -15.85
C VAL G 82 -31.80 15.27 -15.12
N ILE G 83 -30.70 15.27 -15.86
CA ILE G 83 -29.39 15.34 -15.25
C ILE G 83 -29.19 16.70 -14.59
N GLN G 84 -29.72 17.75 -15.19
CA GLN G 84 -29.56 19.09 -14.62
C GLN G 84 -30.27 19.19 -13.27
N LYS G 85 -31.46 18.61 -13.15
CA LYS G 85 -32.15 18.61 -11.87
C LYS G 85 -31.39 17.82 -10.83
N MET G 86 -30.82 16.68 -11.22
CA MET G 86 -29.99 15.92 -10.29
C MET G 86 -28.77 16.71 -9.86
N TRP G 87 -28.12 17.40 -10.81
CA TRP G 87 -26.95 18.20 -10.49
C TRP G 87 -27.31 19.35 -9.57
N ASP G 88 -28.45 20.01 -9.82
CA ASP G 88 -28.88 21.10 -8.96
C ASP G 88 -29.24 20.62 -7.57
N GLN G 89 -29.79 19.41 -7.45
CA GLN G 89 -30.13 18.88 -6.13
C GLN G 89 -28.88 18.70 -5.27
N GLU G 90 -27.80 18.18 -5.84
CA GLU G 90 -26.59 17.95 -5.07
C GLU G 90 -25.80 19.23 -4.84
N LYS G 91 -26.04 20.28 -5.62
CA LYS G 91 -25.42 21.57 -5.33
C LYS G 91 -25.95 22.15 -4.03
N ASP G 92 -27.23 21.92 -3.74
CA ASP G 92 -27.80 22.38 -2.47
C ASP G 92 -27.31 21.53 -1.31
N HIS G 93 -27.20 20.22 -1.51
CA HIS G 93 -26.67 19.36 -0.46
C HIS G 93 -25.23 19.72 -0.14
N LEU G 94 -24.43 19.98 -1.16
CA LEU G 94 -23.03 20.35 -0.93
C LEU G 94 -22.91 21.72 -0.29
N LYS G 95 -23.80 22.65 -0.66
CA LYS G 95 -23.78 23.98 -0.06
C LYS G 95 -24.07 23.91 1.43
N LYS G 96 -25.03 23.06 1.82
N LYS G 96 -25.02 23.07 1.83
CA LYS G 96 -25.36 22.91 3.23
CA LYS G 96 -25.34 22.93 3.24
C LYS G 96 -24.20 22.31 4.02
C LYS G 96 -24.18 22.32 4.02
N PHE G 97 -23.53 21.30 3.46
CA PHE G 97 -22.42 20.68 4.17
C PHE G 97 -21.18 21.56 4.20
N ASN G 98 -21.07 22.52 3.27
CA ASN G 98 -20.00 23.52 3.40
C ASN G 98 -20.23 24.41 4.61
N GLU G 99 -21.47 24.80 4.85
CA GLU G 99 -21.78 25.62 6.01
C GLU G 99 -21.52 24.87 7.31
N LEU G 100 -21.87 23.59 7.36
CA LEU G 100 -21.59 22.79 8.56
C LEU G 100 -20.09 22.58 8.75
N MET G 101 -19.32 22.55 7.67
CA MET G 101 -17.87 22.43 7.80
C MET G 101 -17.26 23.68 8.39
N VAL G 102 -17.76 24.86 7.99
CA VAL G 102 -17.25 26.10 8.55
C VAL G 102 -17.69 26.26 10.00
N THR G 103 -18.94 25.91 10.30
CA THR G 103 -19.47 26.10 11.65
C THR G 103 -18.74 25.24 12.67
N PHE G 104 -18.51 23.97 12.32
CA PHE G 104 -17.95 23.01 13.27
C PHE G 104 -16.44 22.82 13.07
N ARG G 105 -15.81 23.60 12.21
CA ARG G 105 -14.37 23.55 11.98
C ARG G 105 -13.91 22.13 11.66
N VAL G 106 -14.55 21.53 10.67
CA VAL G 106 -14.24 20.17 10.25
C VAL G 106 -13.13 20.21 9.22
N ARG G 107 -12.18 19.30 9.35
CA ARG G 107 -11.12 19.16 8.36
C ARG G 107 -11.67 18.44 7.13
N PRO G 108 -11.56 19.01 5.94
CA PRO G 108 -12.00 18.31 4.74
C PRO G 108 -11.10 17.13 4.42
N THR G 109 -11.65 16.19 3.64
CA THR G 109 -10.87 15.02 3.26
C THR G 109 -9.73 15.44 2.34
N VAL G 110 -8.57 14.80 2.52
CA VAL G 110 -7.40 15.10 1.70
C VAL G 110 -7.50 14.52 0.31
N LEU G 111 -8.53 13.71 0.04
CA LEU G 111 -8.70 13.04 -1.25
C LEU G 111 -9.62 13.80 -2.19
N MET G 112 -10.02 15.02 -1.85
CA MET G 112 -10.90 15.77 -2.74
C MET G 112 -10.32 15.98 -4.15
N PRO G 113 -9.04 16.32 -4.33
CA PRO G 113 -8.51 16.38 -5.71
C PRO G 113 -8.61 15.05 -6.44
N LEU G 114 -8.56 13.92 -5.73
CA LEU G 114 -8.76 12.63 -6.36
C LEU G 114 -10.23 12.42 -6.73
N TRP G 115 -11.15 12.81 -5.85
CA TRP G 115 -12.57 12.70 -6.17
C TRP G 115 -12.97 13.68 -7.26
N ASN G 116 -12.22 14.77 -7.41
CA ASN G 116 -12.48 15.71 -8.49
C ASN G 116 -12.32 15.08 -9.86
N VAL G 117 -11.27 14.26 -10.02
CA VAL G 117 -10.98 13.65 -11.32
C VAL G 117 -11.79 12.37 -11.51
N LEU G 118 -11.81 11.50 -10.51
CA LEU G 118 -12.50 10.23 -10.64
C LEU G 118 -14.01 10.42 -10.78
N GLY G 119 -14.56 11.41 -10.10
CA GLY G 119 -15.99 11.68 -10.24
C GLY G 119 -16.35 12.14 -11.63
N PHE G 120 -15.58 13.08 -12.18
CA PHE G 120 -15.85 13.56 -13.54
C PHE G 120 -15.64 12.45 -14.56
N ALA G 121 -14.58 11.65 -14.40
CA ALA G 121 -14.30 10.57 -15.33
C ALA G 121 -15.40 9.50 -15.29
N LEU G 122 -15.84 9.12 -14.09
CA LEU G 122 -16.91 8.14 -13.99
C LEU G 122 -18.20 8.67 -14.59
N GLY G 123 -18.52 9.93 -14.33
CA GLY G 123 -19.71 10.51 -14.93
C GLY G 123 -19.61 10.64 -16.43
N ALA G 124 -18.43 10.98 -16.94
CA ALA G 124 -18.23 11.06 -18.38
C ALA G 124 -18.06 9.70 -19.03
N GLY G 125 -17.43 8.76 -18.33
CA GLY G 125 -17.30 7.41 -18.88
C GLY G 125 -18.64 6.76 -19.10
N THR G 126 -19.51 6.79 -18.09
CA THR G 126 -20.91 6.53 -18.35
C THR G 126 -21.50 7.72 -19.09
N ALA G 127 -22.65 7.50 -19.72
CA ALA G 127 -23.30 8.48 -20.58
C ALA G 127 -22.55 8.63 -21.90
N LEU G 128 -21.37 8.03 -21.99
CA LEU G 128 -20.78 7.70 -23.28
C LEU G 128 -21.21 6.32 -23.72
N LEU G 129 -21.49 5.44 -22.76
CA LEU G 129 -22.17 4.18 -23.06
C LEU G 129 -23.58 4.42 -23.56
N GLY G 130 -24.28 5.38 -22.99
CA GLY G 130 -25.63 5.72 -23.38
C GLY G 130 -26.43 6.16 -22.18
N LYS G 131 -27.72 6.33 -22.40
CA LYS G 131 -28.60 6.79 -21.33
C LYS G 131 -28.81 5.73 -20.25
N GLU G 132 -28.82 4.44 -20.63
CA GLU G 132 -28.97 3.40 -19.63
C GLU G 132 -27.73 3.27 -18.75
N GLY G 133 -26.54 3.48 -19.33
CA GLY G 133 -25.34 3.50 -18.52
C GLY G 133 -25.29 4.70 -17.59
N ALA G 134 -25.79 5.85 -18.05
CA ALA G 134 -25.82 7.03 -17.19
C ALA G 134 -26.79 6.85 -16.03
N MET G 135 -27.98 6.30 -16.30
CA MET G 135 -28.96 6.11 -15.24
C MET G 135 -28.54 5.01 -14.27
N ALA G 136 -27.82 4.00 -14.76
CA ALA G 136 -27.27 3.00 -13.85
C ALA G 136 -26.27 3.63 -12.88
N CYS G 137 -25.44 4.56 -13.38
CA CYS G 137 -24.52 5.26 -12.51
C CYS G 137 -25.25 6.14 -11.52
N THR G 138 -26.30 6.83 -11.96
CA THR G 138 -27.04 7.72 -11.07
C THR G 138 -27.66 6.95 -9.92
N VAL G 139 -28.35 5.85 -10.22
CA VAL G 139 -28.99 5.06 -9.18
C VAL G 139 -27.96 4.46 -8.23
N ALA G 140 -26.83 4.01 -8.77
CA ALA G 140 -25.78 3.45 -7.92
C ALA G 140 -25.20 4.50 -6.99
N VAL G 141 -25.21 5.77 -7.39
CA VAL G 141 -24.66 6.83 -6.56
C VAL G 141 -25.67 7.28 -5.53
N GLU G 142 -26.92 7.49 -5.94
CA GLU G 142 -27.96 7.90 -5.00
C GLU G 142 -28.19 6.85 -3.92
N GLU G 143 -28.20 5.57 -4.32
CA GLU G 143 -28.40 4.51 -3.33
C GLU G 143 -27.21 4.39 -2.40
N SER G 144 -25.99 4.59 -2.91
CA SER G 144 -24.82 4.51 -2.07
C SER G 144 -24.76 5.66 -1.07
N ILE G 145 -25.21 6.85 -1.48
CA ILE G 145 -25.27 7.97 -0.56
C ILE G 145 -26.35 7.76 0.49
N ALA G 146 -27.54 7.32 0.05
CA ALA G 146 -28.63 7.07 0.98
C ALA G 146 -28.32 5.92 1.93
N HIS G 147 -27.56 4.93 1.45
CA HIS G 147 -27.17 3.82 2.32
C HIS G 147 -26.32 4.31 3.49
N HIS G 148 -25.39 5.22 3.22
CA HIS G 148 -24.53 5.71 4.30
C HIS G 148 -25.25 6.68 5.21
N TYR G 149 -26.26 7.39 4.69
CA TYR G 149 -27.08 8.24 5.54
C TYR G 149 -27.82 7.42 6.59
N ASN G 150 -28.33 6.25 6.21
CA ASN G 150 -29.06 5.40 7.15
C ASN G 150 -28.15 4.92 8.27
N ASN G 151 -26.91 4.56 7.95
CA ASN G 151 -25.98 4.11 8.98
C ASN G 151 -25.70 5.23 9.98
N GLN G 152 -25.57 6.46 9.51
CA GLN G 152 -25.32 7.57 10.42
C GLN G 152 -26.54 7.90 11.27
N ILE G 153 -27.75 7.75 10.71
CA ILE G 153 -28.96 7.99 11.49
C ILE G 153 -29.06 7.00 12.64
N ARG G 154 -28.79 5.72 12.36
CA ARG G 154 -28.94 4.71 13.40
C ARG G 154 -27.85 4.78 14.46
N THR G 155 -26.75 5.47 14.18
CA THR G 155 -25.72 5.69 15.20
C THR G 155 -25.83 7.05 15.87
N LEU G 156 -26.44 8.03 15.21
CA LEU G 156 -26.67 9.33 15.84
C LEU G 156 -27.82 9.27 16.83
N MET G 157 -28.78 8.38 16.61
CA MET G 157 -29.88 8.20 17.56
C MET G 157 -29.43 7.50 18.84
N GLU G 158 -28.53 6.52 18.72
CA GLU G 158 -28.10 5.74 19.88
C GLU G 158 -27.28 6.54 20.88
N GLU G 159 -26.76 7.71 20.50
CA GLU G 159 -25.95 8.49 21.42
C GLU G 159 -26.77 9.54 22.17
N ASP G 160 -27.34 10.50 21.45
CA ASP G 160 -28.08 11.57 22.09
C ASP G 160 -29.02 12.25 21.10
N PRO G 161 -30.25 11.75 20.92
CA PRO G 161 -31.18 12.41 19.99
C PRO G 161 -31.46 13.86 20.33
N GLU G 162 -31.49 14.20 21.62
CA GLU G 162 -31.74 15.60 22.00
C GLU G 162 -30.58 16.50 21.55
N LYS G 163 -29.35 16.05 21.73
CA LYS G 163 -28.20 16.87 21.35
C LYS G 163 -28.06 16.97 19.83
N TYR G 164 -28.21 15.85 19.13
CA TYR G 164 -28.08 15.82 17.68
C TYR G 164 -29.46 15.95 17.02
N GLU G 165 -30.11 17.07 17.32
CA GLU G 165 -31.46 17.29 16.82
C GLU G 165 -31.44 17.81 15.38
N GLU G 166 -30.82 18.97 15.17
CA GLU G 166 -30.80 19.56 13.84
C GLU G 166 -30.04 18.69 12.84
N LEU G 167 -28.94 18.09 13.27
CA LEU G 167 -28.16 17.26 12.36
C LEU G 167 -28.96 16.04 11.90
N LEU G 168 -29.70 15.41 12.81
CA LEU G 168 -30.54 14.28 12.43
C LEU G 168 -31.64 14.70 11.47
N GLN G 169 -32.24 15.87 11.71
CA GLN G 169 -33.29 16.35 10.81
C GLN G 169 -32.75 16.60 9.42
N LEU G 170 -31.57 17.20 9.31
CA LEU G 170 -30.99 17.48 8.00
C LEU G 170 -30.65 16.19 7.26
N ILE G 171 -30.05 15.23 7.94
CA ILE G 171 -29.64 13.99 7.29
C ILE G 171 -30.87 13.20 6.83
N LYS G 172 -31.92 13.18 7.64
CA LYS G 172 -33.15 12.50 7.24
C LYS G 172 -33.76 13.15 6.01
N LYS G 173 -33.79 14.49 5.97
CA LYS G 173 -34.36 15.18 4.82
C LYS G 173 -33.55 14.90 3.56
N PHE G 174 -32.21 14.93 3.67
CA PHE G 174 -31.38 14.61 2.52
C PHE G 174 -31.54 13.15 2.11
N ARG G 175 -31.64 12.25 3.09
CA ARG G 175 -31.81 10.83 2.79
C ARG G 175 -33.10 10.60 2.01
N ASP G 176 -34.16 11.33 2.35
CA ASP G 176 -35.42 11.20 1.62
C ASP G 176 -35.30 11.73 0.19
N GLU G 177 -34.54 12.80 -0.01
CA GLU G 177 -34.36 13.35 -1.35
C GLU G 177 -33.48 12.48 -2.24
N GLU G 178 -32.59 11.69 -1.67
CA GLU G 178 -31.74 10.80 -2.45
C GLU G 178 -32.52 9.64 -3.05
N LEU G 179 -33.79 9.46 -2.68
CA LEU G 179 -34.55 8.29 -3.12
C LEU G 179 -35.86 8.61 -3.81
N GLU G 180 -36.28 9.87 -3.90
CA GLU G 180 -37.63 10.14 -4.39
C GLU G 180 -37.69 10.11 -5.91
N HIS G 181 -37.08 11.11 -6.56
CA HIS G 181 -36.87 11.17 -8.01
C HIS G 181 -38.03 10.65 -8.85
N HIS G 182 -39.27 10.90 -8.43
CA HIS G 182 -40.42 10.41 -9.18
C HIS G 182 -40.89 11.38 -10.25
N ASP G 183 -40.67 12.68 -10.06
CA ASP G 183 -41.07 13.68 -11.05
C ASP G 183 -40.21 13.65 -12.30
N ILE G 184 -39.12 12.89 -12.29
CA ILE G 184 -38.21 12.78 -13.43
C ILE G 184 -38.17 11.37 -14.00
N GLY G 185 -39.02 10.48 -13.50
CA GLY G 185 -39.08 9.11 -13.99
C GLY G 185 -37.96 8.22 -13.53
N LEU G 186 -37.11 8.68 -12.62
CA LEU G 186 -35.98 7.88 -12.13
C LEU G 186 -36.46 7.09 -10.92
N ASP G 187 -36.81 5.82 -11.13
CA ASP G 187 -37.27 4.95 -10.07
C ASP G 187 -36.14 4.01 -9.67
N HIS G 188 -35.82 3.99 -8.38
CA HIS G 188 -34.75 3.12 -7.87
C HIS G 188 -35.15 1.65 -7.86
N ASP G 189 -36.42 1.34 -8.05
CA ASP G 189 -36.92 -0.03 -8.13
C ASP G 189 -37.39 -0.27 -9.56
N ALA G 190 -36.45 -0.65 -10.42
CA ALA G 190 -36.73 -0.89 -11.82
C ALA G 190 -35.87 -2.05 -12.31
N GLU G 191 -36.43 -2.85 -13.21
CA GLU G 191 -35.70 -4.01 -13.73
C GLU G 191 -34.63 -3.55 -14.72
N LEU G 192 -33.39 -3.86 -14.42
CA LEU G 192 -32.26 -3.60 -15.29
C LEU G 192 -31.80 -4.88 -15.95
N ALA G 193 -30.97 -4.73 -16.98
CA ALA G 193 -30.34 -5.88 -17.59
C ALA G 193 -29.43 -6.57 -16.57
N PRO G 194 -29.23 -7.88 -16.68
CA PRO G 194 -28.35 -8.56 -15.72
C PRO G 194 -26.94 -8.00 -15.70
N ALA G 195 -26.44 -7.52 -16.84
CA ALA G 195 -25.12 -6.91 -16.87
C ALA G 195 -25.14 -5.49 -16.30
N TYR G 196 -26.24 -4.75 -16.47
CA TYR G 196 -26.32 -3.42 -15.88
C TYR G 196 -26.45 -3.48 -14.36
N ALA G 197 -27.02 -4.57 -13.84
CA ALA G 197 -27.05 -4.75 -12.40
C ALA G 197 -25.67 -5.00 -11.82
N VAL G 198 -24.80 -5.67 -12.58
CA VAL G 198 -23.42 -5.87 -12.14
C VAL G 198 -22.66 -4.55 -12.20
N LEU G 199 -22.85 -3.78 -13.27
CA LEU G 199 -22.19 -2.49 -13.40
C LEU G 199 -22.61 -1.55 -12.27
N LYS G 200 -23.90 -1.56 -11.92
CA LYS G 200 -24.36 -0.75 -10.79
C LYS G 200 -23.72 -1.20 -9.49
N SER G 201 -23.56 -2.51 -9.31
CA SER G 201 -22.95 -3.02 -8.08
C SER G 201 -21.47 -2.66 -8.00
N ILE G 202 -20.76 -2.70 -9.12
CA ILE G 202 -19.35 -2.33 -9.14
C ILE G 202 -19.18 -0.85 -8.80
N ILE G 203 -20.03 0.00 -9.36
CA ILE G 203 -19.99 1.42 -9.01
C ILE G 203 -20.34 1.62 -7.54
N GLN G 204 -21.35 0.90 -7.06
CA GLN G 204 -21.74 1.03 -5.66
C GLN G 204 -20.65 0.53 -4.73
N ALA G 205 -19.93 -0.52 -5.13
CA ALA G 205 -18.82 -1.00 -4.32
C ALA G 205 -17.69 0.02 -4.27
N GLY G 206 -17.40 0.67 -5.40
CA GLY G 206 -16.35 1.67 -5.43
C GLY G 206 -16.67 2.87 -4.58
N CYS G 207 -17.94 3.27 -4.54
CA CYS G 207 -18.34 4.38 -3.67
C CYS G 207 -18.17 4.04 -2.20
N ARG G 208 -18.41 2.78 -1.83
CA ARG G 208 -18.23 2.37 -0.44
C ARG G 208 -16.75 2.45 -0.03
N VAL G 209 -15.84 2.11 -0.94
CA VAL G 209 -14.42 2.24 -0.66
C VAL G 209 -14.05 3.71 -0.48
N ALA G 210 -14.58 4.58 -1.35
CA ALA G 210 -14.30 6.00 -1.24
C ALA G 210 -14.86 6.58 0.05
N ILE G 211 -16.06 6.14 0.45
CA ILE G 211 -16.63 6.59 1.72
C ILE G 211 -15.75 6.14 2.88
N TYR G 212 -15.25 4.91 2.83
CA TYR G 212 -14.39 4.40 3.89
C TYR G 212 -13.10 5.22 4.00
N LEU G 213 -12.50 5.56 2.86
CA LEU G 213 -11.23 6.29 2.88
C LEU G 213 -11.43 7.75 3.30
N SER G 214 -12.56 8.35 2.95
CA SER G 214 -12.74 9.78 3.17
C SER G 214 -12.99 10.12 4.64
N GLU G 215 -13.65 9.26 5.39
CA GLU G 215 -13.93 9.58 6.78
C GLU G 215 -12.69 9.48 7.66
N ARG G 216 -11.64 8.82 7.17
CA ARG G 216 -10.36 8.77 7.87
C ARG G 216 -9.36 9.77 7.30
N LEU G 217 -9.18 9.76 5.98
CA LEU G 217 -8.25 10.68 5.33
C LEU G 217 -9.00 11.88 4.75
N SER H 45 20.24 -14.59 -20.68
CA SER H 45 19.47 -13.75 -19.79
C SER H 45 18.40 -14.55 -19.05
N ARG H 46 18.80 -15.19 -17.95
CA ARG H 46 17.85 -15.99 -17.18
C ARG H 46 16.78 -15.12 -16.53
N ALA H 47 17.12 -13.90 -16.12
CA ALA H 47 16.15 -13.04 -15.46
C ALA H 47 14.98 -12.71 -16.37
N ALA H 48 15.23 -12.58 -17.68
CA ALA H 48 14.17 -12.29 -18.62
C ALA H 48 13.30 -13.49 -18.94
N VAL H 49 13.89 -14.68 -19.02
CA VAL H 49 13.09 -15.87 -19.33
C VAL H 49 12.36 -16.38 -18.08
N ASP H 50 12.92 -16.17 -16.90
CA ASP H 50 12.23 -16.57 -15.67
C ASP H 50 10.98 -15.73 -15.45
N ARG H 51 11.07 -14.43 -15.75
CA ARG H 51 9.90 -13.57 -15.62
C ARG H 51 8.80 -13.97 -16.60
N ILE H 52 9.19 -14.38 -17.81
CA ILE H 52 8.20 -14.81 -18.80
C ILE H 52 7.54 -16.11 -18.39
N ILE H 53 8.33 -17.07 -17.91
CA ILE H 53 7.77 -18.36 -17.52
C ILE H 53 6.92 -18.23 -16.27
N ARG H 54 7.34 -17.42 -15.31
CA ARG H 54 6.58 -17.28 -14.07
C ARG H 54 5.21 -16.65 -14.33
N VAL H 55 5.14 -15.64 -15.19
CA VAL H 55 3.88 -14.97 -15.41
C VAL H 55 2.97 -15.79 -16.31
N ASP H 56 3.54 -16.63 -17.18
CA ASP H 56 2.71 -17.51 -18.00
C ASP H 56 2.19 -18.68 -17.19
N HIS H 57 3.01 -19.19 -16.26
CA HIS H 57 2.55 -20.23 -15.35
C HIS H 57 1.42 -19.71 -14.47
N ALA H 58 1.54 -18.48 -13.99
CA ALA H 58 0.50 -17.91 -13.14
C ALA H 58 -0.78 -17.64 -13.91
N GLY H 59 -0.66 -17.21 -15.17
CA GLY H 59 -1.83 -16.93 -15.97
C GLY H 59 -2.64 -18.17 -16.29
N GLU H 60 -1.95 -19.27 -16.63
CA GLU H 60 -2.66 -20.51 -16.91
C GLU H 60 -3.21 -21.14 -15.64
N TYR H 61 -2.56 -20.92 -14.51
CA TYR H 61 -3.10 -21.40 -13.25
C TYR H 61 -4.38 -20.68 -12.89
N GLY H 62 -4.40 -19.35 -13.05
CA GLY H 62 -5.62 -18.59 -12.78
C GLY H 62 -6.75 -18.92 -13.73
N ALA H 63 -6.43 -19.21 -14.99
CA ALA H 63 -7.45 -19.65 -15.94
C ALA H 63 -8.02 -21.01 -15.58
N ASN H 64 -7.19 -21.89 -15.01
CA ASN H 64 -7.68 -23.17 -14.53
C ASN H 64 -8.70 -22.99 -13.41
N ARG H 65 -8.43 -22.05 -12.50
CA ARG H 65 -9.34 -21.81 -11.39
C ARG H 65 -10.66 -21.19 -11.86
N ILE H 66 -10.60 -20.37 -12.90
CA ILE H 66 -11.81 -19.72 -13.41
C ILE H 66 -12.75 -20.76 -14.02
N TYR H 67 -12.21 -21.68 -14.81
CA TYR H 67 -13.06 -22.71 -15.42
C TYR H 67 -13.51 -23.74 -14.40
N ALA H 68 -12.73 -23.94 -13.33
CA ALA H 68 -13.20 -24.76 -12.23
C ALA H 68 -14.42 -24.14 -11.56
N GLY H 69 -14.40 -22.81 -11.37
CA GLY H 69 -15.55 -22.14 -10.81
C GLY H 69 -16.76 -22.16 -11.71
N GLN H 70 -16.54 -22.01 -13.03
CA GLN H 70 -17.65 -22.06 -13.96
C GLN H 70 -18.25 -23.46 -14.05
N MET H 71 -17.40 -24.48 -14.00
CA MET H 71 -17.89 -25.85 -14.04
C MET H 71 -18.66 -26.20 -12.78
N ALA H 72 -18.29 -25.61 -11.65
CA ALA H 72 -19.01 -25.87 -10.40
C ALA H 72 -20.44 -25.36 -10.45
N VAL H 73 -20.72 -24.34 -11.25
CA VAL H 73 -22.05 -23.77 -11.36
C VAL H 73 -22.77 -24.27 -12.59
N LEU H 74 -22.15 -24.15 -13.76
CA LEU H 74 -22.72 -24.61 -15.03
C LEU H 74 -21.90 -25.80 -15.49
N GLY H 75 -22.24 -26.97 -14.96
CA GLY H 75 -21.55 -28.19 -15.34
C GLY H 75 -22.53 -29.20 -15.91
N ARG H 76 -23.79 -29.08 -15.53
CA ARG H 76 -24.85 -29.97 -15.97
C ARG H 76 -25.85 -29.27 -16.89
N THR H 77 -25.52 -28.08 -17.37
CA THR H 77 -26.35 -27.38 -18.33
C THR H 77 -25.88 -27.72 -19.74
N SER H 78 -26.41 -27.01 -20.73
CA SER H 78 -26.05 -27.26 -22.12
C SER H 78 -24.67 -26.72 -22.48
N VAL H 79 -24.14 -25.77 -21.70
CA VAL H 79 -22.82 -25.23 -21.94
C VAL H 79 -21.75 -25.96 -21.13
N GLY H 80 -22.12 -27.03 -20.45
CA GLY H 80 -21.17 -27.83 -19.69
C GLY H 80 -20.06 -28.43 -20.53
N PRO H 81 -20.40 -29.08 -21.65
CA PRO H 81 -19.34 -29.58 -22.53
C PRO H 81 -18.40 -28.52 -23.06
N VAL H 82 -18.91 -27.31 -23.32
CA VAL H 82 -18.05 -26.24 -23.81
C VAL H 82 -17.07 -25.80 -22.73
N ILE H 83 -17.53 -25.65 -21.50
CA ILE H 83 -16.65 -25.25 -20.41
C ILE H 83 -15.64 -26.34 -20.12
N GLN H 84 -16.05 -27.61 -20.21
CA GLN H 84 -15.14 -28.71 -19.97
C GLN H 84 -13.99 -28.73 -20.97
N LYS H 85 -14.30 -28.49 -22.25
CA LYS H 85 -13.25 -28.44 -23.26
C LYS H 85 -12.32 -27.25 -23.03
N MET H 86 -12.86 -26.12 -22.59
CA MET H 86 -12.01 -24.99 -22.24
C MET H 86 -11.12 -25.33 -21.05
N TRP H 87 -11.69 -25.99 -20.04
CA TRP H 87 -10.92 -26.35 -18.86
C TRP H 87 -9.82 -27.35 -19.21
N ASP H 88 -10.13 -28.32 -20.06
CA ASP H 88 -9.11 -29.29 -20.47
C ASP H 88 -8.01 -28.65 -21.28
N GLN H 89 -8.32 -27.62 -22.07
CA GLN H 89 -7.29 -26.94 -22.86
C GLN H 89 -6.26 -26.28 -21.96
N GLU H 90 -6.71 -25.62 -20.89
CA GLU H 90 -5.78 -24.93 -20.00
C GLU H 90 -5.06 -25.88 -19.06
N LYS H 91 -5.58 -27.09 -18.86
CA LYS H 91 -4.84 -28.09 -18.11
C LYS H 91 -3.57 -28.52 -18.84
N ASP H 92 -3.63 -28.56 -20.17
CA ASP H 92 -2.44 -28.88 -20.95
C ASP H 92 -1.46 -27.71 -20.98
N HIS H 93 -1.98 -26.48 -21.08
CA HIS H 93 -1.11 -25.31 -21.03
C HIS H 93 -0.39 -25.23 -19.69
N LEU H 94 -1.10 -25.49 -18.60
CA LEU H 94 -0.49 -25.42 -17.27
C LEU H 94 0.50 -26.56 -17.07
N LYS H 95 0.20 -27.74 -17.61
CA LYS H 95 1.10 -28.86 -17.50
C LYS H 95 2.43 -28.58 -18.18
N LYS H 96 2.39 -27.94 -19.35
N LYS H 96 2.38 -27.95 -19.36
CA LYS H 96 3.60 -27.61 -20.08
CA LYS H 96 3.61 -27.61 -20.07
C LYS H 96 4.42 -26.58 -19.33
C LYS H 96 4.43 -26.58 -19.31
N PHE H 97 3.78 -25.56 -18.75
CA PHE H 97 4.52 -24.54 -18.02
C PHE H 97 5.04 -25.04 -16.69
N ASN H 98 4.45 -26.10 -16.14
CA ASN H 98 5.05 -26.74 -14.97
C ASN H 98 6.38 -27.39 -15.33
N GLU H 99 6.45 -28.04 -16.49
CA GLU H 99 7.69 -28.67 -16.92
C GLU H 99 8.76 -27.63 -17.17
N LEU H 100 8.41 -26.49 -17.77
CA LEU H 100 9.37 -25.43 -17.99
C LEU H 100 9.83 -24.80 -16.69
N MET H 101 8.96 -24.77 -15.68
CA MET H 101 9.37 -24.26 -14.37
C MET H 101 10.38 -25.17 -13.71
N VAL H 102 10.20 -26.48 -13.84
CA VAL H 102 11.16 -27.41 -13.26
C VAL H 102 12.48 -27.38 -14.02
N THR H 103 12.40 -27.34 -15.35
CA THR H 103 13.62 -27.37 -16.17
C THR H 103 14.49 -26.15 -15.93
N PHE H 104 13.89 -24.96 -15.89
CA PHE H 104 14.65 -23.73 -15.81
C PHE H 104 14.74 -23.19 -14.38
N ARG H 105 14.27 -23.93 -13.39
CA ARG H 105 14.35 -23.56 -11.99
C ARG H 105 13.78 -22.16 -11.75
N VAL H 106 12.54 -21.97 -12.17
CA VAL H 106 11.86 -20.69 -12.06
C VAL H 106 11.12 -20.64 -10.72
N ARG H 107 11.25 -19.51 -10.03
CA ARG H 107 10.48 -19.30 -8.81
C ARG H 107 9.03 -19.02 -9.14
N PRO H 108 8.08 -19.78 -8.60
CA PRO H 108 6.66 -19.47 -8.85
C PRO H 108 6.25 -18.18 -8.15
N THR H 109 5.16 -17.60 -8.65
CA THR H 109 4.66 -16.37 -8.05
C THR H 109 4.14 -16.64 -6.64
N VAL H 110 4.39 -15.70 -5.74
CA VAL H 110 3.96 -15.85 -4.35
C VAL H 110 2.46 -15.61 -4.19
N LEU H 111 1.79 -15.17 -5.24
CA LEU H 111 0.37 -14.84 -5.19
C LEU H 111 -0.53 -15.99 -5.66
N MET H 112 0.02 -17.17 -5.87
CA MET H 112 -0.80 -18.31 -6.29
C MET H 112 -1.94 -18.63 -5.34
N PRO H 113 -1.75 -18.66 -4.01
CA PRO H 113 -2.92 -18.84 -3.13
C PRO H 113 -3.97 -17.77 -3.30
N LEU H 114 -3.59 -16.55 -3.67
CA LEU H 114 -4.57 -15.52 -3.95
C LEU H 114 -5.29 -15.76 -5.27
N TRP H 115 -4.55 -16.19 -6.31
CA TRP H 115 -5.19 -16.53 -7.56
C TRP H 115 -6.05 -17.78 -7.46
N ASN H 116 -5.75 -18.65 -6.49
CA ASN H 116 -6.55 -19.85 -6.27
C ASN H 116 -7.97 -19.47 -5.86
N VAL H 117 -8.11 -18.47 -5.00
CA VAL H 117 -9.43 -18.09 -4.49
C VAL H 117 -10.13 -17.13 -5.44
N LEU H 118 -9.40 -16.11 -5.91
CA LEU H 118 -10.01 -15.11 -6.78
C LEU H 118 -10.42 -15.71 -8.12
N GLY H 119 -9.63 -16.65 -8.64
CA GLY H 119 -10.00 -17.29 -9.89
C GLY H 119 -11.28 -18.10 -9.77
N PHE H 120 -11.38 -18.90 -8.71
CA PHE H 120 -12.60 -19.69 -8.50
C PHE H 120 -13.80 -18.80 -8.25
N ALA H 121 -13.63 -17.73 -7.45
CA ALA H 121 -14.73 -16.83 -7.16
C ALA H 121 -15.20 -16.11 -8.41
N LEU H 122 -14.27 -15.61 -9.22
CA LEU H 122 -14.65 -14.94 -10.46
C LEU H 122 -15.37 -15.90 -11.41
N GLY H 123 -14.87 -17.13 -11.52
CA GLY H 123 -15.53 -18.10 -12.37
C GLY H 123 -16.89 -18.50 -11.84
N ALA H 124 -17.03 -18.61 -10.53
CA ALA H 124 -18.32 -18.93 -9.93
C ALA H 124 -19.26 -17.73 -9.87
N GLY H 125 -18.70 -16.53 -9.66
CA GLY H 125 -19.53 -15.34 -9.66
C GLY H 125 -20.21 -15.11 -11.01
N THR H 126 -19.44 -15.18 -12.08
CA THR H 126 -20.04 -15.35 -13.39
C THR H 126 -20.57 -16.77 -13.50
N ALA H 127 -21.46 -17.00 -14.45
CA ALA H 127 -22.15 -18.28 -14.63
C ALA H 127 -23.18 -18.48 -13.54
N LEU H 128 -23.18 -17.62 -12.52
CA LEU H 128 -24.35 -17.43 -11.69
C LEU H 128 -25.23 -16.32 -12.24
N LEU H 129 -24.62 -15.37 -12.97
CA LEU H 129 -25.39 -14.44 -13.78
C LEU H 129 -26.10 -15.15 -14.92
N GLY H 130 -25.45 -16.12 -15.53
CA GLY H 130 -26.01 -16.87 -16.62
C GLY H 130 -24.94 -17.25 -17.62
N LYS H 131 -25.38 -17.78 -18.76
CA LYS H 131 -24.44 -18.22 -19.77
C LYS H 131 -23.75 -17.06 -20.47
N GLU H 132 -24.44 -15.93 -20.62
CA GLU H 132 -23.80 -14.77 -21.25
C GLU H 132 -22.74 -14.15 -20.34
N GLY H 133 -22.97 -14.15 -19.03
CA GLY H 133 -21.95 -13.70 -18.12
C GLY H 133 -20.75 -14.62 -18.08
N ALA H 134 -20.98 -15.93 -18.18
CA ALA H 134 -19.87 -16.88 -18.22
C ALA H 134 -19.04 -16.72 -19.48
N MET H 135 -19.69 -16.58 -20.64
CA MET H 135 -18.95 -16.44 -21.88
C MET H 135 -18.24 -15.10 -21.97
N ALA H 136 -18.81 -14.06 -21.37
CA ALA H 136 -18.10 -12.78 -21.29
C ALA H 136 -16.82 -12.92 -20.48
N CYS H 137 -16.87 -13.67 -19.38
CA CYS H 137 -15.66 -13.92 -18.60
C CYS H 137 -14.65 -14.74 -19.39
N THR H 138 -15.11 -15.77 -20.12
CA THR H 138 -14.20 -16.62 -20.87
C THR H 138 -13.45 -15.82 -21.93
N VAL H 139 -14.18 -15.01 -22.71
CA VAL H 139 -13.54 -14.23 -23.77
C VAL H 139 -12.58 -13.21 -23.17
N ALA H 140 -12.96 -12.58 -22.06
CA ALA H 140 -12.08 -11.62 -21.41
C ALA H 140 -10.80 -12.27 -20.90
N VAL H 141 -10.86 -13.55 -20.53
CA VAL H 141 -9.69 -14.24 -20.04
C VAL H 141 -8.81 -14.72 -21.18
N GLU H 142 -9.42 -15.32 -22.21
CA GLU H 142 -8.65 -15.79 -23.35
C GLU H 142 -7.96 -14.64 -24.08
N GLU H 143 -8.66 -13.51 -24.24
CA GLU H 143 -8.05 -12.37 -24.90
C GLU H 143 -6.95 -11.75 -24.05
N SER H 144 -7.12 -11.73 -22.74
CA SER H 144 -6.09 -11.17 -21.87
C SER H 144 -4.84 -12.05 -21.85
N ILE H 145 -5.02 -13.37 -21.94
CA ILE H 145 -3.86 -14.25 -22.01
C ILE H 145 -3.17 -14.12 -23.36
N ALA H 146 -3.95 -14.11 -24.45
CA ALA H 146 -3.38 -13.96 -25.77
C ALA H 146 -2.71 -12.61 -25.96
N HIS H 147 -3.26 -11.57 -25.32
CA HIS H 147 -2.64 -10.24 -25.41
C HIS H 147 -1.23 -10.25 -24.83
N HIS H 148 -1.04 -10.92 -23.69
CA HIS H 148 0.28 -10.94 -23.07
C HIS H 148 1.23 -11.86 -23.81
N TYR H 149 0.72 -12.90 -24.48
CA TYR H 149 1.56 -13.74 -25.31
C TYR H 149 2.19 -12.94 -26.45
N ASN H 150 1.41 -12.06 -27.06
CA ASN H 150 1.91 -11.25 -28.17
C ASN H 150 3.06 -10.35 -27.72
N ASN H 151 2.94 -9.75 -26.53
CA ASN H 151 4.02 -8.90 -26.03
C ASN H 151 5.29 -9.71 -25.82
N GLN H 152 5.17 -10.93 -25.32
CA GLN H 152 6.35 -11.75 -25.08
C GLN H 152 6.97 -12.24 -26.38
N ILE H 153 6.14 -12.55 -27.39
CA ILE H 153 6.67 -12.93 -28.69
C ILE H 153 7.47 -11.78 -29.28
N ARG H 154 6.97 -10.55 -29.13
CA ARG H 154 7.66 -9.38 -29.65
C ARG H 154 9.03 -9.21 -28.99
N THR H 155 9.07 -9.19 -27.65
CA THR H 155 10.33 -8.99 -26.96
C THR H 155 11.27 -10.18 -27.10
N LEU H 156 10.75 -11.38 -27.33
CA LEU H 156 11.61 -12.54 -27.51
C LEU H 156 12.26 -12.56 -28.89
N MET H 157 11.56 -12.05 -29.91
CA MET H 157 12.16 -11.96 -31.24
C MET H 157 13.24 -10.90 -31.30
N GLU H 158 13.05 -9.76 -30.63
CA GLU H 158 13.99 -8.66 -30.71
C GLU H 158 15.32 -8.95 -30.04
N GLU H 159 15.40 -9.99 -29.21
CA GLU H 159 16.64 -10.30 -28.51
C GLU H 159 17.47 -11.34 -29.27
N ASP H 160 16.94 -12.56 -29.41
CA ASP H 160 17.69 -13.62 -30.05
C ASP H 160 16.77 -14.73 -30.54
N PRO H 161 16.22 -14.64 -31.75
CA PRO H 161 15.33 -15.70 -32.24
C PRO H 161 16.00 -17.07 -32.29
N GLU H 162 17.30 -17.14 -32.58
CA GLU H 162 17.98 -18.43 -32.63
C GLU H 162 18.04 -19.08 -31.25
N LYS H 163 18.40 -18.30 -30.22
CA LYS H 163 18.50 -18.86 -28.87
C LYS H 163 17.12 -19.18 -28.31
N TYR H 164 16.18 -18.25 -28.44
CA TYR H 164 14.82 -18.43 -27.94
C TYR H 164 13.90 -18.98 -29.02
N GLU H 165 14.29 -20.09 -29.64
CA GLU H 165 13.50 -20.67 -30.72
C GLU H 165 12.48 -21.67 -30.20
N GLU H 166 12.90 -22.56 -29.31
CA GLU H 166 11.98 -23.55 -28.78
C GLU H 166 10.86 -22.91 -27.96
N LEU H 167 11.20 -21.90 -27.16
CA LEU H 167 10.19 -21.21 -26.36
C LEU H 167 9.24 -20.42 -27.24
N LEU H 168 9.75 -19.78 -28.29
CA LEU H 168 8.89 -18.99 -29.17
C LEU H 168 7.86 -19.87 -29.87
N GLN H 169 8.25 -21.07 -30.28
CA GLN H 169 7.32 -21.97 -30.94
C GLN H 169 6.17 -22.35 -30.00
N LEU H 170 6.49 -22.62 -28.73
CA LEU H 170 5.46 -22.99 -27.77
C LEU H 170 4.49 -21.84 -27.53
N ILE H 171 5.02 -20.63 -27.34
CA ILE H 171 4.17 -19.49 -27.03
C ILE H 171 3.26 -19.15 -28.21
N LYS H 172 3.80 -19.24 -29.44
CA LYS H 172 2.98 -19.00 -30.62
C LYS H 172 1.87 -20.03 -30.73
N LYS H 173 2.18 -21.30 -30.48
CA LYS H 173 1.15 -22.34 -30.56
C LYS H 173 0.07 -22.12 -29.51
N PHE H 174 0.46 -21.78 -28.29
CA PHE H 174 -0.52 -21.50 -27.25
C PHE H 174 -1.32 -20.24 -27.58
N ARG H 175 -0.67 -19.22 -28.12
CA ARG H 175 -1.38 -17.99 -28.47
C ARG H 175 -2.44 -18.25 -29.53
N ASP H 176 -2.14 -19.14 -30.49
CA ASP H 176 -3.13 -19.50 -31.50
C ASP H 176 -4.31 -20.23 -30.86
N GLU H 177 -4.04 -21.14 -29.92
CA GLU H 177 -5.12 -21.90 -29.29
C GLU H 177 -6.00 -21.04 -28.40
N GLU H 178 -5.49 -19.93 -27.88
CA GLU H 178 -6.29 -19.02 -27.06
C GLU H 178 -7.32 -18.25 -27.88
N LEU H 179 -7.36 -18.44 -29.19
CA LEU H 179 -8.22 -17.63 -30.05
C LEU H 179 -9.08 -18.41 -31.03
N GLU H 180 -8.92 -19.73 -31.14
CA GLU H 180 -9.63 -20.46 -32.20
C GLU H 180 -11.09 -20.70 -31.82
N HIS H 181 -11.32 -21.58 -30.85
CA HIS H 181 -12.62 -21.82 -30.22
C HIS H 181 -13.81 -21.80 -31.19
N HIS H 182 -13.61 -22.30 -32.40
CA HIS H 182 -14.69 -22.28 -33.39
C HIS H 182 -15.52 -23.56 -33.39
N ASP H 183 -14.91 -24.69 -33.03
CA ASP H 183 -15.66 -25.94 -32.92
C ASP H 183 -16.63 -25.93 -31.74
N ILE H 184 -16.52 -24.96 -30.84
CA ILE H 184 -17.40 -24.84 -29.69
C ILE H 184 -18.32 -23.64 -29.78
N GLY H 185 -18.30 -22.92 -30.90
CA GLY H 185 -19.18 -21.77 -31.08
C GLY H 185 -18.77 -20.52 -30.34
N LEU H 186 -17.58 -20.49 -29.76
CA LEU H 186 -17.10 -19.34 -29.00
C LEU H 186 -16.29 -18.46 -29.92
N ASP H 187 -16.92 -17.41 -30.44
CA ASP H 187 -16.25 -16.47 -31.34
C ASP H 187 -15.87 -15.21 -30.56
N HIS H 188 -14.60 -14.85 -30.62
CA HIS H 188 -14.12 -13.65 -29.93
C HIS H 188 -14.61 -12.37 -30.57
N ASP H 189 -15.15 -12.44 -31.78
CA ASP H 189 -15.70 -11.27 -32.49
C ASP H 189 -17.22 -11.45 -32.54
N ALA H 190 -17.89 -11.01 -31.48
CA ALA H 190 -19.33 -11.11 -31.38
C ALA H 190 -19.87 -9.84 -30.72
N GLU H 191 -20.98 -9.34 -31.23
CA GLU H 191 -21.56 -8.09 -30.74
C GLU H 191 -22.23 -8.35 -29.40
N LEU H 192 -21.50 -8.09 -28.32
CA LEU H 192 -22.07 -8.22 -26.99
C LEU H 192 -22.93 -7.00 -26.67
N ALA H 193 -23.72 -7.12 -25.60
CA ALA H 193 -24.49 -6.00 -25.12
C ALA H 193 -23.55 -4.90 -24.63
N PRO H 194 -23.98 -3.64 -24.69
CA PRO H 194 -23.10 -2.56 -24.23
C PRO H 194 -22.69 -2.72 -22.77
N ALA H 195 -23.55 -3.29 -21.93
CA ALA H 195 -23.19 -3.53 -20.54
C ALA H 195 -22.26 -4.73 -20.39
N TYR H 196 -22.41 -5.75 -21.23
CA TYR H 196 -21.50 -6.89 -21.16
C TYR H 196 -20.12 -6.55 -21.72
N ALA H 197 -20.02 -5.56 -22.59
CA ALA H 197 -18.71 -5.12 -23.05
C ALA H 197 -17.95 -4.40 -21.95
N VAL H 198 -18.65 -3.70 -21.07
CA VAL H 198 -17.99 -3.06 -19.93
C VAL H 198 -17.54 -4.11 -18.93
N LEU H 199 -18.39 -5.11 -18.66
CA LEU H 199 -18.02 -6.18 -17.75
C LEU H 199 -16.80 -6.94 -18.25
N LYS H 200 -16.76 -7.20 -19.56
CA LYS H 200 -15.60 -7.86 -20.15
C LYS H 200 -14.34 -7.01 -19.99
N SER H 201 -14.48 -5.69 -20.13
CA SER H 201 -13.32 -4.81 -19.99
C SER H 201 -12.83 -4.74 -18.56
N ILE H 202 -13.75 -4.75 -17.58
CA ILE H 202 -13.35 -4.74 -16.18
C ILE H 202 -12.60 -6.01 -15.82
N ILE H 203 -13.10 -7.16 -16.28
CA ILE H 203 -12.39 -8.41 -16.05
C ILE H 203 -11.03 -8.39 -16.74
N GLN H 204 -10.98 -7.89 -17.97
CA GLN H 204 -9.72 -7.82 -18.70
C GLN H 204 -8.73 -6.87 -18.03
N ALA H 205 -9.23 -5.77 -17.47
CA ALA H 205 -8.37 -4.86 -16.73
C ALA H 205 -7.80 -5.52 -15.47
N GLY H 206 -8.65 -6.28 -14.77
CA GLY H 206 -8.17 -6.96 -13.57
C GLY H 206 -7.12 -8.01 -13.85
N CYS H 207 -7.26 -8.72 -14.99
CA CYS H 207 -6.25 -9.70 -15.37
C CYS H 207 -4.92 -9.03 -15.68
N ARG H 208 -4.95 -7.83 -16.26
CA ARG H 208 -3.71 -7.11 -16.55
C ARG H 208 -2.99 -6.72 -15.27
N VAL H 209 -3.74 -6.33 -14.23
CA VAL H 209 -3.14 -6.03 -12.94
C VAL H 209 -2.51 -7.28 -12.34
N ALA H 210 -3.21 -8.41 -12.42
CA ALA H 210 -2.67 -9.66 -11.90
C ALA H 210 -1.43 -10.09 -12.66
N ILE H 211 -1.41 -9.90 -13.97
CA ILE H 211 -0.23 -10.22 -14.77
C ILE H 211 0.94 -9.34 -14.34
N TYR H 212 0.68 -8.05 -14.11
CA TYR H 212 1.73 -7.13 -13.68
C TYR H 212 2.32 -7.56 -12.34
N LEU H 213 1.47 -7.94 -11.38
CA LEU H 213 1.95 -8.31 -10.06
C LEU H 213 2.68 -9.64 -10.07
N SER H 214 2.27 -10.57 -10.91
CA SER H 214 2.80 -11.93 -10.84
C SER H 214 4.21 -12.03 -11.41
N GLU H 215 4.56 -11.21 -12.42
CA GLU H 215 5.88 -11.30 -12.99
C GLU H 215 6.95 -10.71 -12.09
N ARG H 216 6.56 -9.90 -11.10
CA ARG H 216 7.47 -9.37 -10.11
C ARG H 216 7.41 -10.14 -8.80
N LEU H 217 6.21 -10.38 -8.29
CA LEU H 217 6.04 -11.14 -7.06
C LEU H 217 5.66 -12.58 -7.36
C11 PEV I . -7.20 -15.57 5.90
C12 PEV I . -5.69 -15.56 5.81
C13 PEV I . -5.14 -16.69 5.00
C14 PEV I . -5.83 -18.01 5.30
C15 PEV I . -4.89 -19.19 5.34
C16 PEV I . -5.39 -20.40 4.60
C17 PEV I . -4.33 -21.43 4.29
C18 PEV I . -4.86 -22.70 3.67
C19 PEV I . -6.37 -22.85 3.74
C36 PEV J . -9.98 -11.56 3.58
C35 PEV J . -10.97 -11.77 4.68
C34 PEV J . -12.07 -12.75 4.36
C33 PEV J . -13.28 -12.65 5.27
C32 PEV J . -13.43 -11.29 5.86
C31 PEV J . -14.76 -11.04 6.49
O31 PEV J . -15.17 -11.66 7.44
O2 PEV J . -15.48 -10.09 5.89
C2 PEV J . -15.04 -8.71 6.03
C1 PEV J . -16.02 -7.96 6.90
O3P PEV J . -16.80 -7.09 6.06
P PEV J . -17.70 -5.93 6.74
O1P PEV J . -17.22 -4.61 6.24
O2P PEV J . -19.15 -6.32 6.56
O4P PEV J . -17.33 -6.07 8.29
C3 PEV J . -14.90 -8.10 4.65
O3 PEV J . -13.93 -7.03 4.71
C11 PEV J . -14.13 -6.01 3.88
O11 PEV J . -15.00 -5.19 4.03
C12 PEV J . -13.11 -6.00 2.77
C13 PEV J . -13.71 -6.14 1.40
C14 PEV J . -14.05 -7.58 1.06
C15 PEV J . -13.05 -8.24 0.13
C16 PEV J . -12.06 -9.13 0.83
C15 PEV K . -9.35 -15.18 1.31
C16 PEV K . -10.45 -14.53 0.52
C17 PEV K . -9.98 -13.68 -0.64
C18 PEV K . -10.96 -12.62 -1.06
C19 PEV K . -12.36 -13.12 -1.28
C20 PEV K . -13.22 -12.22 -2.15
C21 PEV K . -14.25 -12.96 -2.97
C22 PEV K . -14.88 -14.13 -2.26
C23 PEV K . -16.26 -14.47 -2.74
C24 PEV K . -17.38 -13.94 -1.87
C15 PEV L . 7.69 -14.93 1.02
C16 PEV L . 6.72 -15.96 1.53
C17 PEV L . 7.29 -16.86 2.61
C18 PEV L . 6.25 -17.59 3.42
C19 PEV L . 6.50 -19.07 3.54
C20 PEV L . 5.65 -19.75 4.59
C21 PEV L . 6.44 -20.47 5.66
C22 PEV L . 5.60 -21.29 6.60
C35 PEV M . 13.02 -11.94 0.86
C34 PEV M . 13.52 -11.45 -0.48
C33 PEV M . 15.02 -11.64 -0.69
C32 PEV M . 15.60 -10.61 -1.60
C31 PEV M . 15.92 -9.31 -0.91
O31 PEV M . 15.89 -9.13 0.28
O2 PEV M . 16.24 -8.32 -1.76
C2 PEV M . 15.16 -7.59 -2.42
C1 PEV M . 15.46 -7.52 -3.90
O3P PEV M . 16.76 -8.11 -4.15
P PEV M . 18.02 -7.16 -4.39
O1P PEV M . 19.01 -7.41 -3.28
O2P PEV M . 17.49 -5.77 -4.60
O4P PEV M . 18.63 -7.71 -5.76
C3 PEV M . 15.00 -6.24 -1.77
O3 PEV M . 13.67 -6.15 -1.21
C11 PEV M . 13.51 -6.59 0.03
O11 PEV M . 12.90 -7.59 0.30
C12 PEV M . 14.21 -5.70 1.02
C13 PEV M . 14.72 -6.43 2.22
C14 PEV M . 14.19 -5.87 3.52
C15 PEV M . 13.34 -6.83 4.31
C16 PEV M . 12.37 -6.16 5.25
C1 8PP N . 6.39 -6.05 18.51
C2 8PP N . 6.12 -7.20 17.75
C3 8PP N . 4.78 -7.56 17.57
C4 8PP N . 3.75 -6.82 18.12
O 8PP N . 7.68 -5.66 18.71
C5 8PP N . 4.04 -5.69 18.86
C6 8PP N . 5.35 -5.30 19.06
C7 8PP N . 7.24 -8.00 17.15
C8 8PP N . 7.62 -7.59 15.76
C9 8PP N . 8.51 -6.68 15.41
C10 8PP N . 9.89 -6.65 15.98
C11 8PP N . 8.19 -5.60 14.42
C12 8PP N . 8.27 -4.20 15.00
C13 8PP N . 9.28 -3.34 14.29
C14 8PP N . 10.36 -2.77 14.81
C15 8PP N . 10.70 -2.78 16.26
C16 8PP N . 11.34 -2.03 13.94
C17 8PP N . 12.73 -1.96 14.54
C18 8PP N . 13.58 -0.88 13.93
C19 8PP N . 14.64 -1.03 13.16
C20 8PP N . 14.60 -1.53 11.75
C21 8PP N . 16.02 -0.68 13.65
C22 8PP N . 17.10 -1.47 12.96
C23 8PP N . 18.40 -1.50 13.72
C24 8PP N . 18.83 -2.43 14.58
C25 8PP N . 18.09 -2.83 15.80
C26 8PP N . 20.15 -3.13 14.37
C27 8PP N . 20.27 -3.90 13.07
C28 8PP N . 19.38 -5.11 13.03
C29 8PP N . 18.25 -5.28 12.34
C30 8PP N . 18.00 -4.71 10.98
C31 8PP N . 17.10 -6.06 12.92
C32 8PP N . 15.80 -5.30 12.83
C33 8PP N . 14.65 -6.15 12.40
C34 8PP N . 13.44 -5.75 12.03
C35 8PP N . 13.12 -5.26 10.65
C36 8PP N . 12.28 -5.76 12.98
C36 PEV O . 0.73 20.80 9.70
C35 PEV O . -0.55 21.20 9.01
C34 PEV O . -0.84 20.39 7.78
C33 PEV O . -0.81 18.89 8.00
C32 PEV O . -2.00 18.20 7.41
C31 PEV O . -3.06 17.86 8.42
O31 PEV O . -3.86 18.64 8.86
O2 PEV O . -3.03 16.59 8.81
C2 PEV O . -4.32 15.92 8.96
C1 PEV O . -4.34 15.13 10.26
O3P PEV O . -5.67 15.26 10.83
P PEV O . -5.85 16.06 12.21
O1P PEV O . -7.12 15.58 12.87
O2P PEV O . -4.54 15.97 12.93
O4P PEV O . -6.08 17.57 11.74
C4 PEV O . -7.28 18.28 12.18
C5 PEV O . -6.94 19.69 12.56
N6 PEV O . -8.10 20.57 12.49
C3 PEV O . -4.56 15.06 7.75
O3 PEV O . -4.53 13.67 8.14
C11 PEV O . -5.18 12.82 7.35
O11 PEV O . -5.94 12.00 7.76
C12 PEV O . -4.84 13.05 5.90
C13 PEV O . -3.65 12.28 5.44
C14 PEV O . -2.68 13.13 4.63
C15 PEV O . -1.63 13.83 5.45
C18 PEV P . 2.44 24.15 -0.02
C19 PEV P . 1.70 23.08 0.76
C20 PEV P . 1.38 21.85 -0.04
C21 PEV P . 0.14 21.12 0.41
C22 PEV P . 0.37 19.68 0.78
C23 PEV P . -0.19 19.30 2.14
C24 PEV P . -0.86 17.95 2.17
C25 PEV P . -0.82 17.30 3.52
C26 PEV P . 0.45 17.59 4.28
C36 PEV Q . 5.66 10.58 10.05
C35 PEV Q . 4.22 10.55 10.49
C34 PEV Q . 3.96 9.72 11.73
C33 PEV Q . 2.51 9.36 11.96
C32 PEV Q . 1.56 10.36 11.37
C31 PEV Q . 1.10 11.40 12.34
O31 PEV Q . 1.79 12.29 12.77
O2 PEV Q . -0.18 11.28 12.68
C2 PEV Q . -0.64 11.99 13.88
C1 PEV Q . -1.38 11.02 14.77
O3P PEV Q . -0.77 11.02 16.08
P PEV Q . -1.67 11.32 17.37
O1P PEV Q . -2.34 10.04 17.78
O2P PEV Q . -0.82 12.07 18.37
O4P PEV Q . -2.80 12.32 16.81
C3 PEV Q . -1.46 13.19 13.47
O3 PEV Q . -0.57 14.32 13.30
C11 PEV Q . -0.90 15.18 12.34
O11 PEV Q . -1.55 16.16 12.54
C12 PEV Q . -0.35 14.77 11.01
C13 PEV Q . 0.32 15.88 10.27
C14 PEV Q . 1.00 15.40 9.00
C15 PEV Q . 1.11 13.90 8.89
C17 PEV R . 3.53 14.84 4.82
C18 PEV R . 4.17 16.06 5.45
C19 PEV R . 4.82 15.80 6.78
C20 PEV R . 5.68 14.56 6.82
C21 PEV R . 6.14 14.18 8.20
C22 PEV R . 7.34 14.95 8.70
C23 PEV R . 8.29 14.14 9.54
C24 PEV R . 8.85 14.88 10.73
C25 PEV R . 8.51 16.35 10.76
C26 PEV R . 8.42 16.92 12.14
C39 PEV S . 1.48 1.18 8.44
C38 PEV S . 0.12 1.81 8.60
C37 PEV S . 0.05 2.88 9.64
C36 PEV S . 0.84 2.58 10.90
C35 PEV S . 0.87 3.71 11.90
C34 PEV S . -0.12 4.81 11.62
C33 PEV S . -0.78 5.39 12.87
C32 PEV S . 0.20 6.03 13.79
C31 PEV S . 0.24 5.41 15.16
O31 PEV S . -0.01 4.25 15.40
O2 PEV S . 0.59 6.26 16.12
C2 PEV S . 1.45 5.77 17.19
C1 PEV S . 0.89 6.26 18.50
O3P PEV S . 1.90 7.05 19.19
P PEV S . 1.59 8.58 19.56
O1P PEV S . 2.85 9.38 19.34
O2P PEV S . 0.90 8.61 20.90
O4P PEV S . 0.52 9.00 18.44
C3 PEV S . 2.86 6.24 16.94
O3 PEV S . 3.46 5.44 15.90
C11 PEV S . 4.71 5.76 15.59
O11 PEV S . 5.59 5.85 16.40
C12 PEV S . 4.87 6.00 14.11
C13 PEV S . 6.29 5.86 13.64
C14 PEV S . 6.64 6.83 12.55
C15 PEV S . 7.18 8.16 13.03
C16 PEV S . 8.35 8.70 12.25
C17 PEV S . 9.48 7.72 12.08
C17 PEV T . -3.53 20.56 -11.40
C18 PEV T . -3.22 20.55 -9.93
C19 PEV T . -2.12 19.60 -9.53
C20 PEV T . -2.15 18.28 -10.25
C21 PEV T . -0.87 17.48 -10.14
C22 PEV T . -0.94 16.11 -10.76
C23 PEV T . -0.25 15.03 -9.96
C24 PEV T . 0.08 13.79 -10.75
C36 PEV U . -3.85 2.78 -12.96
C35 PEV U . -4.14 3.22 -14.38
C34 PEV U . -3.50 4.52 -14.77
C33 PEV U . -2.47 4.40 -15.88
C32 PEV U . -1.10 4.17 -15.36
C31 PEV U . -0.43 2.95 -15.94
O31 PEV U . -0.93 1.85 -15.97
O2 PEV U . 0.79 3.20 -16.43
C2 PEV U . 0.90 3.75 -17.78
C1 PEV U . 1.27 2.68 -18.77
O3P PEV U . 0.49 2.87 -19.98
P PEV U . 0.80 1.95 -21.26
O1P PEV U . 1.88 0.97 -20.86
O2P PEV U . -0.51 1.44 -21.80
O4P PEV U . 1.41 2.98 -22.32
C3 PEV U . 1.82 4.94 -17.77
O3 PEV U . 1.29 5.94 -18.67
C11 PEV U . 0.21 6.60 -18.26
O11 PEV U . -0.91 6.23 -18.51
C12 PEV U . 0.55 7.86 -17.53
C13 PEV U . -0.04 7.93 -16.16
C14 PEV U . -1.27 8.82 -16.10
C15 PEV U . -1.62 9.30 -14.72
C16 PEV U . -1.99 8.20 -13.75
C16 PEV V . -4.87 12.91 -12.58
C17 PEV V . -5.40 11.71 -11.83
C18 PEV V . -5.84 10.57 -12.71
C19 PEV V . -6.28 9.34 -11.94
C20 PEV V . -6.63 8.16 -12.83
C21 PEV V . -7.51 8.50 -13.99
C22 PEV V . -8.54 7.45 -14.31
C23 PEV V . -9.42 7.78 -15.49
C24 PEV V . -8.92 8.95 -16.31
C25 PEV V . -9.82 9.32 -17.45
C26 PEV V . -9.10 9.45 -18.78
C13 PEV W . 6.35 23.14 -6.46
C14 PEV W . 5.27 22.94 -5.42
C15 PEV W . 5.53 21.78 -4.48
C16 PEV W . 4.29 21.01 -4.08
C17 PEV W . 2.99 21.73 -4.37
C18 PEV W . 1.76 20.90 -4.09
C19 PEV W . 2.06 19.50 -3.64
C20 PEV W . 0.91 18.82 -2.93
C21 PEV W . 1.17 17.38 -2.59
C22 PEV W . 1.64 16.56 -3.75
C23 PEV W . 1.84 15.09 -3.45
C24 PEV W . 2.47 14.31 -4.57
C25 PEV W . 3.30 13.14 -4.11
C26 PEV W . 4.43 13.52 -3.19
C35 PEV X . 6.52 19.87 9.92
C34 PEV X . 7.72 19.96 9.03
C33 PEV X . 9.01 20.34 9.73
C32 PEV X . 9.86 21.27 8.93
C31 PEV X . 10.19 20.75 7.56
O31 PEV X . 10.87 19.77 7.34
O2 PEV X . 9.67 21.50 6.57
C2 PEV X . 10.58 22.12 5.64
C1 PEV X . 10.77 23.58 6.03
O3P PEV X . 11.86 24.14 5.24
P PEV X . 11.65 25.54 4.51
O1P PEV X . 10.35 26.11 5.00
O2P PEV X . 12.92 26.34 4.63
O4P PEV X . 11.45 25.11 2.97
C3 PEV X . 10.04 21.95 4.24
O3 PEV X . 8.95 22.86 4.06
C11 PEV X . 8.00 22.45 3.23
O11 PEV X . 8.23 21.76 2.28
C12 PEV X . 6.65 22.96 3.62
C13 PEV X . 5.79 21.92 4.28
C14 PEV X . 6.17 21.66 5.73
C15 PEV X . 5.00 21.33 6.61
C16 PEV X . 4.25 20.09 6.20
C17 PEV X . 3.36 19.54 7.28
C36 PEV Y . 1.56 9.99 -11.99
C35 PEV Y . 2.49 9.67 -10.85
C34 PEV Y . 3.76 9.00 -11.26
C33 PEV Y . 4.11 9.17 -12.73
C32 PEV Y . 4.42 7.89 -13.40
C31 PEV Y . 4.08 7.89 -14.87
O31 PEV Y . 3.42 7.06 -15.43
O2 PEV Y . 4.60 8.94 -15.52
C2 PEV Y . 3.88 9.46 -16.67
C1 PEV Y . 4.71 9.23 -17.92
O3P PEV Y . 5.23 10.50 -18.39
P PEV Y . 6.64 10.54 -19.15
O1P PEV Y . 7.67 9.88 -18.28
O2P PEV Y . 6.44 10.05 -20.56
O4P PEV Y . 6.96 12.11 -19.22
C4 PEV Y . 7.01 12.77 -20.51
C5 PEV Y . 8.44 13.10 -20.85
N6 PEV Y . 9.03 14.03 -19.90
C3 PEV Y . 3.56 10.92 -16.43
O3 PEV Y . 2.56 11.03 -15.40
C11 PEV Y . 1.51 11.79 -15.69
O11 PEV Y . 0.71 11.51 -16.54
C12 PEV Y . 1.46 13.02 -14.84
C13 PEV Y . 1.41 14.29 -15.64
C14 PEV Y . 0.15 15.08 -15.37
C15 PEV Y . -1.06 14.62 -16.14
C16 PEV Y . -0.93 14.76 -17.64
C1 8PP Z . 17.79 11.68 -0.43
C2 8PP Z . 16.49 12.11 -0.18
C3 8PP Z . 15.51 11.82 -1.12
C4 8PP Z . 15.80 11.13 -2.29
O 8PP Z . 18.79 11.93 0.47
C5 8PP Z . 17.09 10.71 -2.52
C6 8PP Z . 18.09 10.98 -1.60
C7 8PP Z . 16.15 12.86 1.09
C8 8PP Z . 16.20 12.04 2.35
C9 8PP Z . 15.25 11.26 2.85
C10 8PP Z . 13.92 11.05 2.18
C11 8PP Z . 15.45 10.52 4.14
C12 8PP Z . 15.86 9.07 3.94
C13 8PP Z . 16.41 8.47 5.20
C14 8PP Z . 15.76 8.08 6.29
C15 8PP Z . 14.40 7.44 6.26
C16 8PP Z . 16.34 8.26 7.66
C17 8PP Z . 15.78 7.32 8.71
C18 8PP Z . 16.25 7.66 10.09
C19 8PP Z . 15.52 7.78 11.19
C20 8PP Z . 14.19 7.13 11.39
C21 8PP Z . 16.02 8.59 12.36
C22 8PP Z . 17.12 9.56 11.98
C23 8PP Z . 17.38 10.59 13.05
C24 8PP Z . 16.64 11.64 13.36
C25 8PP Z . 16.32 12.05 14.77
C26 8PP Z . 16.06 12.52 12.29
C27 8PP Z . 14.66 13.01 12.61
C28 8PP Z . 13.66 12.58 11.58
C29 8PP Z . 12.94 11.46 11.57
C30 8PP Z . 12.38 10.82 12.79
C31 8PP Z . 12.63 10.75 10.27
C32 8PP Z . 13.69 10.95 9.21
C33 8PP Z . 13.18 11.66 7.99
C34 8PP Z . 13.05 11.19 6.76
C39 PEV AA . 8.20 1.13 -0.42
C38 PEV AA . 8.02 0.14 -1.54
C37 PEV AA . 9.29 -0.43 -2.09
C36 PEV AA . 10.53 0.34 -1.69
C35 PEV AA . 11.82 -0.45 -1.74
C34 PEV AA . 11.81 -1.69 -0.89
C33 PEV AA . 12.34 -2.93 -1.59
C32 PEV AA . 12.64 -2.70 -3.04
C31 PEV AA . 14.08 -2.93 -3.38
O31 PEV AA . 14.50 -3.30 -4.46
O2 PEV AA . 14.89 -2.70 -2.33
C2 PEV AA . 16.18 -2.10 -2.58
C1 PEV AA . 17.21 -3.17 -2.32
O3P PEV AA . 18.42 -2.89 -3.06
P PEV AA . 19.85 -3.15 -2.38
O1P PEV AA . 20.25 -4.58 -2.67
O2P PEV AA . 19.76 -2.68 -0.95
O4P PEV AA . 20.83 -2.17 -3.18
C3 PEV AA . 16.32 -0.90 -1.67
O3 PEV AA . 15.62 -1.16 -0.44
C11 PEV AA . 16.35 -1.26 0.66
O11 PEV AA . 17.52 -0.98 0.70
C12 PEV AA . 15.56 -1.77 1.83
C13 PEV AA . 16.32 -1.75 3.12
C14 PEV AA . 15.42 -1.86 4.33
C15 PEV AA . 15.79 -2.98 5.28
C16 PEV AA . 15.48 -2.68 6.74
C17 PEV AA . 15.75 -3.84 7.66
C15 PEV BA . 6.08 21.46 -0.61
C16 PEV BA . 5.17 21.14 0.55
C17 PEV BA . 4.61 19.74 0.53
C18 PEV BA . 4.11 19.25 1.86
C19 PEV BA . 3.93 17.75 1.92
C20 PEV BA . 3.62 17.12 0.60
C21 PEV BA . 4.12 15.70 0.46
C22 PEV BA . 3.03 14.66 0.53
PA NAD CA . 10.52 -3.84 -10.19
O1A NAD CA . 9.31 -3.32 -9.48
O2A NAD CA . 10.48 -5.22 -10.74
O5B NAD CA . 11.80 -3.68 -9.23
C5B NAD CA . 12.25 -4.85 -8.48
C4B NAD CA . 13.52 -5.37 -9.11
O4B NAD CA . 14.53 -4.34 -9.08
C3B NAD CA . 14.15 -6.60 -8.44
O3B NAD CA . 14.64 -7.53 -9.40
C2B NAD CA . 15.28 -6.00 -7.61
O2B NAD CA . 16.33 -6.91 -7.37
C1B NAD CA . 15.72 -4.84 -8.50
N9A NAD CA . 16.38 -3.77 -7.79
C8A NAD CA . 15.83 -2.55 -7.45
N7A NAD CA . 16.66 -1.77 -6.81
C5A NAD CA . 17.83 -2.50 -6.73
C6A NAD CA . 19.09 -2.21 -6.16
N6A NAD CA . 19.38 -1.06 -5.55
N1A NAD CA . 20.05 -3.16 -6.25
C2A NAD CA . 19.74 -4.31 -6.85
N3A NAD CA . 18.61 -4.69 -7.42
C4A NAD CA . 17.67 -3.73 -7.33
O3 NAD CA . 10.91 -2.81 -11.36
PN NAD CA . 10.63 -2.78 -12.94
O1N NAD CA . 11.32 -1.58 -13.51
O2N NAD CA . 10.94 -4.12 -13.51
O5D NAD CA . 9.04 -2.55 -12.95
C5D NAD CA . 8.50 -1.26 -12.54
C4D NAD CA . 8.26 -0.41 -13.76
O4D NAD CA . 7.08 -0.87 -14.43
C3D NAD CA . 8.04 1.09 -13.51
O3D NAD CA . 9.17 1.85 -13.91
C2D NAD CA . 6.79 1.41 -14.34
O2D NAD CA . 6.98 2.58 -15.13
C1D NAD CA . 6.55 0.19 -15.21
N1N NAD CA . 5.10 -0.07 -15.45
C2N NAD CA . 4.72 -0.96 -16.42
C3N NAD CA . 3.38 -0.97 -16.83
C7N NAD CA . 2.93 -2.05 -17.78
O7N NAD CA . 2.57 -3.13 -17.33
N7N NAD CA . 2.93 -1.76 -19.08
C4N NAD CA . 2.53 0.01 -16.35
C5N NAD CA . 2.88 0.69 -15.21
C6N NAD CA . 4.17 0.60 -14.75
C36 PEV DA . -6.05 -10.12 6.05
C35 PEV DA . -6.69 -11.49 6.08
C34 PEV DA . -7.57 -11.74 7.27
C33 PEV DA . -7.81 -10.50 8.12
C32 PEV DA . -8.75 -10.76 9.25
C31 PEV DA . -10.13 -10.19 9.01
O31 PEV DA . -10.48 -9.62 8.01
O2 PEV DA . -10.95 -10.40 10.05
C2 PEV DA . -12.33 -10.75 9.76
C1 PEV DA . -13.22 -10.02 10.75
O3P PEV DA . -13.85 -11.01 11.61
P PEV DA . -13.87 -10.77 13.19
O1P PEV DA . -12.84 -9.73 13.53
O2P PEV DA . -15.31 -10.57 13.61
O4P PEV DA . -13.37 -12.17 13.79
C4 PEV DA . -13.98 -13.40 13.32
C5 PEV DA . -14.53 -14.18 14.49
N6 PEV DA . -13.63 -14.14 15.65
C3 PEV DA . -12.49 -12.25 9.83
O3 PEV DA . -11.94 -12.85 8.64
C11 PEV DA . -11.03 -13.79 8.86
O11 PEV DA . -10.44 -13.90 9.90
C12 PEV DA . -10.85 -14.68 7.66
C13 PEV DA . -10.40 -16.06 8.02
C14 PEV DA . -11.50 -17.09 7.82
C15 PEV DA . -12.09 -17.12 6.43
C16 PEV DA . -13.46 -17.72 6.35
C36 PEV EA . 18.40 -13.40 8.60
C35 PEV EA . 17.05 -13.97 8.23
C34 PEV EA . 16.08 -14.05 9.37
C33 PEV EA . 16.72 -14.26 10.73
C32 PEV EA . 16.22 -15.49 11.42
C31 PEV EA . 14.79 -15.37 11.88
O31 PEV EA . 14.30 -14.38 12.35
O2 PEV EA . 14.10 -16.50 11.72
C2 PEV EA . 13.41 -17.05 12.87
C1 PEV EA . 14.12 -18.31 13.31
O3P PEV EA . 13.74 -18.62 14.68
P PEV EA . 13.36 -20.14 15.06
O1P PEV EA . 13.74 -21.01 13.89
O2P PEV EA . 13.90 -20.42 16.42
O4P PEV EA . 11.76 -20.11 15.14
C3 PEV EA . 11.96 -17.27 12.51
O3 PEV EA . 11.75 -18.67 12.22
C11 PEV EA . 11.03 -18.95 11.14
O11 PEV EA . 10.23 -19.86 11.09
C12 PEV EA . 11.32 -18.00 10.02
C13 PEV EA . 11.17 -18.58 8.65
C14 PEV EA . 11.93 -17.77 7.62
C15 PEV EA . 13.05 -16.94 8.21
C16 PEV EA . 14.30 -16.91 7.38
C17 PEV EA . 14.21 -16.04 6.15
C14 PEV FA . 16.14 -9.94 8.51
C15 PEV FA . 14.70 -10.37 8.40
C16 PEV FA . 14.05 -10.00 7.11
C17 PEV FA . 12.54 -10.01 7.14
C18 PEV FA . 11.91 -11.15 6.39
C19 PEV FA . 10.43 -11.33 6.68
C20 PEV FA . 9.85 -12.60 6.10
C21 PEV FA . 10.83 -13.73 5.95
C12 PEV GA . 4.32 -18.98 12.55
C13 PEV GA . 4.14 -19.69 11.24
C14 PEV GA . 2.68 -19.71 10.79
C15 PEV GA . 2.48 -20.21 9.39
C16 PEV GA . 2.34 -19.12 8.35
C17 PEV GA . 1.88 -19.61 7.00
C18 PEV GA . 1.99 -18.59 5.91
C19 PEV GA . 2.91 -17.43 6.23
C20 PEV GA . 2.65 -16.19 5.42
C21 PEV GA . 1.29 -15.57 5.66
C22 PEV GA . 1.34 -14.18 6.22
C23 PEV GA . -0.01 -13.62 6.59
C24 PEV GA . -0.06 -12.11 6.64
C14 PEV HA . 5.34 -13.10 4.95
C15 PEV HA . 5.24 -13.04 6.46
C16 PEV HA . 6.35 -13.76 7.19
C17 PEV HA . 6.21 -15.26 7.21
C18 PEV HA . 7.46 -16.00 6.86
C19 PEV HA . 7.68 -17.25 7.65
C20 PEV HA . 6.67 -17.48 8.75
C21 PEV HA . 7.26 -17.96 10.05
PA NAD IA . -9.17 2.86 11.80
O1A NAD IA . -8.80 1.74 10.88
O2A NAD IA . -10.28 3.78 11.40
O5B NAD IA . -7.86 3.72 12.15
C5B NAD IA . -7.88 5.14 11.85
C4B NAD IA . -8.15 5.91 13.13
O4B NAD IA . -7.24 5.43 14.16
C3B NAD IA . -7.95 7.43 13.06
O3B NAD IA . -9.03 8.12 13.66
C2B NAD IA . -6.64 7.66 13.81
O2B NAD IA . -6.58 8.93 14.42
C1B NAD IA . -6.70 6.54 14.85
N9A NAD IA . -5.39 6.16 15.38
C8A NAD IA . -4.18 6.69 15.05
N7A NAD IA . -3.17 6.16 15.70
C5A NAD IA . -3.77 5.22 16.53
C6A NAD IA . -3.24 4.32 17.47
N6A NAD IA . -1.94 4.22 17.74
N1A NAD IA . -4.11 3.51 18.12
C2A NAD IA . -5.41 3.61 17.84
N3A NAD IA . -6.03 4.42 16.98
C4A NAD IA . -5.14 5.20 16.35
O3 NAD IA . -9.50 2.23 13.24
PN NAD IA . -10.41 2.69 14.48
O1N NAD IA . -9.65 2.50 15.74
O2N NAD IA . -10.96 4.05 14.21
O5D NAD IA . -11.60 1.62 14.40
C5D NAD IA . -12.65 1.83 13.43
C4D NAD IA . -12.93 0.53 12.71
O4D NAD IA . -14.31 0.51 12.30
C3D NAD IA . -12.12 0.28 11.43
O3D NAD IA . -10.89 -0.36 11.71
C2D NAD IA . -13.08 -0.59 10.59
O2D NAD IA . -12.73 -1.96 10.66
C1D NAD IA . -14.47 -0.34 11.17
N1N NAD IA . -15.36 0.35 10.18
C2N NAD IA . -15.50 -0.14 8.91
C3N NAD IA . -16.27 0.56 7.99
C7N NAD IA . -16.67 -0.11 6.70
O7N NAD IA . -16.48 -1.32 6.56
N7N NAD IA . -17.21 0.65 5.76
C4N NAD IA . -16.65 1.85 8.30
C5N NAD IA . -16.62 2.28 9.60
C6N NAD IA . -16.03 1.46 10.55
C36 PEV JA . -12.21 12.08 -20.32
C35 PEV JA . -12.91 13.29 -19.74
C34 PEV JA . -12.62 13.53 -18.27
C33 PEV JA . -11.14 13.58 -17.93
C32 PEV JA . -10.89 14.18 -16.58
C31 PEV JA . -11.17 15.65 -16.51
O31 PEV JA . -10.67 16.46 -17.25
O2 PEV JA . -12.07 15.97 -15.56
C2 PEV JA . -11.67 16.90 -14.50
C1 PEV JA . -11.77 18.34 -14.94
O3P PEV JA . -13.16 18.68 -15.23
P PEV JA . -13.59 20.22 -15.27
O1P PEV JA . -13.46 20.76 -13.87
O2P PEV JA . -14.91 20.33 -15.99
O4P PEV JA . -12.45 20.90 -16.17
C3 PEV JA . -10.32 16.52 -13.96
O3 PEV JA . -9.69 17.67 -13.37
C11 PEV JA . -8.37 17.68 -13.39
O11 PEV JA . -7.71 18.47 -12.77
C12 PEV JA . -7.85 16.58 -14.27
C13 PEV JA . -6.35 16.49 -14.30
C14 PEV JA . -5.87 15.68 -15.48
C15 PEV JA . -6.73 14.50 -15.82
C16 PEV JA . -6.35 13.79 -17.10
C17 PEV JA . -7.28 12.67 -17.48
C1 8PP KA . -17.84 9.03 -4.68
C2 8PP KA . -16.79 9.94 -4.82
C3 8PP KA . -16.25 10.50 -3.66
C4 8PP KA . -16.74 10.15 -2.41
O 8PP KA . -18.39 8.47 -5.80
C5 8PP KA . -17.77 9.25 -2.29
C6 8PP KA . -18.32 8.69 -3.43
C7 8PP KA . -16.27 10.31 -6.18
C8 8PP KA . -15.12 9.45 -6.63
C9 8PP KA . -15.19 8.32 -7.32
C10 8PP KA . -16.05 8.16 -8.53
C11 8PP KA . -14.40 7.11 -6.91
C12 8PP KA . -15.26 5.90 -6.59
C13 8PP KA . -15.00 4.74 -7.49
C14 8PP KA . -15.87 4.12 -8.28
C15 8PP KA . -17.34 4.43 -8.31
C16 8PP KA . -15.44 3.04 -9.24
C17 8PP KA . -16.43 2.83 -10.38
C18 8PP KA . -16.26 1.50 -11.06
C19 8PP KA . -16.12 1.26 -12.36
C20 8PP KA . -14.89 0.64 -12.95
C21 8PP KA . -17.20 1.59 -13.33
C22 8PP KA . -16.73 1.65 -14.78
C23 8PP KA . -17.58 2.55 -15.63
C24 8PP KA . -17.20 3.38 -16.60
C25 8PP KA . -17.30 3.06 -18.05
C26 8PP KA . -16.61 4.72 -16.28
C27 8PP KA . -15.21 4.92 -16.81
C28 8PP KA . -14.33 5.67 -15.87
C29 8PP KA . -13.70 5.22 -14.79
C30 8PP KA . -13.13 3.83 -14.69
C31 8PP KA . -13.50 6.08 -13.58
C32 8PP KA . -13.86 5.37 -12.29
C33 8PP KA . -13.82 6.26 -11.10
C38 PEV LA . -15.07 -7.71 -6.14
C37 PEV LA . -15.21 -6.68 -5.03
C36 PEV LA . -14.93 -7.23 -3.65
C35 PEV LA . -15.51 -6.40 -2.53
C34 PEV LA . -15.08 -4.95 -2.56
C33 PEV LA . -16.13 -3.99 -2.02
C32 PEV LA . -15.64 -3.24 -0.82
C31 PEV LA . -16.71 -2.38 -0.20
O31 PEV LA . -17.88 -2.60 -0.28
O2 PEV LA . -16.21 -1.32 0.47
C2 PEV LA . -15.89 -1.49 1.87
C1 PEV LA . -16.98 -0.87 2.70
O3P PEV LA . -17.57 -1.90 3.55
P PEV LA . -19.16 -2.07 3.54
O1P PEV LA . -19.77 -0.70 3.45
O2P PEV LA . -19.51 -3.12 2.52
O4P PEV LA . -19.46 -2.68 5.01
C3 PEV LA . -14.52 -0.93 2.17
O3 PEV LA . -14.36 -0.83 3.60
C11 PEV LA . -13.55 -1.72 4.17
O11 PEV LA . -13.74 -2.18 5.26
C12 PEV LA . -12.39 -2.05 3.27
C13 PEV LA . -11.07 -1.96 3.96
C14 PEV LA . -10.04 -1.19 3.14
C15 PEV LA . -10.61 -0.52 1.92
C16 PEV LA . -9.76 0.59 1.37
C17 PEV LA . -8.29 0.45 1.68
C13 PEV MA . -9.36 20.14 -7.03
C14 PEV MA . -8.28 20.54 -6.04
C15 PEV MA . -6.89 20.60 -6.64
C16 PEV MA . -5.78 20.67 -5.62
C17 PEV MA . -4.42 20.30 -6.16
C18 PEV MA . -3.79 19.10 -5.50
C19 PEV MA . -2.29 19.15 -5.44
C20 PEV MA . -1.62 17.93 -6.02
C21 PEV MA . -2.48 16.70 -6.04
C22 PEV MA . -1.72 15.41 -5.87
C23 PEV MA . -2.07 14.64 -4.62
C24 PEV MA . -3.15 15.27 -3.78
C25 PEV MA . -3.71 14.38 -2.70
C26 PEV MA . -2.87 14.36 -1.45
C18 PEV NA . -7.26 17.85 -9.47
C19 PEV NA . -5.90 17.35 -9.06
C20 PEV NA . -5.49 16.05 -9.72
C21 PEV NA . -4.71 15.12 -8.84
C22 PEV NA . -5.45 13.88 -8.42
C23 PEV NA . -4.97 13.30 -7.12
C24 PEV NA . -4.08 12.09 -7.27
C36 PEV OA . -14.98 -17.65 0.14
C35 PEV OA . -14.49 -18.20 -1.17
C34 PEV OA . -15.57 -18.65 -2.11
C33 PEV OA . -15.07 -19.22 -3.43
C32 PEV OA . -13.86 -20.07 -3.25
C31 PEV OA . -14.18 -21.50 -2.91
O31 PEV OA . -15.27 -22.01 -3.00
O2 PEV OA . -13.11 -22.18 -2.49
C2 PEV OA . -12.24 -22.77 -3.50
C1 PEV OA . -12.41 -24.27 -3.45
O3P PEV OA . -12.49 -24.81 -4.79
P PEV OA . -11.89 -26.26 -5.09
O1P PEV OA . -10.99 -26.63 -3.93
O2P PEV OA . -11.34 -26.28 -6.48
O4P PEV OA . -13.17 -27.23 -5.05
C3 PEV OA . -10.82 -22.31 -3.22
O3 PEV OA . -10.03 -23.45 -2.83
C11 PEV OA . -9.49 -23.40 -1.60
O11 PEV OA . -9.11 -24.37 -1.02
C12 PEV OA . -9.44 -21.99 -1.08
C13 PEV OA . -9.40 -21.92 0.41
C14 PEV OA . -9.92 -20.60 0.96
C15 PEV OA . -11.31 -20.26 0.51
C16 PEV OA . -12.17 -19.69 1.59
C17 PEV OA . -11.62 -18.44 2.23
C35 PEV PA . 8.01 -12.33 -2.21
C34 PEV PA . 8.51 -12.85 -3.53
C33 PEV PA . 9.50 -11.93 -4.23
C32 PEV PA . 10.71 -11.66 -3.37
C31 PEV PA . 12.01 -11.96 -4.06
O31 PEV PA . 12.87 -11.14 -4.27
O2 PEV PA . 12.13 -13.24 -4.44
C2 PEV PA . 13.26 -14.00 -3.91
C1 PEV PA . 14.30 -14.16 -5.01
O3P PEV PA . 13.62 -14.23 -6.28
P PEV PA . 14.35 -14.93 -7.53
O1P PEV PA . 15.77 -14.41 -7.59
O2P PEV PA . 13.45 -14.81 -8.72
O4P PEV PA . 14.41 -16.48 -7.10
C4 PEV PA . 15.19 -17.41 -7.91
C5 PEV PA . 15.06 -18.81 -7.38
N6 PEV PA . 14.46 -19.72 -8.36
C3 PEV PA . 12.77 -15.32 -3.36
O3 PEV PA . 11.45 -15.14 -2.83
C11 PEV PA . 11.35 -15.20 -1.51
O11 PEV PA . 10.96 -14.28 -0.83
C12 PEV PA . 11.77 -16.54 -0.97
C13 PEV PA . 11.18 -16.87 0.35
C14 PEV PA . 11.80 -18.11 0.97
C15 PEV PA . 13.31 -18.11 0.96
C16 PEV PA . 13.94 -17.76 2.28
C1 8PP QA . -5.76 -14.16 -13.75
C2 8PP QA . -5.41 -14.72 -12.53
C3 8PP QA . -4.05 -14.82 -12.22
C4 8PP QA . -3.07 -14.37 -13.09
O 8PP QA . -7.07 -14.05 -14.09
C5 8PP QA . -3.44 -13.82 -14.29
C6 8PP QA . -4.78 -13.71 -14.63
C7 8PP QA . -6.46 -15.21 -11.57
C8 8PP QA . -6.94 -14.16 -10.61
C9 8PP QA . -8.03 -13.41 -10.73
C10 8PP QA . -9.31 -13.96 -11.28
C11 8PP QA . -8.07 -11.98 -10.30
C12 8PP QA . -7.82 -10.98 -11.41
C13 8PP QA . -9.06 -10.54 -12.13
C14 8PP QA . -10.01 -9.71 -11.71
C15 8PP QA . -9.85 -8.75 -10.56
C16 8PP QA . -11.35 -9.67 -12.39
C17 8PP QA . -12.21 -8.50 -11.91
C18 8PP QA . -13.65 -8.66 -12.29
C19 8PP QA . -14.73 -8.27 -11.60
C20 8PP QA . -14.69 -7.84 -10.17
C21 8PP QA . -16.07 -8.21 -12.25
C22 8PP QA . -17.22 -8.43 -11.29
C23 8PP QA . -18.08 -9.61 -11.66
C24 8PP QA . -18.72 -10.44 -10.85
C25 8PP QA . -19.99 -11.14 -11.22
C26 8PP QA . -18.21 -10.73 -9.47
C27 8PP QA . -17.35 -11.98 -9.41
C28 8PP QA . -15.98 -11.70 -8.87
C29 8PP QA . -15.44 -12.13 -7.74
C30 8PP QA . -16.25 -12.69 -6.60
C31 8PP QA . -13.96 -12.10 -7.51
C32 8PP QA . -13.21 -11.25 -8.52
C33 8PP QA . -11.84 -11.77 -8.80
C39 PEV RA . -3.10 -3.96 -6.50
C38 PEV RA . -2.41 -2.99 -7.42
C37 PEV RA . -0.95 -2.77 -7.09
C36 PEV RA . -0.12 -2.28 -8.25
C35 PEV RA . -0.52 -2.86 -9.59
C34 PEV RA . -0.44 -1.88 -10.74
C33 PEV RA . -1.15 -2.35 -11.99
C32 PEV RA . -1.37 -1.24 -12.97
C31 PEV RA . -0.48 -1.34 -14.17
O31 PEV RA . 0.67 -1.62 -14.14
O2 PEV RA . -1.14 -1.09 -15.32
C2 PEV RA . -0.88 -1.97 -16.45
C1 PEV RA . -0.80 -1.14 -17.71
O3P PEV RA . -0.12 -1.88 -18.74
P PEV RA . -0.91 -2.24 -20.09
O1P PEV RA . -1.15 -3.73 -20.10
O2P PEV RA . -2.06 -1.29 -20.24
O4P PEV RA . 0.17 -1.90 -21.23
C3 PEV RA . -1.97 -3.02 -16.49
O3 PEV RA . -3.15 -2.50 -15.85
C11 PEV RA . -4.18 -2.25 -16.64
O11 PEV RA . -4.11 -2.24 -17.85
C12 PEV RA . -5.43 -1.98 -15.85
C13 PEV RA . -5.29 -0.85 -14.88
C14 PEV RA . -6.62 -0.30 -14.43
C15 PEV RA . -7.11 0.87 -15.24
C16 PEV RA . -8.47 1.39 -14.83
C17 PEV RA . -8.43 2.72 -14.12
C16 PEV SA . -4.36 -14.25 1.49
C17 PEV SA . -4.30 -14.87 0.12
C18 PEV SA . -5.36 -15.90 -0.14
C19 PEV SA . -5.14 -17.22 0.57
C20 PEV SA . -6.41 -17.87 1.05
C21 PEV SA . -6.38 -19.38 1.04
C22 PEV SA . -5.65 -19.97 -0.14
C12 PEV TA . -3.10 -22.78 -1.94
C13 PEV TA . -1.89 -22.68 -1.06
C14 PEV TA . -2.24 -22.31 0.36
C15 PEV TA . -1.25 -21.36 1.01
C16 PEV TA . -0.83 -21.77 2.40
C17 PEV TA . -0.61 -20.61 3.34
C18 PEV TA . -0.84 -19.26 2.71
C19 PEV TA . -1.24 -18.19 3.68
C20 PEV TA . -1.53 -16.86 3.04
C21 PEV TA . -0.94 -16.70 1.66
C22 PEV TA . 0.09 -15.60 1.55
C23 PEV TA . 0.40 -15.18 0.13
C24 PEV TA . 1.48 -14.13 0.01
#